data_1QRW
# 
_entry.id   1QRW 
# 
_audit_conform.dict_name       mmcif_pdbx.dic 
_audit_conform.dict_version    5.398 
_audit_conform.dict_location   http://mmcif.pdb.org/dictionaries/ascii/mmcif_pdbx.dic 
# 
loop_
_database_2.database_id 
_database_2.database_code 
_database_2.pdbx_database_accession 
_database_2.pdbx_DOI 
PDB   1QRW         pdb_00001qrw 10.2210/pdb1qrw/pdb 
RCSB  RCSB009191   ?            ?                   
WWPDB D_1000009191 ?            ?                   
# 
loop_
_pdbx_audit_revision_history.ordinal 
_pdbx_audit_revision_history.data_content_type 
_pdbx_audit_revision_history.major_revision 
_pdbx_audit_revision_history.minor_revision 
_pdbx_audit_revision_history.revision_date 
1 'Structure model' 1 0 1999-06-18 
2 'Structure model' 1 1 2008-04-27 
3 'Structure model' 1 2 2011-07-13 
4 'Structure model' 1 3 2011-11-16 
5 'Structure model' 1 4 2021-11-03 
6 'Structure model' 1 5 2024-10-30 
# 
_pdbx_audit_revision_details.ordinal             1 
_pdbx_audit_revision_details.revision_ordinal    1 
_pdbx_audit_revision_details.data_content_type   'Structure model' 
_pdbx_audit_revision_details.provider            repository 
_pdbx_audit_revision_details.type                'Initial release' 
_pdbx_audit_revision_details.description         ? 
_pdbx_audit_revision_details.details             ? 
# 
loop_
_pdbx_audit_revision_group.ordinal 
_pdbx_audit_revision_group.revision_ordinal 
_pdbx_audit_revision_group.data_content_type 
_pdbx_audit_revision_group.group 
1 2 'Structure model' 'Version format compliance' 
2 3 'Structure model' 'Non-polymer description'   
3 3 'Structure model' 'Version format compliance' 
4 4 'Structure model' 'Atomic model'              
5 5 'Structure model' 'Database references'       
6 5 'Structure model' 'Derived calculations'      
7 6 'Structure model' 'Data collection'           
8 6 'Structure model' 'Structure summary'         
# 
loop_
_pdbx_audit_revision_category.ordinal 
_pdbx_audit_revision_category.revision_ordinal 
_pdbx_audit_revision_category.data_content_type 
_pdbx_audit_revision_category.category 
1 5 'Structure model' database_2                
2 5 'Structure model' struct_ref_seq_dif        
3 5 'Structure model' struct_site               
4 6 'Structure model' chem_comp_atom            
5 6 'Structure model' chem_comp_bond            
6 6 'Structure model' pdbx_entry_details        
7 6 'Structure model' pdbx_modification_feature 
# 
loop_
_pdbx_audit_revision_item.ordinal 
_pdbx_audit_revision_item.revision_ordinal 
_pdbx_audit_revision_item.data_content_type 
_pdbx_audit_revision_item.item 
1 5 'Structure model' '_database_2.pdbx_DOI'                
2 5 'Structure model' '_database_2.pdbx_database_accession' 
3 5 'Structure model' '_struct_ref_seq_dif.details'         
4 5 'Structure model' '_struct_site.pdbx_auth_asym_id'      
5 5 'Structure model' '_struct_site.pdbx_auth_comp_id'      
6 5 'Structure model' '_struct_site.pdbx_auth_seq_id'       
# 
_pdbx_database_status.status_code                     REL 
_pdbx_database_status.entry_id                        1QRW 
_pdbx_database_status.recvd_initial_deposition_date   1999-06-16 
_pdbx_database_status.deposit_site                    RCSB 
_pdbx_database_status.process_site                    RCSB 
_pdbx_database_status.SG_entry                        . 
_pdbx_database_status.pdb_format_compatible           Y 
_pdbx_database_status.status_code_mr                  ? 
_pdbx_database_status.status_code_sf                  ? 
_pdbx_database_status.status_code_cs                  ? 
_pdbx_database_status.status_code_nmr_data            ? 
_pdbx_database_status.methods_development_category    ? 
# 
_pdbx_database_related.db_name        PDB 
_pdbx_database_related.db_id          1QQ4 
_pdbx_database_related.details        'THE STRUCTURE OF THE SAME MUTANT DETERMINED AT PH 5.14' 
_pdbx_database_related.content_type   unspecified 
# 
loop_
_audit_author.name 
_audit_author.pdbx_ordinal 
'Derman, A.I.' 1 
'Mau, T.'      2 
'Agard, D.A.'  3 
# 
_citation.id                        primary 
_citation.title                     
'A Genetic Screen That Targets Specifically the Folding Transition State of Alpha-Lytic Protease' 
_citation.journal_abbrev            'To be Published' 
_citation.journal_volume            ? 
_citation.page_first                ? 
_citation.page_last                 ? 
_citation.year                      1999 
_citation.journal_id_ASTM           ? 
_citation.country                   ? 
_citation.journal_id_ISSN           ? 
_citation.journal_id_CSD            0353 
_citation.book_publisher            ? 
_citation.pdbx_database_id_PubMed   ? 
_citation.pdbx_database_id_DOI      ? 
# 
loop_
_citation_author.citation_id 
_citation_author.name 
_citation_author.ordinal 
_citation_author.identifier_ORCID 
primary 'Derman, A.I.' 1 ? 
primary 'Mau, T.'      2 ? 
primary 'Agard, D.A.'  3 ? 
# 
loop_
_entity.id 
_entity.type 
_entity.src_method 
_entity.pdbx_description 
_entity.formula_weight 
_entity.pdbx_number_of_molecules 
_entity.pdbx_ec 
_entity.pdbx_mutation 
_entity.pdbx_fragment 
_entity.details 
1 polymer     man 'ALHPA-LYTIC PROTEASE' 19886.109 1   3.4.21.12 R102H,G134S 'MATURE PROTEASE DOMAIN, RESIDUES 1-198' ? 
2 non-polymer syn 'SULFATE ION'          96.063    4   ?         ?           ?                                        ? 
3 non-polymer syn GLYCEROL               92.094    2   ?         ?           ?                                        ? 
4 water       nat water                  18.015    225 ?         ?           ?                                        ? 
# 
_entity_name_sys.entity_id   1 
_entity_name_sys.name        'E.C. 3.4.21.12' 
# 
_entity_poly.entity_id                      1 
_entity_poly.type                           'polypeptide(L)' 
_entity_poly.nstd_linkage                   no 
_entity_poly.nstd_monomer                   no 
_entity_poly.pdbx_seq_one_letter_code       
;ANIVGGIEYSINNASLCSVGFSVTRGATKGFVTAGHCGTVNATARIGGAVVGTFAARVFPGNDRAWVSLTSAQTLLPRVA
NGSSFVTVRGSTEAAVGAAVCHSGRTTGYQCGTITAKNVTANYAEGAVRGLTQSNACMGRGDSGGSWITSAGQAQGVMSG
GNVQSNGNNCGIPASQRSSLFERLQPILSQYGLSLVTG
;
_entity_poly.pdbx_seq_one_letter_code_can   
;ANIVGGIEYSINNASLCSVGFSVTRGATKGFVTAGHCGTVNATARIGGAVVGTFAARVFPGNDRAWVSLTSAQTLLPRVA
NGSSFVTVRGSTEAAVGAAVCHSGRTTGYQCGTITAKNVTANYAEGAVRGLTQSNACMGRGDSGGSWITSAGQAQGVMSG
GNVQSNGNNCGIPASQRSSLFERLQPILSQYGLSLVTG
;
_entity_poly.pdbx_strand_id                 A 
_entity_poly.pdbx_target_identifier         ? 
# 
loop_
_pdbx_entity_nonpoly.entity_id 
_pdbx_entity_nonpoly.name 
_pdbx_entity_nonpoly.comp_id 
2 'SULFATE ION' SO4 
3 GLYCEROL      GOL 
4 water         HOH 
# 
loop_
_entity_poly_seq.entity_id 
_entity_poly_seq.num 
_entity_poly_seq.mon_id 
_entity_poly_seq.hetero 
1 1   ALA n 
1 2   ASN n 
1 3   ILE n 
1 4   VAL n 
1 5   GLY n 
1 6   GLY n 
1 7   ILE n 
1 8   GLU n 
1 9   TYR n 
1 10  SER n 
1 11  ILE n 
1 12  ASN n 
1 13  ASN n 
1 14  ALA n 
1 15  SER n 
1 16  LEU n 
1 17  CYS n 
1 18  SER n 
1 19  VAL n 
1 20  GLY n 
1 21  PHE n 
1 22  SER n 
1 23  VAL n 
1 24  THR n 
1 25  ARG n 
1 26  GLY n 
1 27  ALA n 
1 28  THR n 
1 29  LYS n 
1 30  GLY n 
1 31  PHE n 
1 32  VAL n 
1 33  THR n 
1 34  ALA n 
1 35  GLY n 
1 36  HIS n 
1 37  CYS n 
1 38  GLY n 
1 39  THR n 
1 40  VAL n 
1 41  ASN n 
1 42  ALA n 
1 43  THR n 
1 44  ALA n 
1 45  ARG n 
1 46  ILE n 
1 47  GLY n 
1 48  GLY n 
1 49  ALA n 
1 50  VAL n 
1 51  VAL n 
1 52  GLY n 
1 53  THR n 
1 54  PHE n 
1 55  ALA n 
1 56  ALA n 
1 57  ARG n 
1 58  VAL n 
1 59  PHE n 
1 60  PRO n 
1 61  GLY n 
1 62  ASN n 
1 63  ASP n 
1 64  ARG n 
1 65  ALA n 
1 66  TRP n 
1 67  VAL n 
1 68  SER n 
1 69  LEU n 
1 70  THR n 
1 71  SER n 
1 72  ALA n 
1 73  GLN n 
1 74  THR n 
1 75  LEU n 
1 76  LEU n 
1 77  PRO n 
1 78  ARG n 
1 79  VAL n 
1 80  ALA n 
1 81  ASN n 
1 82  GLY n 
1 83  SER n 
1 84  SER n 
1 85  PHE n 
1 86  VAL n 
1 87  THR n 
1 88  VAL n 
1 89  ARG n 
1 90  GLY n 
1 91  SER n 
1 92  THR n 
1 93  GLU n 
1 94  ALA n 
1 95  ALA n 
1 96  VAL n 
1 97  GLY n 
1 98  ALA n 
1 99  ALA n 
1 100 VAL n 
1 101 CYS n 
1 102 HIS n 
1 103 SER n 
1 104 GLY n 
1 105 ARG n 
1 106 THR n 
1 107 THR n 
1 108 GLY n 
1 109 TYR n 
1 110 GLN n 
1 111 CYS n 
1 112 GLY n 
1 113 THR n 
1 114 ILE n 
1 115 THR n 
1 116 ALA n 
1 117 LYS n 
1 118 ASN n 
1 119 VAL n 
1 120 THR n 
1 121 ALA n 
1 122 ASN n 
1 123 TYR n 
1 124 ALA n 
1 125 GLU n 
1 126 GLY n 
1 127 ALA n 
1 128 VAL n 
1 129 ARG n 
1 130 GLY n 
1 131 LEU n 
1 132 THR n 
1 133 GLN n 
1 134 SER n 
1 135 ASN n 
1 136 ALA n 
1 137 CYS n 
1 138 MET n 
1 139 GLY n 
1 140 ARG n 
1 141 GLY n 
1 142 ASP n 
1 143 SER n 
1 144 GLY n 
1 145 GLY n 
1 146 SER n 
1 147 TRP n 
1 148 ILE n 
1 149 THR n 
1 150 SER n 
1 151 ALA n 
1 152 GLY n 
1 153 GLN n 
1 154 ALA n 
1 155 GLN n 
1 156 GLY n 
1 157 VAL n 
1 158 MET n 
1 159 SER n 
1 160 GLY n 
1 161 GLY n 
1 162 ASN n 
1 163 VAL n 
1 164 GLN n 
1 165 SER n 
1 166 ASN n 
1 167 GLY n 
1 168 ASN n 
1 169 ASN n 
1 170 CYS n 
1 171 GLY n 
1 172 ILE n 
1 173 PRO n 
1 174 ALA n 
1 175 SER n 
1 176 GLN n 
1 177 ARG n 
1 178 SER n 
1 179 SER n 
1 180 LEU n 
1 181 PHE n 
1 182 GLU n 
1 183 ARG n 
1 184 LEU n 
1 185 GLN n 
1 186 PRO n 
1 187 ILE n 
1 188 LEU n 
1 189 SER n 
1 190 GLN n 
1 191 TYR n 
1 192 GLY n 
1 193 LEU n 
1 194 SER n 
1 195 LEU n 
1 196 VAL n 
1 197 THR n 
1 198 GLY n 
# 
_entity_src_gen.entity_id                          1 
_entity_src_gen.pdbx_src_id                        1 
_entity_src_gen.pdbx_alt_source_flag               sample 
_entity_src_gen.pdbx_seq_type                      ? 
_entity_src_gen.pdbx_beg_seq_num                   ? 
_entity_src_gen.pdbx_end_seq_num                   ? 
_entity_src_gen.gene_src_common_name               ? 
_entity_src_gen.gene_src_genus                     Lysobacter 
_entity_src_gen.pdbx_gene_src_gene                 ? 
_entity_src_gen.gene_src_species                   ? 
_entity_src_gen.gene_src_strain                    ? 
_entity_src_gen.gene_src_tissue                    ? 
_entity_src_gen.gene_src_tissue_fraction           ? 
_entity_src_gen.gene_src_details                   ? 
_entity_src_gen.pdbx_gene_src_fragment             ? 
_entity_src_gen.pdbx_gene_src_scientific_name      'Lysobacter enzymogenes' 
_entity_src_gen.pdbx_gene_src_ncbi_taxonomy_id     69 
_entity_src_gen.pdbx_gene_src_variant              ? 
_entity_src_gen.pdbx_gene_src_cell_line            ? 
_entity_src_gen.pdbx_gene_src_atcc                 ? 
_entity_src_gen.pdbx_gene_src_organ                ? 
_entity_src_gen.pdbx_gene_src_organelle            ? 
_entity_src_gen.pdbx_gene_src_cell                 ? 
_entity_src_gen.pdbx_gene_src_cellular_location    ? 
_entity_src_gen.host_org_common_name               ? 
_entity_src_gen.pdbx_host_org_scientific_name      'Escherichia coli' 
_entity_src_gen.pdbx_host_org_ncbi_taxonomy_id     562 
_entity_src_gen.host_org_genus                     Escherichia 
_entity_src_gen.pdbx_host_org_gene                 ? 
_entity_src_gen.pdbx_host_org_organ                ? 
_entity_src_gen.host_org_species                   ? 
_entity_src_gen.pdbx_host_org_tissue               ? 
_entity_src_gen.pdbx_host_org_tissue_fraction      ? 
_entity_src_gen.pdbx_host_org_strain               ? 
_entity_src_gen.pdbx_host_org_variant              ? 
_entity_src_gen.pdbx_host_org_cell_line            ? 
_entity_src_gen.pdbx_host_org_atcc                 ? 
_entity_src_gen.pdbx_host_org_culture_collection   ? 
_entity_src_gen.pdbx_host_org_cell                 ? 
_entity_src_gen.pdbx_host_org_organelle            ? 
_entity_src_gen.pdbx_host_org_cellular_location    ? 
_entity_src_gen.pdbx_host_org_vector_type          ? 
_entity_src_gen.pdbx_host_org_vector               PLASMID 
_entity_src_gen.host_org_details                   ? 
_entity_src_gen.expression_system_id               ? 
_entity_src_gen.plasmid_name                       PALP12 
_entity_src_gen.plasmid_details                    ? 
_entity_src_gen.pdbx_description                   ? 
# 
loop_
_chem_comp.id 
_chem_comp.type 
_chem_comp.mon_nstd_flag 
_chem_comp.name 
_chem_comp.pdbx_synonyms 
_chem_comp.formula 
_chem_comp.formula_weight 
ALA 'L-peptide linking' y ALANINE         ?                               'C3 H7 N O2'     89.093  
ARG 'L-peptide linking' y ARGININE        ?                               'C6 H15 N4 O2 1' 175.209 
ASN 'L-peptide linking' y ASPARAGINE      ?                               'C4 H8 N2 O3'    132.118 
ASP 'L-peptide linking' y 'ASPARTIC ACID' ?                               'C4 H7 N O4'     133.103 
CYS 'L-peptide linking' y CYSTEINE        ?                               'C3 H7 N O2 S'   121.158 
GLN 'L-peptide linking' y GLUTAMINE       ?                               'C5 H10 N2 O3'   146.144 
GLU 'L-peptide linking' y 'GLUTAMIC ACID' ?                               'C5 H9 N O4'     147.129 
GLY 'peptide linking'   y GLYCINE         ?                               'C2 H5 N O2'     75.067  
GOL non-polymer         . GLYCEROL        'GLYCERIN; PROPANE-1,2,3-TRIOL' 'C3 H8 O3'       92.094  
HIS 'L-peptide linking' y HISTIDINE       ?                               'C6 H10 N3 O2 1' 156.162 
HOH non-polymer         . WATER           ?                               'H2 O'           18.015  
ILE 'L-peptide linking' y ISOLEUCINE      ?                               'C6 H13 N O2'    131.173 
LEU 'L-peptide linking' y LEUCINE         ?                               'C6 H13 N O2'    131.173 
LYS 'L-peptide linking' y LYSINE          ?                               'C6 H15 N2 O2 1' 147.195 
MET 'L-peptide linking' y METHIONINE      ?                               'C5 H11 N O2 S'  149.211 
PHE 'L-peptide linking' y PHENYLALANINE   ?                               'C9 H11 N O2'    165.189 
PRO 'L-peptide linking' y PROLINE         ?                               'C5 H9 N O2'     115.130 
SER 'L-peptide linking' y SERINE          ?                               'C3 H7 N O3'     105.093 
SO4 non-polymer         . 'SULFATE ION'   ?                               'O4 S -2'        96.063  
THR 'L-peptide linking' y THREONINE       ?                               'C4 H9 N O3'     119.119 
TRP 'L-peptide linking' y TRYPTOPHAN      ?                               'C11 H12 N2 O2'  204.225 
TYR 'L-peptide linking' y TYROSINE        ?                               'C9 H11 N O3'    181.189 
VAL 'L-peptide linking' y VALINE          ?                               'C5 H11 N O2'    117.146 
# 
loop_
_pdbx_poly_seq_scheme.asym_id 
_pdbx_poly_seq_scheme.entity_id 
_pdbx_poly_seq_scheme.seq_id 
_pdbx_poly_seq_scheme.mon_id 
_pdbx_poly_seq_scheme.ndb_seq_num 
_pdbx_poly_seq_scheme.pdb_seq_num 
_pdbx_poly_seq_scheme.auth_seq_num 
_pdbx_poly_seq_scheme.pdb_mon_id 
_pdbx_poly_seq_scheme.auth_mon_id 
_pdbx_poly_seq_scheme.pdb_strand_id 
_pdbx_poly_seq_scheme.pdb_ins_code 
_pdbx_poly_seq_scheme.hetero 
A 1 1   ALA 1   1   1   ALA ALA A . n 
A 1 2   ASN 2   2   2   ASN ASN A . n 
A 1 3   ILE 3   3   3   ILE ILE A . n 
A 1 4   VAL 4   4   4   VAL VAL A . n 
A 1 5   GLY 5   5   5   GLY GLY A . n 
A 1 6   GLY 6   6   6   GLY GLY A . n 
A 1 7   ILE 7   7   7   ILE ILE A . n 
A 1 8   GLU 8   8   8   GLU GLU A . n 
A 1 9   TYR 9   9   9   TYR TYR A . n 
A 1 10  SER 10  10  10  SER SER A . n 
A 1 11  ILE 11  11  11  ILE ILE A . n 
A 1 12  ASN 12  12  12  ASN ASN A . n 
A 1 13  ASN 13  13  13  ASN ASN A . n 
A 1 14  ALA 14  14  14  ALA ALA A . n 
A 1 15  SER 15  15  15  SER SER A . n 
A 1 16  LEU 16  16  16  LEU LEU A . n 
A 1 17  CYS 17  17  17  CYS CYS A . n 
A 1 18  SER 18  18  18  SER SER A . n 
A 1 19  VAL 19  19  19  VAL VAL A . n 
A 1 20  GLY 20  20  20  GLY GLY A . n 
A 1 21  PHE 21  21  21  PHE PHE A . n 
A 1 22  SER 22  22  22  SER SER A . n 
A 1 23  VAL 23  23  23  VAL VAL A . n 
A 1 24  THR 24  24  24  THR THR A . n 
A 1 25  ARG 25  25  25  ARG ARG A . n 
A 1 26  GLY 26  26  26  GLY GLY A . n 
A 1 27  ALA 27  27  27  ALA ALA A . n 
A 1 28  THR 28  28  28  THR THR A . n 
A 1 29  LYS 29  29  29  LYS LYS A . n 
A 1 30  GLY 30  30  30  GLY GLY A . n 
A 1 31  PHE 31  31  31  PHE PHE A . n 
A 1 32  VAL 32  32  32  VAL VAL A . n 
A 1 33  THR 33  33  33  THR THR A . n 
A 1 34  ALA 34  34  34  ALA ALA A . n 
A 1 35  GLY 35  35  35  GLY GLY A . n 
A 1 36  HIS 36  36  36  HIS HIS A . n 
A 1 37  CYS 37  37  37  CYS CYS A . n 
A 1 38  GLY 38  38  38  GLY GLY A . n 
A 1 39  THR 39  39  39  THR THR A . n 
A 1 40  VAL 40  40  40  VAL VAL A . n 
A 1 41  ASN 41  41  41  ASN ASN A . n 
A 1 42  ALA 42  42  42  ALA ALA A . n 
A 1 43  THR 43  43  43  THR THR A . n 
A 1 44  ALA 44  44  44  ALA ALA A . n 
A 1 45  ARG 45  45  45  ARG ARG A . n 
A 1 46  ILE 46  46  46  ILE ILE A . n 
A 1 47  GLY 47  47  47  GLY GLY A . n 
A 1 48  GLY 48  48  48  GLY GLY A . n 
A 1 49  ALA 49  49  49  ALA ALA A . n 
A 1 50  VAL 50  50  50  VAL VAL A . n 
A 1 51  VAL 51  51  51  VAL VAL A . n 
A 1 52  GLY 52  52  52  GLY GLY A . n 
A 1 53  THR 53  53  53  THR THR A . n 
A 1 54  PHE 54  54  54  PHE PHE A . n 
A 1 55  ALA 55  55  55  ALA ALA A . n 
A 1 56  ALA 56  56  56  ALA ALA A . n 
A 1 57  ARG 57  57  57  ARG ARG A . n 
A 1 58  VAL 58  58  58  VAL VAL A . n 
A 1 59  PHE 59  59  59  PHE PHE A . n 
A 1 60  PRO 60  60  60  PRO PRO A . n 
A 1 61  GLY 61  61  61  GLY GLY A . n 
A 1 62  ASN 62  62  62  ASN ASN A . n 
A 1 63  ASP 63  63  63  ASP ASP A . n 
A 1 64  ARG 64  64  64  ARG ARG A . n 
A 1 65  ALA 65  65  65  ALA ALA A . n 
A 1 66  TRP 66  66  66  TRP TRP A . n 
A 1 67  VAL 67  67  67  VAL VAL A . n 
A 1 68  SER 68  68  68  SER SER A . n 
A 1 69  LEU 69  69  69  LEU LEU A . n 
A 1 70  THR 70  70  70  THR THR A . n 
A 1 71  SER 71  71  71  SER SER A . n 
A 1 72  ALA 72  72  72  ALA ALA A . n 
A 1 73  GLN 73  73  73  GLN GLN A . n 
A 1 74  THR 74  74  74  THR THR A . n 
A 1 75  LEU 75  75  75  LEU LEU A . n 
A 1 76  LEU 76  76  76  LEU LEU A . n 
A 1 77  PRO 77  77  77  PRO PRO A . n 
A 1 78  ARG 78  78  78  ARG ARG A . n 
A 1 79  VAL 79  79  79  VAL VAL A . n 
A 1 80  ALA 80  80  80  ALA ALA A . n 
A 1 81  ASN 81  81  81  ASN ASN A . n 
A 1 82  GLY 82  82  82  GLY GLY A . n 
A 1 83  SER 83  83  83  SER SER A . n 
A 1 84  SER 84  84  84  SER SER A . n 
A 1 85  PHE 85  85  85  PHE PHE A . n 
A 1 86  VAL 86  86  86  VAL VAL A . n 
A 1 87  THR 87  87  87  THR THR A . n 
A 1 88  VAL 88  88  88  VAL VAL A . n 
A 1 89  ARG 89  89  89  ARG ARG A . n 
A 1 90  GLY 90  90  90  GLY GLY A . n 
A 1 91  SER 91  91  91  SER SER A . n 
A 1 92  THR 92  92  92  THR THR A . n 
A 1 93  GLU 93  93  93  GLU GLU A . n 
A 1 94  ALA 94  94  94  ALA ALA A . n 
A 1 95  ALA 95  95  95  ALA ALA A . n 
A 1 96  VAL 96  96  96  VAL VAL A . n 
A 1 97  GLY 97  97  97  GLY GLY A . n 
A 1 98  ALA 98  98  98  ALA ALA A . n 
A 1 99  ALA 99  99  99  ALA ALA A . n 
A 1 100 VAL 100 100 100 VAL VAL A . n 
A 1 101 CYS 101 101 101 CYS CYS A . n 
A 1 102 HIS 102 102 102 HIS HIS A . n 
A 1 103 SER 103 103 103 SER SER A . n 
A 1 104 GLY 104 104 104 GLY GLY A . n 
A 1 105 ARG 105 105 105 ARG ARG A . n 
A 1 106 THR 106 106 106 THR THR A . n 
A 1 107 THR 107 107 107 THR THR A . n 
A 1 108 GLY 108 108 108 GLY GLY A . n 
A 1 109 TYR 109 109 109 TYR TYR A . n 
A 1 110 GLN 110 110 110 GLN GLN A . n 
A 1 111 CYS 111 111 111 CYS CYS A . n 
A 1 112 GLY 112 112 112 GLY GLY A . n 
A 1 113 THR 113 113 113 THR THR A . n 
A 1 114 ILE 114 114 114 ILE ILE A . n 
A 1 115 THR 115 115 115 THR THR A . n 
A 1 116 ALA 116 116 116 ALA ALA A . n 
A 1 117 LYS 117 117 117 LYS LYS A . n 
A 1 118 ASN 118 118 118 ASN ASN A . n 
A 1 119 VAL 119 119 119 VAL VAL A . n 
A 1 120 THR 120 120 120 THR THR A . n 
A 1 121 ALA 121 121 121 ALA ALA A . n 
A 1 122 ASN 122 122 122 ASN ASN A . n 
A 1 123 TYR 123 123 123 TYR TYR A . n 
A 1 124 ALA 124 124 124 ALA ALA A . n 
A 1 125 GLU 125 125 125 GLU GLU A . n 
A 1 126 GLY 126 126 126 GLY GLY A . n 
A 1 127 ALA 127 127 127 ALA ALA A . n 
A 1 128 VAL 128 128 128 VAL VAL A . n 
A 1 129 ARG 129 129 129 ARG ARG A . n 
A 1 130 GLY 130 130 130 GLY GLY A . n 
A 1 131 LEU 131 131 131 LEU LEU A . n 
A 1 132 THR 132 132 132 THR THR A . n 
A 1 133 GLN 133 133 133 GLN GLN A . n 
A 1 134 SER 134 134 134 SER SER A . n 
A 1 135 ASN 135 135 135 ASN ASN A . n 
A 1 136 ALA 136 136 136 ALA ALA A . n 
A 1 137 CYS 137 137 137 CYS CYS A . n 
A 1 138 MET 138 138 138 MET MET A . n 
A 1 139 GLY 139 139 139 GLY GLY A . n 
A 1 140 ARG 140 140 140 ARG ARG A . n 
A 1 141 GLY 141 141 141 GLY GLY A . n 
A 1 142 ASP 142 142 142 ASP ASP A . n 
A 1 143 SER 143 143 143 SER SER A . n 
A 1 144 GLY 144 144 144 GLY GLY A . n 
A 1 145 GLY 145 145 145 GLY GLY A . n 
A 1 146 SER 146 146 146 SER SER A . n 
A 1 147 TRP 147 147 147 TRP TRP A . n 
A 1 148 ILE 148 148 148 ILE ILE A . n 
A 1 149 THR 149 149 149 THR THR A . n 
A 1 150 SER 150 150 150 SER SER A . n 
A 1 151 ALA 151 151 151 ALA ALA A . n 
A 1 152 GLY 152 152 152 GLY GLY A . n 
A 1 153 GLN 153 153 153 GLN GLN A . n 
A 1 154 ALA 154 154 154 ALA ALA A . n 
A 1 155 GLN 155 155 155 GLN GLN A . n 
A 1 156 GLY 156 156 156 GLY GLY A . n 
A 1 157 VAL 157 157 157 VAL VAL A . n 
A 1 158 MET 158 158 158 MET MET A . n 
A 1 159 SER 159 159 159 SER SER A . n 
A 1 160 GLY 160 160 160 GLY GLY A . n 
A 1 161 GLY 161 161 161 GLY GLY A . n 
A 1 162 ASN 162 162 162 ASN ASN A . n 
A 1 163 VAL 163 163 163 VAL VAL A . n 
A 1 164 GLN 164 164 164 GLN GLN A . n 
A 1 165 SER 165 165 165 SER SER A . n 
A 1 166 ASN 166 166 166 ASN ASN A . n 
A 1 167 GLY 167 167 167 GLY GLY A . n 
A 1 168 ASN 168 168 168 ASN ASN A . n 
A 1 169 ASN 169 169 169 ASN ASN A . n 
A 1 170 CYS 170 170 170 CYS CYS A . n 
A 1 171 GLY 171 171 171 GLY GLY A . n 
A 1 172 ILE 172 172 172 ILE ILE A . n 
A 1 173 PRO 173 173 173 PRO PRO A . n 
A 1 174 ALA 174 174 174 ALA ALA A . n 
A 1 175 SER 175 175 175 SER SER A . n 
A 1 176 GLN 176 176 176 GLN GLN A . n 
A 1 177 ARG 177 177 177 ARG ARG A . n 
A 1 178 SER 178 178 178 SER SER A . n 
A 1 179 SER 179 179 179 SER SER A . n 
A 1 180 LEU 180 180 180 LEU LEU A . n 
A 1 181 PHE 181 181 181 PHE PHE A . n 
A 1 182 GLU 182 182 182 GLU GLU A . n 
A 1 183 ARG 183 183 183 ARG ARG A . n 
A 1 184 LEU 184 184 184 LEU LEU A . n 
A 1 185 GLN 185 185 185 GLN GLN A . n 
A 1 186 PRO 186 186 186 PRO PRO A . n 
A 1 187 ILE 187 187 187 ILE ILE A . n 
A 1 188 LEU 188 188 188 LEU LEU A . n 
A 1 189 SER 189 189 189 SER SER A . n 
A 1 190 GLN 190 190 190 GLN GLN A . n 
A 1 191 TYR 191 191 191 TYR TYR A . n 
A 1 192 GLY 192 192 192 GLY GLY A . n 
A 1 193 LEU 193 193 193 LEU LEU A . n 
A 1 194 SER 194 194 194 SER SER A . n 
A 1 195 LEU 195 195 195 LEU LEU A . n 
A 1 196 VAL 196 196 196 VAL VAL A . n 
A 1 197 THR 197 197 197 THR THR A . n 
A 1 198 GLY 198 198 198 GLY GLY A . n 
# 
loop_
_pdbx_nonpoly_scheme.asym_id 
_pdbx_nonpoly_scheme.entity_id 
_pdbx_nonpoly_scheme.mon_id 
_pdbx_nonpoly_scheme.ndb_seq_num 
_pdbx_nonpoly_scheme.pdb_seq_num 
_pdbx_nonpoly_scheme.auth_seq_num 
_pdbx_nonpoly_scheme.pdb_mon_id 
_pdbx_nonpoly_scheme.auth_mon_id 
_pdbx_nonpoly_scheme.pdb_strand_id 
_pdbx_nonpoly_scheme.pdb_ins_code 
B 2 SO4 1   203 203 SO4 SO4 A . 
C 2 SO4 1   204 204 SO4 SO4 A . 
D 2 SO4 1   205 205 SO4 SO4 A . 
E 2 SO4 1   206 206 SO4 SO4 A . 
F 3 GOL 1   201 201 GOL GOL A . 
G 3 GOL 1   202 202 GOL GOL A . 
H 4 HOH 1   207 207 HOH HOH A . 
H 4 HOH 2   208 208 HOH HOH A . 
H 4 HOH 3   209 209 HOH HOH A . 
H 4 HOH 4   210 210 HOH HOH A . 
H 4 HOH 5   211 211 HOH HOH A . 
H 4 HOH 6   212 212 HOH HOH A . 
H 4 HOH 7   213 213 HOH HOH A . 
H 4 HOH 8   214 214 HOH HOH A . 
H 4 HOH 9   215 215 HOH HOH A . 
H 4 HOH 10  216 216 HOH HOH A . 
H 4 HOH 11  217 217 HOH HOH A . 
H 4 HOH 12  218 218 HOH HOH A . 
H 4 HOH 13  219 219 HOH HOH A . 
H 4 HOH 14  220 220 HOH HOH A . 
H 4 HOH 15  221 221 HOH HOH A . 
H 4 HOH 16  222 222 HOH HOH A . 
H 4 HOH 17  223 223 HOH HOH A . 
H 4 HOH 18  224 224 HOH HOH A . 
H 4 HOH 19  225 225 HOH HOH A . 
H 4 HOH 20  226 226 HOH HOH A . 
H 4 HOH 21  227 227 HOH HOH A . 
H 4 HOH 22  228 228 HOH HOH A . 
H 4 HOH 23  229 229 HOH HOH A . 
H 4 HOH 24  230 230 HOH HOH A . 
H 4 HOH 25  231 231 HOH HOH A . 
H 4 HOH 26  232 232 HOH HOH A . 
H 4 HOH 27  233 233 HOH HOH A . 
H 4 HOH 28  234 234 HOH HOH A . 
H 4 HOH 29  235 235 HOH HOH A . 
H 4 HOH 30  236 236 HOH HOH A . 
H 4 HOH 31  237 237 HOH HOH A . 
H 4 HOH 32  238 238 HOH HOH A . 
H 4 HOH 33  239 239 HOH HOH A . 
H 4 HOH 34  240 240 HOH HOH A . 
H 4 HOH 35  241 241 HOH HOH A . 
H 4 HOH 36  242 242 HOH HOH A . 
H 4 HOH 37  243 243 HOH HOH A . 
H 4 HOH 38  244 244 HOH HOH A . 
H 4 HOH 39  245 245 HOH HOH A . 
H 4 HOH 40  246 246 HOH HOH A . 
H 4 HOH 41  247 247 HOH HOH A . 
H 4 HOH 42  248 248 HOH HOH A . 
H 4 HOH 43  249 249 HOH HOH A . 
H 4 HOH 44  250 250 HOH HOH A . 
H 4 HOH 45  251 251 HOH HOH A . 
H 4 HOH 46  252 252 HOH HOH A . 
H 4 HOH 47  253 253 HOH HOH A . 
H 4 HOH 48  254 254 HOH HOH A . 
H 4 HOH 49  255 255 HOH HOH A . 
H 4 HOH 50  256 256 HOH HOH A . 
H 4 HOH 51  257 257 HOH HOH A . 
H 4 HOH 52  258 258 HOH HOH A . 
H 4 HOH 53  259 259 HOH HOH A . 
H 4 HOH 54  260 260 HOH HOH A . 
H 4 HOH 55  261 261 HOH HOH A . 
H 4 HOH 56  262 262 HOH HOH A . 
H 4 HOH 57  263 263 HOH HOH A . 
H 4 HOH 58  264 264 HOH HOH A . 
H 4 HOH 59  265 265 HOH HOH A . 
H 4 HOH 60  266 266 HOH HOH A . 
H 4 HOH 61  267 267 HOH HOH A . 
H 4 HOH 62  268 268 HOH HOH A . 
H 4 HOH 63  269 269 HOH HOH A . 
H 4 HOH 64  270 270 HOH HOH A . 
H 4 HOH 65  271 271 HOH HOH A . 
H 4 HOH 66  272 272 HOH HOH A . 
H 4 HOH 67  273 273 HOH HOH A . 
H 4 HOH 68  274 274 HOH HOH A . 
H 4 HOH 69  275 275 HOH HOH A . 
H 4 HOH 70  276 276 HOH HOH A . 
H 4 HOH 71  277 277 HOH HOH A . 
H 4 HOH 72  278 278 HOH HOH A . 
H 4 HOH 73  279 279 HOH HOH A . 
H 4 HOH 74  280 280 HOH HOH A . 
H 4 HOH 75  281 281 HOH HOH A . 
H 4 HOH 76  282 282 HOH HOH A . 
H 4 HOH 77  283 283 HOH HOH A . 
H 4 HOH 78  284 284 HOH HOH A . 
H 4 HOH 79  285 285 HOH HOH A . 
H 4 HOH 80  286 286 HOH HOH A . 
H 4 HOH 81  287 287 HOH HOH A . 
H 4 HOH 82  288 288 HOH HOH A . 
H 4 HOH 83  289 289 HOH HOH A . 
H 4 HOH 84  290 290 HOH HOH A . 
H 4 HOH 85  291 291 HOH HOH A . 
H 4 HOH 86  292 292 HOH HOH A . 
H 4 HOH 87  293 293 HOH HOH A . 
H 4 HOH 88  294 294 HOH HOH A . 
H 4 HOH 89  295 295 HOH HOH A . 
H 4 HOH 90  296 296 HOH HOH A . 
H 4 HOH 91  297 297 HOH HOH A . 
H 4 HOH 92  298 298 HOH HOH A . 
H 4 HOH 93  299 299 HOH HOH A . 
H 4 HOH 94  300 300 HOH HOH A . 
H 4 HOH 95  301 301 HOH HOH A . 
H 4 HOH 96  302 302 HOH HOH A . 
H 4 HOH 97  303 303 HOH HOH A . 
H 4 HOH 98  304 304 HOH HOH A . 
H 4 HOH 99  305 305 HOH HOH A . 
H 4 HOH 100 306 306 HOH HOH A . 
H 4 HOH 101 307 307 HOH HOH A . 
H 4 HOH 102 308 308 HOH HOH A . 
H 4 HOH 103 309 309 HOH HOH A . 
H 4 HOH 104 310 310 HOH HOH A . 
H 4 HOH 105 311 311 HOH HOH A . 
H 4 HOH 106 312 312 HOH HOH A . 
H 4 HOH 107 313 313 HOH HOH A . 
H 4 HOH 108 314 314 HOH HOH A . 
H 4 HOH 109 315 315 HOH HOH A . 
H 4 HOH 110 316 316 HOH HOH A . 
H 4 HOH 111 317 317 HOH HOH A . 
H 4 HOH 112 318 318 HOH HOH A . 
H 4 HOH 113 319 319 HOH HOH A . 
H 4 HOH 114 320 320 HOH HOH A . 
H 4 HOH 115 321 321 HOH HOH A . 
H 4 HOH 116 322 322 HOH HOH A . 
H 4 HOH 117 323 323 HOH HOH A . 
H 4 HOH 118 324 324 HOH HOH A . 
H 4 HOH 119 325 325 HOH HOH A . 
H 4 HOH 120 326 326 HOH HOH A . 
H 4 HOH 121 327 327 HOH HOH A . 
H 4 HOH 122 328 328 HOH HOH A . 
H 4 HOH 123 329 329 HOH HOH A . 
H 4 HOH 124 330 330 HOH HOH A . 
H 4 HOH 125 331 331 HOH HOH A . 
H 4 HOH 126 332 332 HOH HOH A . 
H 4 HOH 127 333 333 HOH HOH A . 
H 4 HOH 128 334 334 HOH HOH A . 
H 4 HOH 129 335 335 HOH HOH A . 
H 4 HOH 130 336 336 HOH HOH A . 
H 4 HOH 131 337 337 HOH HOH A . 
H 4 HOH 132 338 338 HOH HOH A . 
H 4 HOH 133 339 339 HOH HOH A . 
H 4 HOH 134 340 340 HOH HOH A . 
H 4 HOH 135 341 341 HOH HOH A . 
H 4 HOH 136 342 342 HOH HOH A . 
H 4 HOH 137 343 343 HOH HOH A . 
H 4 HOH 138 344 344 HOH HOH A . 
H 4 HOH 139 345 345 HOH HOH A . 
H 4 HOH 140 346 346 HOH HOH A . 
H 4 HOH 141 347 347 HOH HOH A . 
H 4 HOH 142 348 348 HOH HOH A . 
H 4 HOH 143 349 349 HOH HOH A . 
H 4 HOH 144 350 350 HOH HOH A . 
H 4 HOH 145 351 351 HOH HOH A . 
H 4 HOH 146 352 352 HOH HOH A . 
H 4 HOH 147 353 353 HOH HOH A . 
H 4 HOH 148 354 354 HOH HOH A . 
H 4 HOH 149 355 355 HOH HOH A . 
H 4 HOH 150 356 356 HOH HOH A . 
H 4 HOH 151 357 357 HOH HOH A . 
H 4 HOH 152 358 358 HOH HOH A . 
H 4 HOH 153 359 359 HOH HOH A . 
H 4 HOH 154 360 360 HOH HOH A . 
H 4 HOH 155 361 361 HOH HOH A . 
H 4 HOH 156 362 362 HOH HOH A . 
H 4 HOH 157 363 363 HOH HOH A . 
H 4 HOH 158 364 364 HOH HOH A . 
H 4 HOH 159 365 365 HOH HOH A . 
H 4 HOH 160 366 366 HOH HOH A . 
H 4 HOH 161 367 367 HOH HOH A . 
H 4 HOH 162 368 368 HOH HOH A . 
H 4 HOH 163 369 369 HOH HOH A . 
H 4 HOH 164 370 370 HOH HOH A . 
H 4 HOH 165 371 371 HOH HOH A . 
H 4 HOH 166 372 372 HOH HOH A . 
H 4 HOH 167 373 373 HOH HOH A . 
H 4 HOH 168 374 374 HOH HOH A . 
H 4 HOH 169 375 375 HOH HOH A . 
H 4 HOH 170 376 376 HOH HOH A . 
H 4 HOH 171 377 377 HOH HOH A . 
H 4 HOH 172 378 378 HOH HOH A . 
H 4 HOH 173 379 379 HOH HOH A . 
H 4 HOH 174 380 380 HOH HOH A . 
H 4 HOH 175 381 381 HOH HOH A . 
H 4 HOH 176 382 382 HOH HOH A . 
H 4 HOH 177 383 383 HOH HOH A . 
H 4 HOH 178 384 384 HOH HOH A . 
H 4 HOH 179 385 385 HOH HOH A . 
H 4 HOH 180 386 386 HOH HOH A . 
H 4 HOH 181 387 387 HOH HOH A . 
H 4 HOH 182 388 388 HOH HOH A . 
H 4 HOH 183 389 389 HOH HOH A . 
H 4 HOH 184 390 390 HOH HOH A . 
H 4 HOH 185 391 391 HOH HOH A . 
H 4 HOH 186 392 392 HOH HOH A . 
H 4 HOH 187 393 393 HOH HOH A . 
H 4 HOH 188 394 394 HOH HOH A . 
H 4 HOH 189 395 395 HOH HOH A . 
H 4 HOH 190 396 396 HOH HOH A . 
H 4 HOH 191 397 397 HOH HOH A . 
H 4 HOH 192 398 398 HOH HOH A . 
H 4 HOH 193 399 399 HOH HOH A . 
H 4 HOH 194 400 400 HOH HOH A . 
H 4 HOH 195 401 401 HOH HOH A . 
H 4 HOH 196 402 402 HOH HOH A . 
H 4 HOH 197 403 403 HOH HOH A . 
H 4 HOH 198 404 404 HOH HOH A . 
H 4 HOH 199 405 405 HOH HOH A . 
H 4 HOH 200 406 406 HOH HOH A . 
H 4 HOH 201 407 407 HOH HOH A . 
H 4 HOH 202 408 408 HOH HOH A . 
H 4 HOH 203 409 409 HOH HOH A . 
H 4 HOH 204 410 410 HOH HOH A . 
H 4 HOH 205 411 411 HOH HOH A . 
H 4 HOH 206 412 412 HOH HOH A . 
H 4 HOH 207 413 413 HOH HOH A . 
H 4 HOH 208 414 414 HOH HOH A . 
H 4 HOH 209 415 415 HOH HOH A . 
H 4 HOH 210 416 416 HOH HOH A . 
H 4 HOH 211 417 417 HOH HOH A . 
H 4 HOH 212 418 418 HOH HOH A . 
H 4 HOH 213 419 419 HOH HOH A . 
H 4 HOH 214 420 420 HOH HOH A . 
H 4 HOH 215 421 421 HOH HOH A . 
H 4 HOH 216 422 422 HOH HOH A . 
H 4 HOH 217 423 423 HOH HOH A . 
H 4 HOH 218 424 424 HOH HOH A . 
H 4 HOH 219 425 425 HOH HOH A . 
H 4 HOH 220 426 426 HOH HOH A . 
H 4 HOH 221 427 427 HOH HOH A . 
H 4 HOH 222 428 428 HOH HOH A . 
H 4 HOH 223 429 429 HOH HOH A . 
H 4 HOH 224 430 430 HOH HOH A . 
H 4 HOH 225 431 431 HOH HOH A . 
# 
loop_
_software.name 
_software.classification 
_software.version 
_software.citation_id 
_software.pdbx_ordinal 
DENZO     'data reduction' .     ? 1 
SCALEPACK 'data scaling'   .     ? 2 
X-PLOR    'model building' .     ? 3 
X-PLOR    refinement       3.851 ? 4 
X-PLOR    phasing          .     ? 5 
# 
_cell.entry_id           1QRW 
_cell.length_a           65.628 
_cell.length_b           65.628 
_cell.length_c           79.586 
_cell.angle_alpha        90 
_cell.angle_beta         90 
_cell.angle_gamma        120 
_cell.Z_PDB              6 
_cell.pdbx_unique_axis   ? 
# 
_symmetry.entry_id                         1QRW 
_symmetry.space_group_name_H-M             'P 32 2 1' 
_symmetry.pdbx_full_space_group_name_H-M   ? 
_symmetry.cell_setting                     trigonal 
_symmetry.Int_Tables_number                154 
# 
_exptl.entry_id          1QRW 
_exptl.method            'X-RAY DIFFRACTION' 
_exptl.crystals_number   1 
# 
_exptl_crystal.id                    1 
_exptl_crystal.density_meas          ? 
_exptl_crystal.density_Matthews      2.49 
_exptl_crystal.density_percent_sol   50.55 
_exptl_crystal.description           ? 
# 
_exptl_crystal_grow.crystal_id      1 
_exptl_crystal_grow.method          'VAPOR DIFFUSION, HANGING DROP' 
_exptl_crystal_grow.temp            298 
_exptl_crystal_grow.temp_details    ? 
_exptl_crystal_grow.pH              8.0 
_exptl_crystal_grow.pdbx_details    'LITHIUM SULFATE, TRIS-SULFATE, pH 8.0, VAPOR DIFFUSION, HANGING DROP, temperature 298K' 
_exptl_crystal_grow.pdbx_pH_range   ? 
# 
_diffrn.id                     1 
_diffrn.ambient_temp           100.0 
_diffrn.ambient_temp_details   ? 
_diffrn.crystal_id             1 
# 
_diffrn_detector.diffrn_id              1 
_diffrn_detector.detector               'IMAGE PLATE' 
_diffrn_detector.type                   MARRESEARCH 
_diffrn_detector.pdbx_collection_date   1998-05-24 
_diffrn_detector.details                ? 
# 
_diffrn_radiation.diffrn_id                        1 
_diffrn_radiation.wavelength_id                    1 
_diffrn_radiation.pdbx_monochromatic_or_laue_m_l   M 
_diffrn_radiation.monochromator                    ? 
_diffrn_radiation.pdbx_diffrn_protocol             'SINGLE WAVELENGTH' 
_diffrn_radiation.pdbx_scattering_type             x-ray 
# 
_diffrn_radiation_wavelength.id           1 
_diffrn_radiation_wavelength.wavelength   0.9800 
_diffrn_radiation_wavelength.wt           1.0 
# 
_diffrn_source.diffrn_id                   1 
_diffrn_source.source                      SYNCHROTRON 
_diffrn_source.type                        'SSRL BEAMLINE BL9-1' 
_diffrn_source.pdbx_synchrotron_site       SSRL 
_diffrn_source.pdbx_synchrotron_beamline   BL9-1 
_diffrn_source.pdbx_wavelength             0.9800 
_diffrn_source.pdbx_wavelength_list        ? 
# 
_reflns.entry_id                     1QRW 
_reflns.observed_criterion_sigma_I   0.0 
_reflns.observed_criterion_sigma_F   0.0 
_reflns.d_resolution_low             30 
_reflns.d_resolution_high            1.20 
_reflns.number_obs                   60591 
_reflns.number_all                   62028 
_reflns.percent_possible_obs         97.0 
_reflns.pdbx_Rmerge_I_obs            0.042 
_reflns.pdbx_Rsym_value              ? 
_reflns.pdbx_netI_over_sigmaI        37.9 
_reflns.B_iso_Wilson_estimate        8.965 
_reflns.pdbx_redundancy              5.0 
_reflns.R_free_details               ? 
_reflns.limit_h_max                  ? 
_reflns.limit_h_min                  ? 
_reflns.limit_k_max                  ? 
_reflns.limit_k_min                  ? 
_reflns.limit_l_max                  ? 
_reflns.limit_l_min                  ? 
_reflns.observed_criterion_F_max     ? 
_reflns.observed_criterion_F_min     ? 
_reflns.pdbx_ordinal                 1 
_reflns.pdbx_diffrn_id               1 
# 
_reflns_shell.d_res_high             1.20 
_reflns_shell.d_res_low              1.22 
_reflns_shell.percent_possible_all   91.1 
_reflns_shell.Rmerge_I_obs           0.128 
_reflns_shell.pdbx_Rsym_value        ? 
_reflns_shell.meanI_over_sigI_obs    ? 
_reflns_shell.pdbx_redundancy        3.0 
_reflns_shell.percent_possible_obs   ? 
_reflns_shell.number_unique_all      ? 
_reflns_shell.pdbx_ordinal           1 
_reflns_shell.pdbx_diffrn_id         1 
# 
_refine.entry_id                                 1QRW 
_refine.ls_number_reflns_obs                     60059 
_refine.ls_number_reflns_all                     61824 
_refine.pdbx_ls_sigma_I                          0 
_refine.pdbx_ls_sigma_F                          0 
_refine.pdbx_data_cutoff_high_absF               ? 
_refine.pdbx_data_cutoff_low_absF                ? 
_refine.pdbx_data_cutoff_high_rms_absF           ? 
_refine.ls_d_res_low                             6.0 
_refine.ls_d_res_high                            1.20 
_refine.ls_percent_reflns_obs                    97.1 
_refine.ls_R_factor_obs                          0.177 
_refine.ls_R_factor_all                          ? 
_refine.ls_R_factor_R_work                       0.177 
_refine.ls_R_factor_R_free                       0.181 
_refine.ls_R_factor_R_free_error                 ? 
_refine.ls_R_factor_R_free_error_details         ? 
_refine.ls_percent_reflns_R_free                 ? 
_refine.ls_number_reflns_R_free                  3034 
_refine.ls_number_parameters                     ? 
_refine.ls_number_restraints                     ? 
_refine.occupancy_min                            ? 
_refine.occupancy_max                            ? 
_refine.B_iso_mean                               ? 
_refine.aniso_B[1][1]                            ? 
_refine.aniso_B[2][2]                            ? 
_refine.aniso_B[3][3]                            ? 
_refine.aniso_B[1][2]                            ? 
_refine.aniso_B[1][3]                            ? 
_refine.aniso_B[2][3]                            ? 
_refine.solvent_model_details                    ? 
_refine.solvent_model_param_ksol                 ? 
_refine.solvent_model_param_bsol                 ? 
_refine.pdbx_ls_cross_valid_method               ? 
_refine.details                                  ? 
_refine.pdbx_starting_model                      ? 
_refine.pdbx_method_to_determine_struct          ? 
_refine.pdbx_isotropic_thermal_model             ? 
_refine.pdbx_stereochemistry_target_values       'ENGH & HUBER' 
_refine.pdbx_stereochem_target_val_spec_case     ? 
_refine.pdbx_R_Free_selection_details            ? 
_refine.pdbx_overall_ESU_R                       ? 
_refine.pdbx_overall_ESU_R_Free                  ? 
_refine.overall_SU_ML                            ? 
_refine.overall_SU_B                             ? 
_refine.ls_redundancy_reflns_obs                 ? 
_refine.B_iso_min                                ? 
_refine.B_iso_max                                ? 
_refine.pdbx_refine_id                           'X-RAY DIFFRACTION' 
_refine.pdbx_diffrn_id                           1 
_refine.pdbx_TLS_residual_ADP_flag               ? 
_refine.correlation_coeff_Fo_to_Fc               ? 
_refine.correlation_coeff_Fo_to_Fc_free          ? 
_refine.pdbx_solvent_vdw_probe_radii             ? 
_refine.pdbx_solvent_ion_probe_radii             ? 
_refine.pdbx_solvent_shrinkage_radii             ? 
_refine.pdbx_overall_phase_error                 ? 
_refine.overall_SU_R_Cruickshank_DPI             ? 
_refine.pdbx_overall_SU_R_free_Cruickshank_DPI   ? 
_refine.pdbx_overall_SU_R_Blow_DPI               ? 
_refine.pdbx_overall_SU_R_free_Blow_DPI          ? 
# 
_refine_hist.pdbx_refine_id                   'X-RAY DIFFRACTION' 
_refine_hist.cycle_id                         LAST 
_refine_hist.pdbx_number_atoms_protein        1392 
_refine_hist.pdbx_number_atoms_nucleic_acid   0 
_refine_hist.pdbx_number_atoms_ligand         32 
_refine_hist.number_atoms_solvent             225 
_refine_hist.number_atoms_total               1649 
_refine_hist.d_res_high                       1.20 
_refine_hist.d_res_low                        6.0 
# 
loop_
_refine_ls_restr.type 
_refine_ls_restr.dev_ideal 
_refine_ls_restr.dev_ideal_target 
_refine_ls_restr.weight 
_refine_ls_restr.number 
_refine_ls_restr.pdbx_refine_id 
_refine_ls_restr.pdbx_restraint_function 
x_bond_d                0.00437 ? ? ? 'X-RAY DIFFRACTION' ? 
x_bond_d_na             ?       ? ? ? 'X-RAY DIFFRACTION' ? 
x_bond_d_prot           ?       ? ? ? 'X-RAY DIFFRACTION' ? 
x_angle_d               ?       ? ? ? 'X-RAY DIFFRACTION' ? 
x_angle_d_na            ?       ? ? ? 'X-RAY DIFFRACTION' ? 
x_angle_d_prot          ?       ? ? ? 'X-RAY DIFFRACTION' ? 
x_angle_deg             1.352   ? ? ? 'X-RAY DIFFRACTION' ? 
x_angle_deg_na          ?       ? ? ? 'X-RAY DIFFRACTION' ? 
x_angle_deg_prot        ?       ? ? ? 'X-RAY DIFFRACTION' ? 
x_dihedral_angle_d      ?       ? ? ? 'X-RAY DIFFRACTION' ? 
x_dihedral_angle_d_na   ?       ? ? ? 'X-RAY DIFFRACTION' ? 
x_dihedral_angle_d_prot ?       ? ? ? 'X-RAY DIFFRACTION' ? 
x_improper_angle_d      ?       ? ? ? 'X-RAY DIFFRACTION' ? 
x_improper_angle_d_na   ?       ? ? ? 'X-RAY DIFFRACTION' ? 
x_improper_angle_d_prot ?       ? ? ? 'X-RAY DIFFRACTION' ? 
x_mcbond_it             ?       ? ? ? 'X-RAY DIFFRACTION' ? 
x_mcangle_it            ?       ? ? ? 'X-RAY DIFFRACTION' ? 
x_scbond_it             ?       ? ? ? 'X-RAY DIFFRACTION' ? 
x_scangle_it            ?       ? ? ? 'X-RAY DIFFRACTION' ? 
# 
_struct.entry_id                  1QRW 
_struct.title                     
'CRYSTAL STRUCTURE OF AN ALPHA-LYTIC PROTEASE MUTANT WITH ACCELERATED FOLDING KINETICS, R102H/G134S, PH 8' 
_struct.pdbx_model_details        ? 
_struct.pdbx_CASP_flag            ? 
_struct.pdbx_model_type_details   ? 
# 
_struct_keywords.entry_id        1QRW 
_struct_keywords.pdbx_keywords   HYDROLASE 
_struct_keywords.text            'PROTEIN FOLDING, FOLDING KINETICS, PRO REGION, HYDROLASE' 
# 
loop_
_struct_asym.id 
_struct_asym.pdbx_blank_PDB_chainid_flag 
_struct_asym.pdbx_modified 
_struct_asym.entity_id 
_struct_asym.details 
A N N 1 ? 
B N N 2 ? 
C N N 2 ? 
D N N 2 ? 
E N N 2 ? 
F N N 3 ? 
G N N 3 ? 
H N N 4 ? 
# 
_struct_ref.id                         1 
_struct_ref.db_name                    UNP 
_struct_ref.db_code                    PRLA_LYSEN 
_struct_ref.entity_id                  1 
_struct_ref.pdbx_db_accession          P00778 
_struct_ref.pdbx_align_begin           ? 
_struct_ref.pdbx_seq_one_letter_code   ? 
_struct_ref.pdbx_db_isoform            ? 
# 
_struct_ref_seq.align_id                      1 
_struct_ref_seq.ref_id                        1 
_struct_ref_seq.pdbx_PDB_id_code              1QRW 
_struct_ref_seq.pdbx_strand_id                A 
_struct_ref_seq.seq_align_beg                 1 
_struct_ref_seq.pdbx_seq_align_beg_ins_code   ? 
_struct_ref_seq.seq_align_end                 198 
_struct_ref_seq.pdbx_seq_align_end_ins_code   ? 
_struct_ref_seq.pdbx_db_accession             P00778 
_struct_ref_seq.db_align_beg                  200 
_struct_ref_seq.pdbx_db_align_beg_ins_code    ? 
_struct_ref_seq.db_align_end                  397 
_struct_ref_seq.pdbx_db_align_end_ins_code    ? 
_struct_ref_seq.pdbx_auth_seq_align_beg       1 
_struct_ref_seq.pdbx_auth_seq_align_end       198 
# 
loop_
_struct_ref_seq_dif.align_id 
_struct_ref_seq_dif.pdbx_pdb_id_code 
_struct_ref_seq_dif.mon_id 
_struct_ref_seq_dif.pdbx_pdb_strand_id 
_struct_ref_seq_dif.seq_num 
_struct_ref_seq_dif.pdbx_pdb_ins_code 
_struct_ref_seq_dif.pdbx_seq_db_name 
_struct_ref_seq_dif.pdbx_seq_db_accession_code 
_struct_ref_seq_dif.db_mon_id 
_struct_ref_seq_dif.pdbx_seq_db_seq_num 
_struct_ref_seq_dif.details 
_struct_ref_seq_dif.pdbx_auth_seq_num 
_struct_ref_seq_dif.pdbx_ordinal 
1 1QRW HIS A 102 ? UNP P00778 ARG 301 'engineered mutation' 102 1 
1 1QRW SER A 134 ? UNP P00778 GLY 333 'engineered mutation' 134 2 
# 
_pdbx_struct_assembly.id                   1 
_pdbx_struct_assembly.details              author_defined_assembly 
_pdbx_struct_assembly.method_details       ? 
_pdbx_struct_assembly.oligomeric_details   monomeric 
_pdbx_struct_assembly.oligomeric_count     1 
# 
_pdbx_struct_assembly_gen.assembly_id       1 
_pdbx_struct_assembly_gen.oper_expression   1 
_pdbx_struct_assembly_gen.asym_id_list      A,B,C,D,E,F,G,H 
# 
_pdbx_struct_oper_list.id                   1 
_pdbx_struct_oper_list.type                 'identity operation' 
_pdbx_struct_oper_list.name                 1_555 
_pdbx_struct_oper_list.symmetry_operation   x,y,z 
_pdbx_struct_oper_list.matrix[1][1]         1.0000000000 
_pdbx_struct_oper_list.matrix[1][2]         0.0000000000 
_pdbx_struct_oper_list.matrix[1][3]         0.0000000000 
_pdbx_struct_oper_list.vector[1]            0.0000000000 
_pdbx_struct_oper_list.matrix[2][1]         0.0000000000 
_pdbx_struct_oper_list.matrix[2][2]         1.0000000000 
_pdbx_struct_oper_list.matrix[2][3]         0.0000000000 
_pdbx_struct_oper_list.vector[2]            0.0000000000 
_pdbx_struct_oper_list.matrix[3][1]         0.0000000000 
_pdbx_struct_oper_list.matrix[3][2]         0.0000000000 
_pdbx_struct_oper_list.matrix[3][3]         1.0000000000 
_pdbx_struct_oper_list.vector[3]            0.0000000000 
# 
_struct_biol.id   1 
# 
loop_
_struct_conf.conf_type_id 
_struct_conf.id 
_struct_conf.pdbx_PDB_helix_id 
_struct_conf.beg_label_comp_id 
_struct_conf.beg_label_asym_id 
_struct_conf.beg_label_seq_id 
_struct_conf.pdbx_beg_PDB_ins_code 
_struct_conf.end_label_comp_id 
_struct_conf.end_label_asym_id 
_struct_conf.end_label_seq_id 
_struct_conf.pdbx_end_PDB_ins_code 
_struct_conf.beg_auth_comp_id 
_struct_conf.beg_auth_asym_id 
_struct_conf.beg_auth_seq_id 
_struct_conf.end_auth_comp_id 
_struct_conf.end_auth_asym_id 
_struct_conf.end_auth_seq_id 
_struct_conf.pdbx_PDB_helix_class 
_struct_conf.details 
_struct_conf.pdbx_PDB_helix_length 
HELX_P HELX_P1 1 ALA A 34  ? GLY A 38  ? ALA A 34  GLY A 38  5 ? 5 
HELX_P HELX_P2 2 PRO A 173 ? ARG A 177 ? PRO A 173 ARG A 177 5 ? 5 
HELX_P HELX_P3 3 LEU A 184 ? GLY A 192 ? LEU A 184 GLY A 192 1 ? 9 
# 
_struct_conf_type.id          HELX_P 
_struct_conf_type.criteria    ? 
_struct_conf_type.reference   ? 
# 
loop_
_struct_conn.id 
_struct_conn.conn_type_id 
_struct_conn.pdbx_leaving_atom_flag 
_struct_conn.pdbx_PDB_id 
_struct_conn.ptnr1_label_asym_id 
_struct_conn.ptnr1_label_comp_id 
_struct_conn.ptnr1_label_seq_id 
_struct_conn.ptnr1_label_atom_id 
_struct_conn.pdbx_ptnr1_label_alt_id 
_struct_conn.pdbx_ptnr1_PDB_ins_code 
_struct_conn.pdbx_ptnr1_standard_comp_id 
_struct_conn.ptnr1_symmetry 
_struct_conn.ptnr2_label_asym_id 
_struct_conn.ptnr2_label_comp_id 
_struct_conn.ptnr2_label_seq_id 
_struct_conn.ptnr2_label_atom_id 
_struct_conn.pdbx_ptnr2_label_alt_id 
_struct_conn.pdbx_ptnr2_PDB_ins_code 
_struct_conn.ptnr1_auth_asym_id 
_struct_conn.ptnr1_auth_comp_id 
_struct_conn.ptnr1_auth_seq_id 
_struct_conn.ptnr2_auth_asym_id 
_struct_conn.ptnr2_auth_comp_id 
_struct_conn.ptnr2_auth_seq_id 
_struct_conn.ptnr2_symmetry 
_struct_conn.pdbx_ptnr3_label_atom_id 
_struct_conn.pdbx_ptnr3_label_seq_id 
_struct_conn.pdbx_ptnr3_label_comp_id 
_struct_conn.pdbx_ptnr3_label_asym_id 
_struct_conn.pdbx_ptnr3_label_alt_id 
_struct_conn.pdbx_ptnr3_PDB_ins_code 
_struct_conn.details 
_struct_conn.pdbx_dist_value 
_struct_conn.pdbx_value_order 
_struct_conn.pdbx_role 
disulf1 disulf ? ? A CYS 17  SG ? ? ? 1_555 A CYS 37  SG ? ? A CYS 17  A CYS 37  1_555 ? ? ? ? ? ? ? 2.035 ? ? 
disulf2 disulf ? ? A CYS 101 SG ? ? ? 1_555 A CYS 111 SG ? ? A CYS 101 A CYS 111 1_555 ? ? ? ? ? ? ? 2.035 ? ? 
disulf3 disulf ? ? A CYS 137 SG ? ? ? 1_555 A CYS 170 SG ? ? A CYS 137 A CYS 170 1_555 ? ? ? ? ? ? ? 2.040 ? ? 
# 
_struct_conn_type.id          disulf 
_struct_conn_type.criteria    ? 
_struct_conn_type.reference   ? 
# 
loop_
_pdbx_modification_feature.ordinal 
_pdbx_modification_feature.label_comp_id 
_pdbx_modification_feature.label_asym_id 
_pdbx_modification_feature.label_seq_id 
_pdbx_modification_feature.label_alt_id 
_pdbx_modification_feature.modified_residue_label_comp_id 
_pdbx_modification_feature.modified_residue_label_asym_id 
_pdbx_modification_feature.modified_residue_label_seq_id 
_pdbx_modification_feature.modified_residue_label_alt_id 
_pdbx_modification_feature.auth_comp_id 
_pdbx_modification_feature.auth_asym_id 
_pdbx_modification_feature.auth_seq_id 
_pdbx_modification_feature.PDB_ins_code 
_pdbx_modification_feature.symmetry 
_pdbx_modification_feature.modified_residue_auth_comp_id 
_pdbx_modification_feature.modified_residue_auth_asym_id 
_pdbx_modification_feature.modified_residue_auth_seq_id 
_pdbx_modification_feature.modified_residue_PDB_ins_code 
_pdbx_modification_feature.modified_residue_symmetry 
_pdbx_modification_feature.comp_id_linking_atom 
_pdbx_modification_feature.modified_residue_id_linking_atom 
_pdbx_modification_feature.modified_residue_id 
_pdbx_modification_feature.ref_pcm_id 
_pdbx_modification_feature.ref_comp_id 
_pdbx_modification_feature.type 
_pdbx_modification_feature.category 
1 CYS A 17  ? CYS A 37  ? CYS A 17  ? 1_555 CYS A 37  ? 1_555 SG SG . . . None 'Disulfide bridge' 
2 CYS A 101 ? CYS A 111 ? CYS A 101 ? 1_555 CYS A 111 ? 1_555 SG SG . . . None 'Disulfide bridge' 
3 CYS A 137 ? CYS A 170 ? CYS A 137 ? 1_555 CYS A 170 ? 1_555 SG SG . . . None 'Disulfide bridge' 
# 
_struct_mon_prot_cis.pdbx_id                1 
_struct_mon_prot_cis.label_comp_id          PHE 
_struct_mon_prot_cis.label_seq_id           59 
_struct_mon_prot_cis.label_asym_id          A 
_struct_mon_prot_cis.label_alt_id           . 
_struct_mon_prot_cis.pdbx_PDB_ins_code      ? 
_struct_mon_prot_cis.auth_comp_id           PHE 
_struct_mon_prot_cis.auth_seq_id            59 
_struct_mon_prot_cis.auth_asym_id           A 
_struct_mon_prot_cis.pdbx_label_comp_id_2   PRO 
_struct_mon_prot_cis.pdbx_label_seq_id_2    60 
_struct_mon_prot_cis.pdbx_label_asym_id_2   A 
_struct_mon_prot_cis.pdbx_PDB_ins_code_2    ? 
_struct_mon_prot_cis.pdbx_auth_comp_id_2    PRO 
_struct_mon_prot_cis.pdbx_auth_seq_id_2     60 
_struct_mon_prot_cis.pdbx_auth_asym_id_2    A 
_struct_mon_prot_cis.pdbx_PDB_model_num     1 
_struct_mon_prot_cis.pdbx_omega_angle       -0.31 
# 
loop_
_struct_sheet.id 
_struct_sheet.type 
_struct_sheet.number_strands 
_struct_sheet.details 
A ? 3 ? 
B ? 8 ? 
C ? 7 ? 
# 
loop_
_struct_sheet_order.sheet_id 
_struct_sheet_order.range_id_1 
_struct_sheet_order.range_id_2 
_struct_sheet_order.offset 
_struct_sheet_order.sense 
A 1 2 ? parallel      
A 2 3 ? anti-parallel 
B 1 2 ? anti-parallel 
B 2 3 ? anti-parallel 
B 3 4 ? anti-parallel 
B 4 5 ? anti-parallel 
B 5 6 ? anti-parallel 
B 6 7 ? anti-parallel 
B 7 8 ? anti-parallel 
C 1 2 ? anti-parallel 
C 2 3 ? anti-parallel 
C 3 4 ? anti-parallel 
C 4 5 ? anti-parallel 
C 5 6 ? anti-parallel 
C 6 7 ? anti-parallel 
# 
loop_
_struct_sheet_range.sheet_id 
_struct_sheet_range.id 
_struct_sheet_range.beg_label_comp_id 
_struct_sheet_range.beg_label_asym_id 
_struct_sheet_range.beg_label_seq_id 
_struct_sheet_range.pdbx_beg_PDB_ins_code 
_struct_sheet_range.end_label_comp_id 
_struct_sheet_range.end_label_asym_id 
_struct_sheet_range.end_label_seq_id 
_struct_sheet_range.pdbx_end_PDB_ins_code 
_struct_sheet_range.beg_auth_comp_id 
_struct_sheet_range.beg_auth_asym_id 
_struct_sheet_range.beg_auth_seq_id 
_struct_sheet_range.end_auth_comp_id 
_struct_sheet_range.end_auth_asym_id 
_struct_sheet_range.end_auth_seq_id 
A 1 ASN A 2   ? GLY A 5   ? ASN A 2   GLY A 5   
A 2 THR A 74  ? ASN A 81  ? THR A 74  ASN A 81  
A 3 SER A 84  ? THR A 87  ? SER A 84  THR A 87  
B 1 SER A 15  ? SER A 18  ? SER A 15  SER A 18  
B 2 GLU A 8   ? ILE A 11  ? GLU A 8   ILE A 11  
B 3 THR A 43  ? ILE A 46  ? THR A 43  ILE A 46  
B 4 ALA A 49  ? VAL A 58  ? ALA A 49  VAL A 58  
B 5 ARG A 64  ? LEU A 69  ? ARG A 64  LEU A 69  
B 6 THR A 28  ? THR A 33  ? THR A 28  THR A 33  
B 7 PHE A 21  ? ARG A 25  ? PHE A 21  ARG A 25  
B 8 SER A 194 ? LEU A 195 ? SER A 194 LEU A 195 
C 1 ALA A 99  ? GLY A 104 ? ALA A 99  GLY A 104 
C 2 GLY A 108 ? TYR A 123 ? GLY A 108 TYR A 123 
C 3 ALA A 99  ? GLY A 104 ? ALA A 99  GLY A 104 
C 4 SER A 146 ? ILE A 148 ? SER A 146 ILE A 148 
C 5 ALA A 154 ? GLY A 161 ? ALA A 154 GLY A 161 
C 6 SER A 179 ? ARG A 183 ? SER A 179 ARG A 183 
C 7 GLY A 126 ? SER A 134 ? GLY A 126 SER A 134 
# 
loop_
_pdbx_struct_sheet_hbond.sheet_id 
_pdbx_struct_sheet_hbond.range_id_1 
_pdbx_struct_sheet_hbond.range_id_2 
_pdbx_struct_sheet_hbond.range_1_label_atom_id 
_pdbx_struct_sheet_hbond.range_1_label_comp_id 
_pdbx_struct_sheet_hbond.range_1_label_asym_id 
_pdbx_struct_sheet_hbond.range_1_label_seq_id 
_pdbx_struct_sheet_hbond.range_1_PDB_ins_code 
_pdbx_struct_sheet_hbond.range_1_auth_atom_id 
_pdbx_struct_sheet_hbond.range_1_auth_comp_id 
_pdbx_struct_sheet_hbond.range_1_auth_asym_id 
_pdbx_struct_sheet_hbond.range_1_auth_seq_id 
_pdbx_struct_sheet_hbond.range_2_label_atom_id 
_pdbx_struct_sheet_hbond.range_2_label_comp_id 
_pdbx_struct_sheet_hbond.range_2_label_asym_id 
_pdbx_struct_sheet_hbond.range_2_label_seq_id 
_pdbx_struct_sheet_hbond.range_2_PDB_ins_code 
_pdbx_struct_sheet_hbond.range_2_auth_atom_id 
_pdbx_struct_sheet_hbond.range_2_auth_comp_id 
_pdbx_struct_sheet_hbond.range_2_auth_asym_id 
_pdbx_struct_sheet_hbond.range_2_auth_seq_id 
A 1 2 N ILE A 3   ? N ILE A 3   O THR A 74  ? O THR A 74  
A 2 3 O ASN A 81  ? O ASN A 81  N SER A 84  ? N SER A 84  
B 1 2 N CYS A 17  ? N CYS A 17  O TYR A 9   ? O TYR A 9   
B 2 3 N SER A 10  ? N SER A 10  O ARG A 45  ? O ARG A 45  
B 3 4 N ILE A 46  ? N ILE A 46  O ALA A 49  ? O ALA A 49  
B 4 5 N VAL A 58  ? N VAL A 58  O ARG A 64  ? O ARG A 64  
B 5 6 N LEU A 69  ? N LEU A 69  O LYS A 29  ? O LYS A 29  
B 6 7 N VAL A 32  ? N VAL A 32  O PHE A 21  ? O PHE A 21  
B 7 8 O THR A 24  ? O THR A 24  N SER A 194 ? N SER A 194 
C 1 2 N GLY A 104 ? N GLY A 104 O GLY A 108 ? O GLY A 108 
C 2 3 N GLY A 112 ? N GLY A 112 O VAL A 100 ? O VAL A 100 
C 3 4 N SER A 103 ? N SER A 103 O SER A 146 ? O SER A 146 
C 4 5 O TRP A 147 ? O TRP A 147 N GLN A 155 ? N GLN A 155 
C 5 6 O GLY A 160 ? O GLY A 160 N LEU A 180 ? N LEU A 180 
C 6 7 O PHE A 181 ? O PHE A 181 N THR A 132 ? N THR A 132 
# 
loop_
_struct_site.id 
_struct_site.pdbx_evidence_code 
_struct_site.pdbx_auth_asym_id 
_struct_site.pdbx_auth_comp_id 
_struct_site.pdbx_auth_seq_id 
_struct_site.pdbx_auth_ins_code 
_struct_site.pdbx_num_residues 
_struct_site.details 
AC1 Software A SO4 203 ? 11 'BINDING SITE FOR RESIDUE SO4 A 203' 
AC2 Software A SO4 204 ? 9  'BINDING SITE FOR RESIDUE SO4 A 204' 
AC3 Software A SO4 205 ? 8  'BINDING SITE FOR RESIDUE SO4 A 205' 
AC4 Software A SO4 206 ? 4  'BINDING SITE FOR RESIDUE SO4 A 206' 
AC5 Software A GOL 201 ? 9  'BINDING SITE FOR RESIDUE GOL A 201' 
AC6 Software A GOL 202 ? 8  'BINDING SITE FOR RESIDUE GOL A 202' 
# 
loop_
_struct_site_gen.id 
_struct_site_gen.site_id 
_struct_site_gen.pdbx_num_res 
_struct_site_gen.label_comp_id 
_struct_site_gen.label_asym_id 
_struct_site_gen.label_seq_id 
_struct_site_gen.pdbx_auth_ins_code 
_struct_site_gen.auth_comp_id 
_struct_site_gen.auth_asym_id 
_struct_site_gen.auth_seq_id 
_struct_site_gen.label_atom_id 
_struct_site_gen.label_alt_id 
_struct_site_gen.symmetry 
_struct_site_gen.details 
1  AC1 11 ARG A 25  ? ARG A 25  . ? 2_654 ? 
2  AC1 11 ARG A 78  ? ARG A 78  . ? 1_555 ? 
3  AC1 11 GLN A 190 ? GLN A 190 . ? 2_654 ? 
4  AC1 11 TYR A 191 ? TYR A 191 . ? 2_654 ? 
5  AC1 11 HOH H .   ? HOH A 230 . ? 1_555 ? 
6  AC1 11 HOH H .   ? HOH A 231 . ? 1_555 ? 
7  AC1 11 HOH H .   ? HOH A 232 . ? 1_555 ? 
8  AC1 11 HOH H .   ? HOH A 359 . ? 2_654 ? 
9  AC1 11 HOH H .   ? HOH A 360 . ? 2_654 ? 
10 AC1 11 HOH H .   ? HOH A 361 . ? 2_654 ? 
11 AC1 11 HOH H .   ? HOH A 398 . ? 5_665 ? 
12 AC2 9  ALA A 1   ? ALA A 1   . ? 3_665 ? 
13 AC2 9  ASN A 2   ? ASN A 2   . ? 3_665 ? 
14 AC2 9  ARG A 183 ? ARG A 183 . ? 1_555 ? 
15 AC2 9  PRO A 186 ? PRO A 186 . ? 1_555 ? 
16 AC2 9  HOH H .   ? HOH A 208 . ? 3_665 ? 
17 AC2 9  HOH H .   ? HOH A 267 . ? 1_555 ? 
18 AC2 9  HOH H .   ? HOH A 324 . ? 1_555 ? 
19 AC2 9  HOH H .   ? HOH A 325 . ? 1_555 ? 
20 AC2 9  HOH H .   ? HOH A 377 . ? 3_665 ? 
21 AC3 8  HIS A 36  ? HIS A 36  . ? 1_555 ? 
22 AC3 8  ARG A 89  ? ARG A 89  . ? 5_565 ? 
23 AC3 8  ARG A 140 ? ARG A 140 . ? 1_555 ? 
24 AC3 8  GLY A 141 ? GLY A 141 . ? 1_555 ? 
25 AC3 8  SER A 143 ? SER A 143 . ? 1_555 ? 
26 AC3 8  HOH H .   ? HOH A 341 . ? 1_555 ? 
27 AC3 8  HOH H .   ? HOH A 342 . ? 1_555 ? 
28 AC3 8  HOH H .   ? HOH A 343 . ? 1_555 ? 
29 AC4 4  THR A 92  ? THR A 92  . ? 5_565 ? 
30 AC4 4  ARG A 105 ? ARG A 105 . ? 1_555 ? 
31 AC4 4  HOH H .   ? HOH A 327 . ? 5_565 ? 
32 AC4 4  HOH H .   ? HOH A 421 . ? 4_555 ? 
33 AC5 9  HIS A 36  ? HIS A 36  . ? 1_555 ? 
34 AC5 9  ARG A 89  ? ARG A 89  . ? 5_565 ? 
35 AC5 9  TYR A 123 ? TYR A 123 . ? 1_555 ? 
36 AC5 9  GLU A 125 ? GLU A 125 . ? 1_555 ? 
37 AC5 9  SER A 159 ? SER A 159 . ? 1_555 ? 
38 AC5 9  GLY A 160 ? GLY A 160 . ? 1_555 ? 
39 AC5 9  HOH H .   ? HOH A 277 . ? 1_555 ? 
40 AC5 9  HOH H .   ? HOH A 329 . ? 5_565 ? 
41 AC5 9  HOH H .   ? HOH A 401 . ? 1_555 ? 
42 AC6 8  THR A 106 ? THR A 106 . ? 4_555 ? 
43 AC6 8  THR A 107 ? THR A 107 . ? 1_555 ? 
44 AC6 8  THR A 107 ? THR A 107 . ? 4_555 ? 
45 AC6 8  TYR A 109 ? TYR A 109 . ? 1_555 ? 
46 AC6 8  GLN A 110 ? GLN A 110 . ? 1_555 ? 
47 AC6 8  CYS A 170 ? CYS A 170 . ? 4_555 ? 
48 AC6 8  HOH H .   ? HOH A 239 . ? 1_555 ? 
49 AC6 8  HOH H .   ? HOH A 431 . ? 1_555 ? 
# 
_pdbx_entry_details.entry_id                   1QRW 
_pdbx_entry_details.compound_details           ? 
_pdbx_entry_details.source_details             ? 
_pdbx_entry_details.nonpolymer_details         ? 
_pdbx_entry_details.sequence_details           ? 
_pdbx_entry_details.has_ligand_of_interest     ? 
_pdbx_entry_details.has_protein_modification   Y 
# 
loop_
_pdbx_validate_torsion.id 
_pdbx_validate_torsion.PDB_model_num 
_pdbx_validate_torsion.auth_comp_id 
_pdbx_validate_torsion.auth_asym_id 
_pdbx_validate_torsion.auth_seq_id 
_pdbx_validate_torsion.PDB_ins_code 
_pdbx_validate_torsion.label_alt_id 
_pdbx_validate_torsion.phi 
_pdbx_validate_torsion.psi 
1 1 ALA A 14 ? ? -125.55 -90.08  
2 1 ASN A 41 ? ? 84.84   -5.70   
3 1 PRO A 60 ? ? -79.31  -153.25 
4 1 ASP A 63 ? ? -150.61 76.11   
5 1 SER A 84 ? ? -102.22 -167.75 
# 
loop_
_pdbx_struct_special_symmetry.id 
_pdbx_struct_special_symmetry.PDB_model_num 
_pdbx_struct_special_symmetry.auth_asym_id 
_pdbx_struct_special_symmetry.auth_comp_id 
_pdbx_struct_special_symmetry.auth_seq_id 
_pdbx_struct_special_symmetry.PDB_ins_code 
_pdbx_struct_special_symmetry.label_asym_id 
_pdbx_struct_special_symmetry.label_comp_id 
_pdbx_struct_special_symmetry.label_seq_id 
1 1 A HOH 335 ? H HOH . 
2 1 A HOH 414 ? H HOH . 
# 
loop_
_chem_comp_atom.comp_id 
_chem_comp_atom.atom_id 
_chem_comp_atom.type_symbol 
_chem_comp_atom.pdbx_aromatic_flag 
_chem_comp_atom.pdbx_stereo_config 
_chem_comp_atom.pdbx_ordinal 
ALA N    N N N 1   
ALA CA   C N S 2   
ALA C    C N N 3   
ALA O    O N N 4   
ALA CB   C N N 5   
ALA OXT  O N N 6   
ALA H    H N N 7   
ALA H2   H N N 8   
ALA HA   H N N 9   
ALA HB1  H N N 10  
ALA HB2  H N N 11  
ALA HB3  H N N 12  
ALA HXT  H N N 13  
ARG N    N N N 14  
ARG CA   C N S 15  
ARG C    C N N 16  
ARG O    O N N 17  
ARG CB   C N N 18  
ARG CG   C N N 19  
ARG CD   C N N 20  
ARG NE   N N N 21  
ARG CZ   C N N 22  
ARG NH1  N N N 23  
ARG NH2  N N N 24  
ARG OXT  O N N 25  
ARG H    H N N 26  
ARG H2   H N N 27  
ARG HA   H N N 28  
ARG HB2  H N N 29  
ARG HB3  H N N 30  
ARG HG2  H N N 31  
ARG HG3  H N N 32  
ARG HD2  H N N 33  
ARG HD3  H N N 34  
ARG HE   H N N 35  
ARG HH11 H N N 36  
ARG HH12 H N N 37  
ARG HH21 H N N 38  
ARG HH22 H N N 39  
ARG HXT  H N N 40  
ASN N    N N N 41  
ASN CA   C N S 42  
ASN C    C N N 43  
ASN O    O N N 44  
ASN CB   C N N 45  
ASN CG   C N N 46  
ASN OD1  O N N 47  
ASN ND2  N N N 48  
ASN OXT  O N N 49  
ASN H    H N N 50  
ASN H2   H N N 51  
ASN HA   H N N 52  
ASN HB2  H N N 53  
ASN HB3  H N N 54  
ASN HD21 H N N 55  
ASN HD22 H N N 56  
ASN HXT  H N N 57  
ASP N    N N N 58  
ASP CA   C N S 59  
ASP C    C N N 60  
ASP O    O N N 61  
ASP CB   C N N 62  
ASP CG   C N N 63  
ASP OD1  O N N 64  
ASP OD2  O N N 65  
ASP OXT  O N N 66  
ASP H    H N N 67  
ASP H2   H N N 68  
ASP HA   H N N 69  
ASP HB2  H N N 70  
ASP HB3  H N N 71  
ASP HD2  H N N 72  
ASP HXT  H N N 73  
CYS N    N N N 74  
CYS CA   C N R 75  
CYS C    C N N 76  
CYS O    O N N 77  
CYS CB   C N N 78  
CYS SG   S N N 79  
CYS OXT  O N N 80  
CYS H    H N N 81  
CYS H2   H N N 82  
CYS HA   H N N 83  
CYS HB2  H N N 84  
CYS HB3  H N N 85  
CYS HG   H N N 86  
CYS HXT  H N N 87  
GLN N    N N N 88  
GLN CA   C N S 89  
GLN C    C N N 90  
GLN O    O N N 91  
GLN CB   C N N 92  
GLN CG   C N N 93  
GLN CD   C N N 94  
GLN OE1  O N N 95  
GLN NE2  N N N 96  
GLN OXT  O N N 97  
GLN H    H N N 98  
GLN H2   H N N 99  
GLN HA   H N N 100 
GLN HB2  H N N 101 
GLN HB3  H N N 102 
GLN HG2  H N N 103 
GLN HG3  H N N 104 
GLN HE21 H N N 105 
GLN HE22 H N N 106 
GLN HXT  H N N 107 
GLU N    N N N 108 
GLU CA   C N S 109 
GLU C    C N N 110 
GLU O    O N N 111 
GLU CB   C N N 112 
GLU CG   C N N 113 
GLU CD   C N N 114 
GLU OE1  O N N 115 
GLU OE2  O N N 116 
GLU OXT  O N N 117 
GLU H    H N N 118 
GLU H2   H N N 119 
GLU HA   H N N 120 
GLU HB2  H N N 121 
GLU HB3  H N N 122 
GLU HG2  H N N 123 
GLU HG3  H N N 124 
GLU HE2  H N N 125 
GLU HXT  H N N 126 
GLY N    N N N 127 
GLY CA   C N N 128 
GLY C    C N N 129 
GLY O    O N N 130 
GLY OXT  O N N 131 
GLY H    H N N 132 
GLY H2   H N N 133 
GLY HA2  H N N 134 
GLY HA3  H N N 135 
GLY HXT  H N N 136 
GOL C1   C N N 137 
GOL O1   O N N 138 
GOL C2   C N N 139 
GOL O2   O N N 140 
GOL C3   C N N 141 
GOL O3   O N N 142 
GOL H11  H N N 143 
GOL H12  H N N 144 
GOL HO1  H N N 145 
GOL H2   H N N 146 
GOL HO2  H N N 147 
GOL H31  H N N 148 
GOL H32  H N N 149 
GOL HO3  H N N 150 
HIS N    N N N 151 
HIS CA   C N S 152 
HIS C    C N N 153 
HIS O    O N N 154 
HIS CB   C N N 155 
HIS CG   C Y N 156 
HIS ND1  N Y N 157 
HIS CD2  C Y N 158 
HIS CE1  C Y N 159 
HIS NE2  N Y N 160 
HIS OXT  O N N 161 
HIS H    H N N 162 
HIS H2   H N N 163 
HIS HA   H N N 164 
HIS HB2  H N N 165 
HIS HB3  H N N 166 
HIS HD1  H N N 167 
HIS HD2  H N N 168 
HIS HE1  H N N 169 
HIS HE2  H N N 170 
HIS HXT  H N N 171 
HOH O    O N N 172 
HOH H1   H N N 173 
HOH H2   H N N 174 
ILE N    N N N 175 
ILE CA   C N S 176 
ILE C    C N N 177 
ILE O    O N N 178 
ILE CB   C N S 179 
ILE CG1  C N N 180 
ILE CG2  C N N 181 
ILE CD1  C N N 182 
ILE OXT  O N N 183 
ILE H    H N N 184 
ILE H2   H N N 185 
ILE HA   H N N 186 
ILE HB   H N N 187 
ILE HG12 H N N 188 
ILE HG13 H N N 189 
ILE HG21 H N N 190 
ILE HG22 H N N 191 
ILE HG23 H N N 192 
ILE HD11 H N N 193 
ILE HD12 H N N 194 
ILE HD13 H N N 195 
ILE HXT  H N N 196 
LEU N    N N N 197 
LEU CA   C N S 198 
LEU C    C N N 199 
LEU O    O N N 200 
LEU CB   C N N 201 
LEU CG   C N N 202 
LEU CD1  C N N 203 
LEU CD2  C N N 204 
LEU OXT  O N N 205 
LEU H    H N N 206 
LEU H2   H N N 207 
LEU HA   H N N 208 
LEU HB2  H N N 209 
LEU HB3  H N N 210 
LEU HG   H N N 211 
LEU HD11 H N N 212 
LEU HD12 H N N 213 
LEU HD13 H N N 214 
LEU HD21 H N N 215 
LEU HD22 H N N 216 
LEU HD23 H N N 217 
LEU HXT  H N N 218 
LYS N    N N N 219 
LYS CA   C N S 220 
LYS C    C N N 221 
LYS O    O N N 222 
LYS CB   C N N 223 
LYS CG   C N N 224 
LYS CD   C N N 225 
LYS CE   C N N 226 
LYS NZ   N N N 227 
LYS OXT  O N N 228 
LYS H    H N N 229 
LYS H2   H N N 230 
LYS HA   H N N 231 
LYS HB2  H N N 232 
LYS HB3  H N N 233 
LYS HG2  H N N 234 
LYS HG3  H N N 235 
LYS HD2  H N N 236 
LYS HD3  H N N 237 
LYS HE2  H N N 238 
LYS HE3  H N N 239 
LYS HZ1  H N N 240 
LYS HZ2  H N N 241 
LYS HZ3  H N N 242 
LYS HXT  H N N 243 
MET N    N N N 244 
MET CA   C N S 245 
MET C    C N N 246 
MET O    O N N 247 
MET CB   C N N 248 
MET CG   C N N 249 
MET SD   S N N 250 
MET CE   C N N 251 
MET OXT  O N N 252 
MET H    H N N 253 
MET H2   H N N 254 
MET HA   H N N 255 
MET HB2  H N N 256 
MET HB3  H N N 257 
MET HG2  H N N 258 
MET HG3  H N N 259 
MET HE1  H N N 260 
MET HE2  H N N 261 
MET HE3  H N N 262 
MET HXT  H N N 263 
PHE N    N N N 264 
PHE CA   C N S 265 
PHE C    C N N 266 
PHE O    O N N 267 
PHE CB   C N N 268 
PHE CG   C Y N 269 
PHE CD1  C Y N 270 
PHE CD2  C Y N 271 
PHE CE1  C Y N 272 
PHE CE2  C Y N 273 
PHE CZ   C Y N 274 
PHE OXT  O N N 275 
PHE H    H N N 276 
PHE H2   H N N 277 
PHE HA   H N N 278 
PHE HB2  H N N 279 
PHE HB3  H N N 280 
PHE HD1  H N N 281 
PHE HD2  H N N 282 
PHE HE1  H N N 283 
PHE HE2  H N N 284 
PHE HZ   H N N 285 
PHE HXT  H N N 286 
PRO N    N N N 287 
PRO CA   C N S 288 
PRO C    C N N 289 
PRO O    O N N 290 
PRO CB   C N N 291 
PRO CG   C N N 292 
PRO CD   C N N 293 
PRO OXT  O N N 294 
PRO H    H N N 295 
PRO HA   H N N 296 
PRO HB2  H N N 297 
PRO HB3  H N N 298 
PRO HG2  H N N 299 
PRO HG3  H N N 300 
PRO HD2  H N N 301 
PRO HD3  H N N 302 
PRO HXT  H N N 303 
SER N    N N N 304 
SER CA   C N S 305 
SER C    C N N 306 
SER O    O N N 307 
SER CB   C N N 308 
SER OG   O N N 309 
SER OXT  O N N 310 
SER H    H N N 311 
SER H2   H N N 312 
SER HA   H N N 313 
SER HB2  H N N 314 
SER HB3  H N N 315 
SER HG   H N N 316 
SER HXT  H N N 317 
SO4 S    S N N 318 
SO4 O1   O N N 319 
SO4 O2   O N N 320 
SO4 O3   O N N 321 
SO4 O4   O N N 322 
THR N    N N N 323 
THR CA   C N S 324 
THR C    C N N 325 
THR O    O N N 326 
THR CB   C N R 327 
THR OG1  O N N 328 
THR CG2  C N N 329 
THR OXT  O N N 330 
THR H    H N N 331 
THR H2   H N N 332 
THR HA   H N N 333 
THR HB   H N N 334 
THR HG1  H N N 335 
THR HG21 H N N 336 
THR HG22 H N N 337 
THR HG23 H N N 338 
THR HXT  H N N 339 
TRP N    N N N 340 
TRP CA   C N S 341 
TRP C    C N N 342 
TRP O    O N N 343 
TRP CB   C N N 344 
TRP CG   C Y N 345 
TRP CD1  C Y N 346 
TRP CD2  C Y N 347 
TRP NE1  N Y N 348 
TRP CE2  C Y N 349 
TRP CE3  C Y N 350 
TRP CZ2  C Y N 351 
TRP CZ3  C Y N 352 
TRP CH2  C Y N 353 
TRP OXT  O N N 354 
TRP H    H N N 355 
TRP H2   H N N 356 
TRP HA   H N N 357 
TRP HB2  H N N 358 
TRP HB3  H N N 359 
TRP HD1  H N N 360 
TRP HE1  H N N 361 
TRP HE3  H N N 362 
TRP HZ2  H N N 363 
TRP HZ3  H N N 364 
TRP HH2  H N N 365 
TRP HXT  H N N 366 
TYR N    N N N 367 
TYR CA   C N S 368 
TYR C    C N N 369 
TYR O    O N N 370 
TYR CB   C N N 371 
TYR CG   C Y N 372 
TYR CD1  C Y N 373 
TYR CD2  C Y N 374 
TYR CE1  C Y N 375 
TYR CE2  C Y N 376 
TYR CZ   C Y N 377 
TYR OH   O N N 378 
TYR OXT  O N N 379 
TYR H    H N N 380 
TYR H2   H N N 381 
TYR HA   H N N 382 
TYR HB2  H N N 383 
TYR HB3  H N N 384 
TYR HD1  H N N 385 
TYR HD2  H N N 386 
TYR HE1  H N N 387 
TYR HE2  H N N 388 
TYR HH   H N N 389 
TYR HXT  H N N 390 
VAL N    N N N 391 
VAL CA   C N S 392 
VAL C    C N N 393 
VAL O    O N N 394 
VAL CB   C N N 395 
VAL CG1  C N N 396 
VAL CG2  C N N 397 
VAL OXT  O N N 398 
VAL H    H N N 399 
VAL H2   H N N 400 
VAL HA   H N N 401 
VAL HB   H N N 402 
VAL HG11 H N N 403 
VAL HG12 H N N 404 
VAL HG13 H N N 405 
VAL HG21 H N N 406 
VAL HG22 H N N 407 
VAL HG23 H N N 408 
VAL HXT  H N N 409 
# 
loop_
_chem_comp_bond.comp_id 
_chem_comp_bond.atom_id_1 
_chem_comp_bond.atom_id_2 
_chem_comp_bond.value_order 
_chem_comp_bond.pdbx_aromatic_flag 
_chem_comp_bond.pdbx_stereo_config 
_chem_comp_bond.pdbx_ordinal 
ALA N   CA   sing N N 1   
ALA N   H    sing N N 2   
ALA N   H2   sing N N 3   
ALA CA  C    sing N N 4   
ALA CA  CB   sing N N 5   
ALA CA  HA   sing N N 6   
ALA C   O    doub N N 7   
ALA C   OXT  sing N N 8   
ALA CB  HB1  sing N N 9   
ALA CB  HB2  sing N N 10  
ALA CB  HB3  sing N N 11  
ALA OXT HXT  sing N N 12  
ARG N   CA   sing N N 13  
ARG N   H    sing N N 14  
ARG N   H2   sing N N 15  
ARG CA  C    sing N N 16  
ARG CA  CB   sing N N 17  
ARG CA  HA   sing N N 18  
ARG C   O    doub N N 19  
ARG C   OXT  sing N N 20  
ARG CB  CG   sing N N 21  
ARG CB  HB2  sing N N 22  
ARG CB  HB3  sing N N 23  
ARG CG  CD   sing N N 24  
ARG CG  HG2  sing N N 25  
ARG CG  HG3  sing N N 26  
ARG CD  NE   sing N N 27  
ARG CD  HD2  sing N N 28  
ARG CD  HD3  sing N N 29  
ARG NE  CZ   sing N N 30  
ARG NE  HE   sing N N 31  
ARG CZ  NH1  sing N N 32  
ARG CZ  NH2  doub N N 33  
ARG NH1 HH11 sing N N 34  
ARG NH1 HH12 sing N N 35  
ARG NH2 HH21 sing N N 36  
ARG NH2 HH22 sing N N 37  
ARG OXT HXT  sing N N 38  
ASN N   CA   sing N N 39  
ASN N   H    sing N N 40  
ASN N   H2   sing N N 41  
ASN CA  C    sing N N 42  
ASN CA  CB   sing N N 43  
ASN CA  HA   sing N N 44  
ASN C   O    doub N N 45  
ASN C   OXT  sing N N 46  
ASN CB  CG   sing N N 47  
ASN CB  HB2  sing N N 48  
ASN CB  HB3  sing N N 49  
ASN CG  OD1  doub N N 50  
ASN CG  ND2  sing N N 51  
ASN ND2 HD21 sing N N 52  
ASN ND2 HD22 sing N N 53  
ASN OXT HXT  sing N N 54  
ASP N   CA   sing N N 55  
ASP N   H    sing N N 56  
ASP N   H2   sing N N 57  
ASP CA  C    sing N N 58  
ASP CA  CB   sing N N 59  
ASP CA  HA   sing N N 60  
ASP C   O    doub N N 61  
ASP C   OXT  sing N N 62  
ASP CB  CG   sing N N 63  
ASP CB  HB2  sing N N 64  
ASP CB  HB3  sing N N 65  
ASP CG  OD1  doub N N 66  
ASP CG  OD2  sing N N 67  
ASP OD2 HD2  sing N N 68  
ASP OXT HXT  sing N N 69  
CYS N   CA   sing N N 70  
CYS N   H    sing N N 71  
CYS N   H2   sing N N 72  
CYS CA  C    sing N N 73  
CYS CA  CB   sing N N 74  
CYS CA  HA   sing N N 75  
CYS C   O    doub N N 76  
CYS C   OXT  sing N N 77  
CYS CB  SG   sing N N 78  
CYS CB  HB2  sing N N 79  
CYS CB  HB3  sing N N 80  
CYS SG  HG   sing N N 81  
CYS OXT HXT  sing N N 82  
GLN N   CA   sing N N 83  
GLN N   H    sing N N 84  
GLN N   H2   sing N N 85  
GLN CA  C    sing N N 86  
GLN CA  CB   sing N N 87  
GLN CA  HA   sing N N 88  
GLN C   O    doub N N 89  
GLN C   OXT  sing N N 90  
GLN CB  CG   sing N N 91  
GLN CB  HB2  sing N N 92  
GLN CB  HB3  sing N N 93  
GLN CG  CD   sing N N 94  
GLN CG  HG2  sing N N 95  
GLN CG  HG3  sing N N 96  
GLN CD  OE1  doub N N 97  
GLN CD  NE2  sing N N 98  
GLN NE2 HE21 sing N N 99  
GLN NE2 HE22 sing N N 100 
GLN OXT HXT  sing N N 101 
GLU N   CA   sing N N 102 
GLU N   H    sing N N 103 
GLU N   H2   sing N N 104 
GLU CA  C    sing N N 105 
GLU CA  CB   sing N N 106 
GLU CA  HA   sing N N 107 
GLU C   O    doub N N 108 
GLU C   OXT  sing N N 109 
GLU CB  CG   sing N N 110 
GLU CB  HB2  sing N N 111 
GLU CB  HB3  sing N N 112 
GLU CG  CD   sing N N 113 
GLU CG  HG2  sing N N 114 
GLU CG  HG3  sing N N 115 
GLU CD  OE1  doub N N 116 
GLU CD  OE2  sing N N 117 
GLU OE2 HE2  sing N N 118 
GLU OXT HXT  sing N N 119 
GLY N   CA   sing N N 120 
GLY N   H    sing N N 121 
GLY N   H2   sing N N 122 
GLY CA  C    sing N N 123 
GLY CA  HA2  sing N N 124 
GLY CA  HA3  sing N N 125 
GLY C   O    doub N N 126 
GLY C   OXT  sing N N 127 
GLY OXT HXT  sing N N 128 
GOL C1  O1   sing N N 129 
GOL C1  C2   sing N N 130 
GOL C1  H11  sing N N 131 
GOL C1  H12  sing N N 132 
GOL O1  HO1  sing N N 133 
GOL C2  O2   sing N N 134 
GOL C2  C3   sing N N 135 
GOL C2  H2   sing N N 136 
GOL O2  HO2  sing N N 137 
GOL C3  O3   sing N N 138 
GOL C3  H31  sing N N 139 
GOL C3  H32  sing N N 140 
GOL O3  HO3  sing N N 141 
HIS N   CA   sing N N 142 
HIS N   H    sing N N 143 
HIS N   H2   sing N N 144 
HIS CA  C    sing N N 145 
HIS CA  CB   sing N N 146 
HIS CA  HA   sing N N 147 
HIS C   O    doub N N 148 
HIS C   OXT  sing N N 149 
HIS CB  CG   sing N N 150 
HIS CB  HB2  sing N N 151 
HIS CB  HB3  sing N N 152 
HIS CG  ND1  sing Y N 153 
HIS CG  CD2  doub Y N 154 
HIS ND1 CE1  doub Y N 155 
HIS ND1 HD1  sing N N 156 
HIS CD2 NE2  sing Y N 157 
HIS CD2 HD2  sing N N 158 
HIS CE1 NE2  sing Y N 159 
HIS CE1 HE1  sing N N 160 
HIS NE2 HE2  sing N N 161 
HIS OXT HXT  sing N N 162 
HOH O   H1   sing N N 163 
HOH O   H2   sing N N 164 
ILE N   CA   sing N N 165 
ILE N   H    sing N N 166 
ILE N   H2   sing N N 167 
ILE CA  C    sing N N 168 
ILE CA  CB   sing N N 169 
ILE CA  HA   sing N N 170 
ILE C   O    doub N N 171 
ILE C   OXT  sing N N 172 
ILE CB  CG1  sing N N 173 
ILE CB  CG2  sing N N 174 
ILE CB  HB   sing N N 175 
ILE CG1 CD1  sing N N 176 
ILE CG1 HG12 sing N N 177 
ILE CG1 HG13 sing N N 178 
ILE CG2 HG21 sing N N 179 
ILE CG2 HG22 sing N N 180 
ILE CG2 HG23 sing N N 181 
ILE CD1 HD11 sing N N 182 
ILE CD1 HD12 sing N N 183 
ILE CD1 HD13 sing N N 184 
ILE OXT HXT  sing N N 185 
LEU N   CA   sing N N 186 
LEU N   H    sing N N 187 
LEU N   H2   sing N N 188 
LEU CA  C    sing N N 189 
LEU CA  CB   sing N N 190 
LEU CA  HA   sing N N 191 
LEU C   O    doub N N 192 
LEU C   OXT  sing N N 193 
LEU CB  CG   sing N N 194 
LEU CB  HB2  sing N N 195 
LEU CB  HB3  sing N N 196 
LEU CG  CD1  sing N N 197 
LEU CG  CD2  sing N N 198 
LEU CG  HG   sing N N 199 
LEU CD1 HD11 sing N N 200 
LEU CD1 HD12 sing N N 201 
LEU CD1 HD13 sing N N 202 
LEU CD2 HD21 sing N N 203 
LEU CD2 HD22 sing N N 204 
LEU CD2 HD23 sing N N 205 
LEU OXT HXT  sing N N 206 
LYS N   CA   sing N N 207 
LYS N   H    sing N N 208 
LYS N   H2   sing N N 209 
LYS CA  C    sing N N 210 
LYS CA  CB   sing N N 211 
LYS CA  HA   sing N N 212 
LYS C   O    doub N N 213 
LYS C   OXT  sing N N 214 
LYS CB  CG   sing N N 215 
LYS CB  HB2  sing N N 216 
LYS CB  HB3  sing N N 217 
LYS CG  CD   sing N N 218 
LYS CG  HG2  sing N N 219 
LYS CG  HG3  sing N N 220 
LYS CD  CE   sing N N 221 
LYS CD  HD2  sing N N 222 
LYS CD  HD3  sing N N 223 
LYS CE  NZ   sing N N 224 
LYS CE  HE2  sing N N 225 
LYS CE  HE3  sing N N 226 
LYS NZ  HZ1  sing N N 227 
LYS NZ  HZ2  sing N N 228 
LYS NZ  HZ3  sing N N 229 
LYS OXT HXT  sing N N 230 
MET N   CA   sing N N 231 
MET N   H    sing N N 232 
MET N   H2   sing N N 233 
MET CA  C    sing N N 234 
MET CA  CB   sing N N 235 
MET CA  HA   sing N N 236 
MET C   O    doub N N 237 
MET C   OXT  sing N N 238 
MET CB  CG   sing N N 239 
MET CB  HB2  sing N N 240 
MET CB  HB3  sing N N 241 
MET CG  SD   sing N N 242 
MET CG  HG2  sing N N 243 
MET CG  HG3  sing N N 244 
MET SD  CE   sing N N 245 
MET CE  HE1  sing N N 246 
MET CE  HE2  sing N N 247 
MET CE  HE3  sing N N 248 
MET OXT HXT  sing N N 249 
PHE N   CA   sing N N 250 
PHE N   H    sing N N 251 
PHE N   H2   sing N N 252 
PHE CA  C    sing N N 253 
PHE CA  CB   sing N N 254 
PHE CA  HA   sing N N 255 
PHE C   O    doub N N 256 
PHE C   OXT  sing N N 257 
PHE CB  CG   sing N N 258 
PHE CB  HB2  sing N N 259 
PHE CB  HB3  sing N N 260 
PHE CG  CD1  doub Y N 261 
PHE CG  CD2  sing Y N 262 
PHE CD1 CE1  sing Y N 263 
PHE CD1 HD1  sing N N 264 
PHE CD2 CE2  doub Y N 265 
PHE CD2 HD2  sing N N 266 
PHE CE1 CZ   doub Y N 267 
PHE CE1 HE1  sing N N 268 
PHE CE2 CZ   sing Y N 269 
PHE CE2 HE2  sing N N 270 
PHE CZ  HZ   sing N N 271 
PHE OXT HXT  sing N N 272 
PRO N   CA   sing N N 273 
PRO N   CD   sing N N 274 
PRO N   H    sing N N 275 
PRO CA  C    sing N N 276 
PRO CA  CB   sing N N 277 
PRO CA  HA   sing N N 278 
PRO C   O    doub N N 279 
PRO C   OXT  sing N N 280 
PRO CB  CG   sing N N 281 
PRO CB  HB2  sing N N 282 
PRO CB  HB3  sing N N 283 
PRO CG  CD   sing N N 284 
PRO CG  HG2  sing N N 285 
PRO CG  HG3  sing N N 286 
PRO CD  HD2  sing N N 287 
PRO CD  HD3  sing N N 288 
PRO OXT HXT  sing N N 289 
SER N   CA   sing N N 290 
SER N   H    sing N N 291 
SER N   H2   sing N N 292 
SER CA  C    sing N N 293 
SER CA  CB   sing N N 294 
SER CA  HA   sing N N 295 
SER C   O    doub N N 296 
SER C   OXT  sing N N 297 
SER CB  OG   sing N N 298 
SER CB  HB2  sing N N 299 
SER CB  HB3  sing N N 300 
SER OG  HG   sing N N 301 
SER OXT HXT  sing N N 302 
SO4 S   O1   doub N N 303 
SO4 S   O2   doub N N 304 
SO4 S   O3   sing N N 305 
SO4 S   O4   sing N N 306 
THR N   CA   sing N N 307 
THR N   H    sing N N 308 
THR N   H2   sing N N 309 
THR CA  C    sing N N 310 
THR CA  CB   sing N N 311 
THR CA  HA   sing N N 312 
THR C   O    doub N N 313 
THR C   OXT  sing N N 314 
THR CB  OG1  sing N N 315 
THR CB  CG2  sing N N 316 
THR CB  HB   sing N N 317 
THR OG1 HG1  sing N N 318 
THR CG2 HG21 sing N N 319 
THR CG2 HG22 sing N N 320 
THR CG2 HG23 sing N N 321 
THR OXT HXT  sing N N 322 
TRP N   CA   sing N N 323 
TRP N   H    sing N N 324 
TRP N   H2   sing N N 325 
TRP CA  C    sing N N 326 
TRP CA  CB   sing N N 327 
TRP CA  HA   sing N N 328 
TRP C   O    doub N N 329 
TRP C   OXT  sing N N 330 
TRP CB  CG   sing N N 331 
TRP CB  HB2  sing N N 332 
TRP CB  HB3  sing N N 333 
TRP CG  CD1  doub Y N 334 
TRP CG  CD2  sing Y N 335 
TRP CD1 NE1  sing Y N 336 
TRP CD1 HD1  sing N N 337 
TRP CD2 CE2  doub Y N 338 
TRP CD2 CE3  sing Y N 339 
TRP NE1 CE2  sing Y N 340 
TRP NE1 HE1  sing N N 341 
TRP CE2 CZ2  sing Y N 342 
TRP CE3 CZ3  doub Y N 343 
TRP CE3 HE3  sing N N 344 
TRP CZ2 CH2  doub Y N 345 
TRP CZ2 HZ2  sing N N 346 
TRP CZ3 CH2  sing Y N 347 
TRP CZ3 HZ3  sing N N 348 
TRP CH2 HH2  sing N N 349 
TRP OXT HXT  sing N N 350 
TYR N   CA   sing N N 351 
TYR N   H    sing N N 352 
TYR N   H2   sing N N 353 
TYR CA  C    sing N N 354 
TYR CA  CB   sing N N 355 
TYR CA  HA   sing N N 356 
TYR C   O    doub N N 357 
TYR C   OXT  sing N N 358 
TYR CB  CG   sing N N 359 
TYR CB  HB2  sing N N 360 
TYR CB  HB3  sing N N 361 
TYR CG  CD1  doub Y N 362 
TYR CG  CD2  sing Y N 363 
TYR CD1 CE1  sing Y N 364 
TYR CD1 HD1  sing N N 365 
TYR CD2 CE2  doub Y N 366 
TYR CD2 HD2  sing N N 367 
TYR CE1 CZ   doub Y N 368 
TYR CE1 HE1  sing N N 369 
TYR CE2 CZ   sing Y N 370 
TYR CE2 HE2  sing N N 371 
TYR CZ  OH   sing N N 372 
TYR OH  HH   sing N N 373 
TYR OXT HXT  sing N N 374 
VAL N   CA   sing N N 375 
VAL N   H    sing N N 376 
VAL N   H2   sing N N 377 
VAL CA  C    sing N N 378 
VAL CA  CB   sing N N 379 
VAL CA  HA   sing N N 380 
VAL C   O    doub N N 381 
VAL C   OXT  sing N N 382 
VAL CB  CG1  sing N N 383 
VAL CB  CG2  sing N N 384 
VAL CB  HB   sing N N 385 
VAL CG1 HG11 sing N N 386 
VAL CG1 HG12 sing N N 387 
VAL CG1 HG13 sing N N 388 
VAL CG2 HG21 sing N N 389 
VAL CG2 HG22 sing N N 390 
VAL CG2 HG23 sing N N 391 
VAL OXT HXT  sing N N 392 
# 
_atom_sites.entry_id                    1QRW 
_atom_sites.fract_transf_matrix[1][1]   0.00694119 
_atom_sites.fract_transf_matrix[1][2]   -0.01587822 
_atom_sites.fract_transf_matrix[1][3]   0.00304225 
_atom_sites.fract_transf_matrix[2][1]   0.01739120 
_atom_sites.fract_transf_matrix[2][2]   -0.00237819 
_atom_sites.fract_transf_matrix[2][3]   -0.00121420 
_atom_sites.fract_transf_matrix[3][1]   0.00124267 
_atom_sites.fract_transf_matrix[3][2]   0.00287469 
_atom_sites.fract_transf_matrix[3][3]   0.01216845 
_atom_sites.fract_transf_vector[1]      0.601808 
_atom_sites.fract_transf_vector[2]      0.482383 
_atom_sites.fract_transf_vector[3]      0.181701 
# 
loop_
_atom_type.symbol 
C 
N 
O 
S 
# 
loop_
_atom_site.group_PDB 
_atom_site.id 
_atom_site.type_symbol 
_atom_site.label_atom_id 
_atom_site.label_alt_id 
_atom_site.label_comp_id 
_atom_site.label_asym_id 
_atom_site.label_entity_id 
_atom_site.label_seq_id 
_atom_site.pdbx_PDB_ins_code 
_atom_site.Cartn_x 
_atom_site.Cartn_y 
_atom_site.Cartn_z 
_atom_site.occupancy 
_atom_site.B_iso_or_equiv 
_atom_site.pdbx_formal_charge 
_atom_site.auth_seq_id 
_atom_site.auth_comp_id 
_atom_site.auth_asym_id 
_atom_site.auth_atom_id 
_atom_site.pdbx_PDB_model_num 
ATOM   1    N N   . ALA A 1 1   ? -17.692 1.889   -6.357  1.00 7.27  ? 1   ALA A N   1 
ATOM   2    C CA  . ALA A 1 1   ? -16.464 1.433   -7.062  1.00 6.93  ? 1   ALA A CA  1 
ATOM   3    C C   . ALA A 1 1   ? -16.016 0.083   -6.521  1.00 6.49  ? 1   ALA A C   1 
ATOM   4    O O   . ALA A 1 1   ? -16.350 -0.286  -5.393  1.00 6.91  ? 1   ALA A O   1 
ATOM   5    C CB  . ALA A 1 1   ? -15.348 2.459   -6.878  1.00 6.95  ? 1   ALA A CB  1 
ATOM   6    N N   . ASN A 1 2   ? -15.271 -0.655  -7.336  1.00 6.11  ? 2   ASN A N   1 
ATOM   7    C CA  . ASN A 1 2   ? -14.745 -1.949  -6.925  1.00 5.82  ? 2   ASN A CA  1 
ATOM   8    C C   . ASN A 1 2   ? -13.369 -1.690  -6.324  1.00 5.84  ? 2   ASN A C   1 
ATOM   9    O O   . ASN A 1 2   ? -12.489 -1.108  -6.964  1.00 6.36  ? 2   ASN A O   1 
ATOM   10   C CB  . ASN A 1 2   ? -14.662 -2.901  -8.122  1.00 5.80  ? 2   ASN A CB  1 
ATOM   11   C CG  . ASN A 1 2   ? -16.007 -3.523  -8.451  1.00 5.82  ? 2   ASN A CG  1 
ATOM   12   O OD1 . ASN A 1 2   ? -17.049 -3.025  -8.024  1.00 6.16  ? 2   ASN A OD1 1 
ATOM   13   N ND2 . ASN A 1 2   ? -15.991 -4.616  -9.207  1.00 6.09  ? 2   ASN A ND2 1 
ATOM   14   N N   . ILE A 1 3   ? -13.196 -2.115  -5.079  1.00 5.61  ? 3   ILE A N   1 
ATOM   15   C CA  . ILE A 1 3   ? -11.956 -1.900  -4.353  1.00 5.57  ? 3   ILE A CA  1 
ATOM   16   C C   . ILE A 1 3   ? -10.971 -3.041  -4.584  1.00 5.57  ? 3   ILE A C   1 
ATOM   17   O O   . ILE A 1 3   ? -11.165 -4.162  -4.109  1.00 6.26  ? 3   ILE A O   1 
ATOM   18   C CB  . ILE A 1 3   ? -12.256 -1.733  -2.848  1.00 5.89  ? 3   ILE A CB  1 
ATOM   19   C CG1 . ILE A 1 3   ? -13.384 -0.709  -2.653  1.00 6.27  ? 3   ILE A CG1 1 
ATOM   20   C CG2 . ILE A 1 3   ? -11.005 -1.297  -2.111  1.00 6.24  ? 3   ILE A CG2 1 
ATOM   21   C CD1 . ILE A 1 3   ? -13.099 0.676   -3.231  1.00 6.65  ? 3   ILE A CD1 1 
ATOM   22   N N   . VAL A 1 4   ? -9.911  -2.727  -5.323  1.00 5.18  ? 4   VAL A N   1 
ATOM   23   C CA  . VAL A 1 4   ? -8.866  -3.680  -5.687  1.00 5.40  ? 4   VAL A CA  1 
ATOM   24   C C   . VAL A 1 4   ? -7.513  -3.073  -5.324  1.00 5.14  ? 4   VAL A C   1 
ATOM   25   O O   . VAL A 1 4   ? -7.277  -1.889  -5.573  1.00 5.38  ? 4   VAL A O   1 
ATOM   26   C CB  . VAL A 1 4   ? -8.906  -3.952  -7.217  1.00 5.44  ? 4   VAL A CB  1 
ATOM   27   C CG1 . VAL A 1 4   ? -7.747  -4.842  -7.638  1.00 6.27  ? 4   VAL A CG1 1 
ATOM   28   C CG2 . VAL A 1 4   ? -10.239 -4.578  -7.599  1.00 6.18  ? 4   VAL A CG2 1 
ATOM   29   N N   . GLY A 1 5   ? -6.627  -3.871  -4.737  1.00 5.02  ? 5   GLY A N   1 
ATOM   30   C CA  . GLY A 1 5   ? -5.322  -3.354  -4.372  1.00 5.24  ? 5   GLY A CA  1 
ATOM   31   C C   . GLY A 1 5   ? -4.528  -2.863  -5.568  1.00 5.17  ? 5   GLY A C   1 
ATOM   32   O O   . GLY A 1 5   ? -4.553  -3.477  -6.640  1.00 5.62  ? 5   GLY A O   1 
ATOM   33   N N   . GLY A 1 6   ? -3.834  -1.742  -5.385  1.00 5.19  ? 6   GLY A N   1 
ATOM   34   C CA  . GLY A 1 6   ? -3.010  -1.191  -6.444  1.00 5.65  ? 6   GLY A CA  1 
ATOM   35   C C   . GLY A 1 6   ? -3.633  -0.101  -7.293  1.00 5.83  ? 6   GLY A C   1 
ATOM   36   O O   . GLY A 1 6   ? -2.908  0.645   -7.957  1.00 6.33  ? 6   GLY A O   1 
ATOM   37   N N   . ILE A 1 7   ? -4.957  0.014   -7.274  1.00 5.63  ? 7   ILE A N   1 
ATOM   38   C CA  . ILE A 1 7   ? -5.614  1.022   -8.095  1.00 5.97  ? 7   ILE A CA  1 
ATOM   39   C C   . ILE A 1 7   ? -5.494  2.434   -7.536  1.00 5.73  ? 7   ILE A C   1 
ATOM   40   O O   . ILE A 1 7   ? -5.292  2.650   -6.341  1.00 5.65  ? 7   ILE A O   1 
ATOM   41   C CB  . ILE A 1 7   ? -7.114  0.684   -8.341  1.00 6.17  ? 7   ILE A CB  1 
ATOM   42   C CG1 . ILE A 1 7   ? -7.929  0.881   -7.058  1.00 6.14  ? 7   ILE A CG1 1 
ATOM   43   C CG2 . ILE A 1 7   ? -7.237  -0.736  -8.880  1.00 6.61  ? 7   ILE A CG2 1 
ATOM   44   C CD1 . ILE A 1 7   ? -9.419  0.622   -7.219  1.00 6.66  ? 7   ILE A CD1 1 
ATOM   45   N N   . GLU A 1 8   ? -5.618  3.400   -8.432  1.00 5.98  ? 8   GLU A N   1 
ATOM   46   C CA  . GLU A 1 8   ? -5.510  4.803   -8.079  1.00 6.17  ? 8   GLU A CA  1 
ATOM   47   C C   . GLU A 1 8   ? -6.736  5.377   -7.381  1.00 6.11  ? 8   GLU A C   1 
ATOM   48   O O   . GLU A 1 8   ? -7.867  4.977   -7.648  1.00 6.56  ? 8   GLU A O   1 
ATOM   49   C CB  . GLU A 1 8   ? -5.242  5.606   -9.351  1.00 6.96  ? 8   GLU A CB  1 
ATOM   50   C CG  . GLU A 1 8   ? -5.269  7.112   -9.195  1.00 8.22  ? 8   GLU A CG  1 
ATOM   51   C CD  . GLU A 1 8   ? -4.989  7.806   -10.510 1.00 9.13  ? 8   GLU A CD  1 
ATOM   52   O OE1 . GLU A 1 8   ? -5.869  8.550   -10.991 1.00 10.37 ? 8   GLU A OE1 1 
ATOM   53   O OE2 . GLU A 1 8   ? -3.889  7.593   -11.065 1.00 10.10 ? 8   GLU A OE2 1 
ATOM   54   N N   . TYR A 1 9   ? -6.491  6.304   -6.463  1.00 5.99  ? 9   TYR A N   1 
ATOM   55   C CA  . TYR A 1 9   ? -7.555  7.029   -5.787  1.00 5.60  ? 9   TYR A CA  1 
ATOM   56   C C   . TYR A 1 9   ? -6.969  8.398   -5.474  1.00 5.65  ? 9   TYR A C   1 
ATOM   57   O O   . TYR A 1 9   ? -5.752  8.545   -5.339  1.00 6.00  ? 9   TYR A O   1 
ATOM   58   C CB  . TYR A 1 9   ? -8.042  6.320   -4.509  1.00 5.57  ? 9   TYR A CB  1 
ATOM   59   C CG  . TYR A 1 9   ? -7.115  6.375   -3.319  1.00 5.48  ? 9   TYR A CG  1 
ATOM   60   C CD1 . TYR A 1 9   ? -7.268  7.351   -2.334  1.00 5.57  ? 9   TYR A CD1 1 
ATOM   61   C CD2 . TYR A 1 9   ? -6.099  5.437   -3.167  1.00 5.29  ? 9   TYR A CD2 1 
ATOM   62   C CE1 . TYR A 1 9   ? -6.427  7.392   -1.225  1.00 5.48  ? 9   TYR A CE1 1 
ATOM   63   C CE2 . TYR A 1 9   ? -5.251  5.467   -2.063  1.00 5.53  ? 9   TYR A CE2 1 
ATOM   64   C CZ  . TYR A 1 9   ? -5.420  6.449   -1.097  1.00 5.22  ? 9   TYR A CZ  1 
ATOM   65   O OH  . TYR A 1 9   ? -4.574  6.502   -0.013  1.00 5.80  ? 9   TYR A OH  1 
ATOM   66   N N   . SER A 1 10  ? -7.828  9.407   -5.404  1.00 5.74  ? 10  SER A N   1 
ATOM   67   C CA  . SER A 1 10  ? -7.372  10.758  -5.110  1.00 5.72  ? 10  SER A CA  1 
ATOM   68   C C   . SER A 1 10  ? -7.791  11.155  -3.706  1.00 5.69  ? 10  SER A C   1 
ATOM   69   O O   . SER A 1 10  ? -8.755  10.616  -3.154  1.00 6.13  ? 10  SER A O   1 
ATOM   70   C CB  . SER A 1 10  ? -7.943  11.755  -6.126  1.00 6.22  ? 10  SER A CB  1 
ATOM   71   O OG  . SER A 1 10  ? -9.334  11.931  -5.938  1.00 6.99  ? 10  SER A OG  1 
ATOM   72   N N   . ILE A 1 11  ? -7.055  12.106  -3.142  1.00 5.88  ? 11  ILE A N   1 
ATOM   73   C CA  . ILE A 1 11  ? -7.313  12.600  -1.797  1.00 5.83  ? 11  ILE A CA  1 
ATOM   74   C C   . ILE A 1 11  ? -7.609  14.098  -1.877  1.00 6.22  ? 11  ILE A C   1 
ATOM   75   O O   . ILE A 1 11  ? -6.777  14.887  -2.339  1.00 6.52  ? 11  ILE A O   1 
ATOM   76   C CB  . ILE A 1 11  ? -6.089  12.344  -0.884  1.00 5.83  ? 11  ILE A CB  1 
ATOM   77   C CG1 . ILE A 1 11  ? -5.747  10.849  -0.883  1.00 5.83  ? 11  ILE A CG1 1 
ATOM   78   C CG2 . ILE A 1 11  ? -6.384  12.808  0.532   1.00 6.18  ? 11  ILE A CG2 1 
ATOM   79   C CD1 . ILE A 1 11  ? -4.641  10.458  -1.841  1.00 6.26  ? 11  ILE A CD1 1 
ATOM   80   N N   . ASN A 1 12  ? -8.806  14.479  -1.438  1.00 6.57  ? 12  ASN A N   1 
ATOM   81   C CA  . ASN A 1 12  ? -9.251  15.869  -1.470  1.00 7.38  ? 12  ASN A CA  1 
ATOM   82   C C   . ASN A 1 12  ? -9.055  16.506  -2.848  1.00 7.47  ? 12  ASN A C   1 
ATOM   83   O O   . ASN A 1 12  ? -8.665  17.673  -2.969  1.00 7.60  ? 12  ASN A O   1 
ATOM   84   C CB  . ASN A 1 12  ? -8.527  16.681  -0.392  1.00 8.15  ? 12  ASN A CB  1 
ATOM   85   C CG  . ASN A 1 12  ? -9.097  16.441  0.996   1.00 8.77  ? 12  ASN A CG  1 
ATOM   86   O OD1 . ASN A 1 12  ? -10.221 15.962  1.145   1.00 9.26  ? 12  ASN A OD1 1 
ATOM   87   N ND2 . ASN A 1 12  ? -8.322  16.775  2.018   1.00 9.77  ? 12  ASN A ND2 1 
ATOM   88   N N   . ASN A 1 13  ? -9.336  15.721  -3.887  1.00 7.45  ? 13  ASN A N   1 
ATOM   89   C CA  . ASN A 1 13  ? -9.225  16.176  -5.271  1.00 7.68  ? 13  ASN A CA  1 
ATOM   90   C C   . ASN A 1 13  ? -7.829  16.679  -5.619  1.00 7.63  ? 13  ASN A C   1 
ATOM   91   O O   . ASN A 1 13  ? -7.658  17.457  -6.561  1.00 7.75  ? 13  ASN A O   1 
ATOM   92   C CB  . ASN A 1 13  ? -10.247 17.287  -5.540  1.00 8.33  ? 13  ASN A CB  1 
ATOM   93   C CG  . ASN A 1 13  ? -11.535 16.762  -6.146  1.00 9.06  ? 13  ASN A CG  1 
ATOM   94   O OD1 . ASN A 1 13  ? -11.528 15.794  -6.904  1.00 9.60  ? 13  ASN A OD1 1 
ATOM   95   N ND2 . ASN A 1 13  ? -12.649 17.406  -5.817  1.00 9.81  ? 13  ASN A ND2 1 
ATOM   96   N N   . ALA A 1 14  ? -6.827  16.215  -4.879  1.00 7.54  ? 14  ALA A N   1 
ATOM   97   C CA  . ALA A 1 14  ? -5.460  16.658  -5.113  1.00 7.59  ? 14  ALA A CA  1 
ATOM   98   C C   . ALA A 1 14  ? -4.463  15.524  -5.346  1.00 7.40  ? 14  ALA A C   1 
ATOM   99   O O   . ALA A 1 14  ? -4.246  15.105  -6.481  1.00 7.64  ? 14  ALA A O   1 
ATOM   100  C CB  . ALA A 1 14  ? -5.004  17.534  -3.953  1.00 7.91  ? 14  ALA A CB  1 
ATOM   101  N N   . SER A 1 15  ? -3.853  15.028  -4.275  1.00 7.17  ? 15  SER A N   1 
ATOM   102  C CA  . SER A 1 15  ? -2.876  13.958  -4.409  1.00 7.10  ? 15  SER A CA  1 
ATOM   103  C C   . SER A 1 15  ? -3.488  12.647  -4.876  1.00 7.07  ? 15  SER A C   1 
ATOM   104  O O   . SER A 1 15  ? -4.687  12.411  -4.719  1.00 6.84  ? 15  SER A O   1 
ATOM   105  C CB  . SER A 1 15  ? -2.158  13.724  -3.081  1.00 7.68  ? 15  SER A CB  1 
ATOM   106  O OG  . SER A 1 15  ? -1.306  14.809  -2.771  1.00 8.22  ? 15  SER A OG  1 
ATOM   107  N N   . LEU A 1 16  ? -2.645  11.801  -5.454  1.00 7.09  ? 16  LEU A N   1 
ATOM   108  C CA  . LEU A 1 16  ? -3.064  10.492  -5.934  1.00 7.50  ? 16  LEU A CA  1 
ATOM   109  C C   . LEU A 1 16  ? -2.198  9.422   -5.274  1.00 7.24  ? 16  LEU A C   1 
ATOM   110  O O   . LEU A 1 16  ? -0.975  9.546   -5.222  1.00 8.71  ? 16  LEU A O   1 
ATOM   111  C CB  . LEU A 1 16  ? -2.912  10.403  -7.456  1.00 8.65  ? 16  LEU A CB  1 
ATOM   112  C CG  . LEU A 1 16  ? -3.715  11.385  -8.317  1.00 9.29  ? 16  LEU A CG  1 
ATOM   113  C CD1 . LEU A 1 16  ? -3.342  11.220  -9.784  1.00 10.06 ? 16  LEU A CD1 1 
ATOM   114  C CD2 . LEU A 1 16  ? -5.200  11.148  -8.112  1.00 9.96  ? 16  LEU A CD2 1 
ATOM   115  N N   . CYS A 1 17  ? -2.837  8.382   -4.753  1.00 6.50  ? 17  CYS A N   1 
ATOM   116  C CA  . CYS A 1 17  ? -2.122  7.275   -4.128  1.00 6.03  ? 17  CYS A CA  1 
ATOM   117  C C   . CYS A 1 17  ? -2.724  5.976   -4.650  1.00 5.46  ? 17  CYS A C   1 
ATOM   118  O O   . CYS A 1 17  ? -3.589  5.997   -5.527  1.00 5.58  ? 17  CYS A O   1 
ATOM   119  C CB  . CYS A 1 17  ? -2.239  7.351   -2.602  1.00 6.27  ? 17  CYS A CB  1 
ATOM   120  S SG  . CYS A 1 17  ? -0.977  8.394   -1.796  1.00 7.45  ? 17  CYS A SG  1 
ATOM   121  N N   . SER A 1 18  ? -2.258  4.851   -4.115  1.00 5.03  ? 18  SER A N   1 
ATOM   122  C CA  . SER A 1 18  ? -2.741  3.541   -4.536  1.00 4.97  ? 18  SER A CA  1 
ATOM   123  C C   . SER A 1 18  ? -3.397  2.809   -3.371  1.00 4.79  ? 18  SER A C   1 
ATOM   124  O O   . SER A 1 18  ? -2.973  2.937   -2.224  1.00 5.00  ? 18  SER A O   1 
ATOM   125  C CB  . SER A 1 18  ? -1.576  2.710   -5.080  1.00 5.16  ? 18  SER A CB  1 
ATOM   126  O OG  . SER A 1 18  ? -0.937  3.371   -6.162  1.00 5.45  ? 18  SER A OG  1 
ATOM   127  N N   . VAL A 1 19  ? -4.442  2.043   -3.673  1.00 4.73  ? 19  VAL A N   1 
ATOM   128  C CA  . VAL A 1 19  ? -5.157  1.275   -2.658  1.00 4.61  ? 19  VAL A CA  1 
ATOM   129  C C   . VAL A 1 19  ? -4.280  0.132   -2.145  1.00 4.50  ? 19  VAL A C   1 
ATOM   130  O O   . VAL A 1 19  ? -3.572  -0.513  -2.923  1.00 4.51  ? 19  VAL A O   1 
ATOM   131  C CB  . VAL A 1 19  ? -6.465  0.680   -3.249  1.00 4.84  ? 19  VAL A CB  1 
ATOM   132  C CG1 . VAL A 1 19  ? -7.087  -0.322  -2.281  1.00 4.85  ? 19  VAL A CG1 1 
ATOM   133  C CG2 . VAL A 1 19  ? -7.448  1.797   -3.566  1.00 5.34  ? 19  VAL A CG2 1 
ATOM   134  N N   . GLY A 1 20  ? -4.319  -0.105  -0.836  1.00 4.42  ? 20  GLY A N   1 
ATOM   135  C CA  . GLY A 1 20  ? -3.546  -1.188  -0.254  1.00 4.38  ? 20  GLY A CA  1 
ATOM   136  C C   . GLY A 1 20  ? -4.330  -2.491  -0.298  1.00 4.39  ? 20  GLY A C   1 
ATOM   137  O O   . GLY A 1 20  ? -4.111  -3.325  -1.180  1.00 4.61  ? 20  GLY A O   1 
ATOM   138  N N   . PHE A 1 21  ? -5.247  -2.673  0.652   1.00 4.14  ? 21  PHE A N   1 
ATOM   139  C CA  . PHE A 1 21  ? -6.071  -3.883  0.710   1.00 4.55  ? 21  PHE A CA  1 
ATOM   140  C C   . PHE A 1 21  ? -7.460  -3.625  1.258   1.00 4.61  ? 21  PHE A C   1 
ATOM   141  O O   . PHE A 1 21  ? -7.641  -2.796  2.158   1.00 4.84  ? 21  PHE A O   1 
ATOM   142  C CB  . PHE A 1 21  ? -5.446  -4.944  1.618   1.00 4.76  ? 21  PHE A CB  1 
ATOM   143  C CG  . PHE A 1 21  ? -4.076  -5.364  1.211   1.00 5.02  ? 21  PHE A CG  1 
ATOM   144  C CD1 . PHE A 1 21  ? -3.894  -6.317  0.214   1.00 5.23  ? 21  PHE A CD1 1 
ATOM   145  C CD2 . PHE A 1 21  ? -2.958  -4.808  1.822   1.00 5.32  ? 21  PHE A CD2 1 
ATOM   146  C CE1 . PHE A 1 21  ? -2.618  -6.708  -0.167  1.00 5.69  ? 21  PHE A CE1 1 
ATOM   147  C CE2 . PHE A 1 21  ? -1.677  -5.192  1.446   1.00 5.77  ? 21  PHE A CE2 1 
ATOM   148  C CZ  . PHE A 1 21  ? -1.509  -6.143  0.450   1.00 5.62  ? 21  PHE A CZ  1 
ATOM   149  N N   . SER A 1 22  ? -8.428  -4.366  0.727   1.00 4.66  ? 22  SER A N   1 
ATOM   150  C CA  . SER A 1 22  ? -9.804  -4.296  1.202   1.00 4.89  ? 22  SER A CA  1 
ATOM   151  C C   . SER A 1 22  ? -9.826  -4.914  2.601   1.00 4.69  ? 22  SER A C   1 
ATOM   152  O O   . SER A 1 22  ? -9.225  -5.969  2.828   1.00 4.63  ? 22  SER A O   1 
ATOM   153  C CB  . SER A 1 22  ? -10.722 -5.115  0.292   1.00 5.06  ? 22  SER A CB  1 
ATOM   154  O OG  . SER A 1 22  ? -10.830 -4.539  -0.995  1.00 6.27  ? 22  SER A OG  1 
ATOM   155  N N   . VAL A 1 23  ? -10.519 -4.257  3.528   1.00 4.75  ? 23  VAL A N   1 
ATOM   156  C CA  . VAL A 1 23  ? -10.637 -4.735  4.903   1.00 5.18  ? 23  VAL A CA  1 
ATOM   157  C C   . VAL A 1 23  ? -12.018 -4.398  5.442   1.00 5.15  ? 23  VAL A C   1 
ATOM   158  O O   . VAL A 1 23  ? -12.760 -3.622  4.838   1.00 5.19  ? 23  VAL A O   1 
ATOM   159  C CB  . VAL A 1 23  ? -9.617  -4.045  5.857   1.00 5.16  ? 23  VAL A CB  1 
ATOM   160  C CG1 . VAL A 1 23  ? -8.195  -4.375  5.450   1.00 5.73  ? 23  VAL A CG1 1 
ATOM   161  C CG2 . VAL A 1 23  ? -9.846  -2.535  5.867   1.00 5.58  ? 23  VAL A CG2 1 
ATOM   162  N N   . THR A 1 24  ? -12.357 -5.002  6.577   1.00 6.04  ? 24  THR A N   1 
ATOM   163  C CA  . THR A 1 24  ? -13.612 -4.709  7.251   1.00 6.45  ? 24  THR A CA  1 
ATOM   164  C C   . THR A 1 24  ? -13.298 -4.401  8.708   1.00 6.58  ? 24  THR A C   1 
ATOM   165  O O   . THR A 1 24  ? -12.288 -4.847  9.253   1.00 6.61  ? 24  THR A O   1 
ATOM   166  C CB  . THR A 1 24  ? -14.619 -5.889  7.226   1.00 7.06  ? 24  THR A CB  1 
ATOM   167  O OG1 . THR A 1 24  ? -14.064 -7.016  7.913   1.00 7.74  ? 24  THR A OG1 1 
ATOM   168  C CG2 . THR A 1 24  ? -14.966 -6.273  5.800   1.00 7.53  ? 24  THR A CG2 1 
ATOM   169  N N   . ARG A 1 25  ? -14.164 -3.607  9.320   1.00 6.90  ? 25  ARG A N   1 
ATOM   170  C CA  . ARG A 1 25  ? -14.053 -3.262  10.731  1.00 7.36  ? 25  ARG A CA  1 
ATOM   171  C C   . ARG A 1 25  ? -15.494 -3.405  11.189  1.00 7.37  ? 25  ARG A C   1 
ATOM   172  O O   . ARG A 1 25  ? -16.263 -2.444  11.189  1.00 7.47  ? 25  ARG A O   1 
ATOM   173  C CB  . ARG A 1 25  ? -13.571 -1.825  10.917  1.00 8.05  ? 25  ARG A CB  1 
ATOM   174  C CG  . ARG A 1 25  ? -13.034 -1.540  12.313  1.00 8.71  ? 25  ARG A CG  1 
ATOM   175  C CD  . ARG A 1 25  ? -12.606 -0.090  12.433  1.00 9.55  ? 25  ARG A CD  1 
ATOM   176  N NE  . ARG A 1 25  ? -12.033 0.237   13.735  1.00 10.46 ? 25  ARG A NE  1 
ATOM   177  C CZ  . ARG A 1 25  ? -12.729 0.724   14.758  1.00 10.84 ? 25  ARG A CZ  1 
ATOM   178  N NH1 . ARG A 1 25  ? -12.121 0.994   15.904  1.00 11.19 ? 25  ARG A NH1 1 
ATOM   179  N NH2 . ARG A 1 25  ? -14.034 0.934   14.640  1.00 11.31 ? 25  ARG A NH2 1 
ATOM   180  N N   . GLY A 1 26  ? -15.859 -4.624  11.563  1.00 7.44  ? 26  GLY A N   1 
ATOM   181  C CA  . GLY A 1 26  ? -17.231 -4.870  11.948  1.00 7.85  ? 26  GLY A CA  1 
ATOM   182  C C   . GLY A 1 26  ? -18.032 -4.746  10.663  1.00 7.73  ? 26  GLY A C   1 
ATOM   183  O O   . GLY A 1 26  ? -17.675 -5.338  9.642   1.00 8.57  ? 26  GLY A O   1 
ATOM   184  N N   . ALA A 1 27  ? -19.100 -3.955  10.694  1.00 7.66  ? 27  ALA A N   1 
ATOM   185  C CA  . ALA A 1 27  ? -19.938 -3.762  9.517   1.00 7.91  ? 27  ALA A CA  1 
ATOM   186  C C   . ALA A 1 27  ? -19.373 -2.708  8.563   1.00 7.96  ? 27  ALA A C   1 
ATOM   187  O O   . ALA A 1 27  ? -19.883 -2.531  7.458   1.00 9.12  ? 27  ALA A O   1 
ATOM   188  C CB  . ALA A 1 27  ? -21.342 -3.366  9.946   1.00 8.27  ? 27  ALA A CB  1 
ATOM   189  N N   . THR A 1 28  ? -18.321 -2.014  8.986   1.00 7.45  ? 28  THR A N   1 
ATOM   190  C CA  . THR A 1 28  ? -17.721 -0.970  8.163   1.00 7.29  ? 28  THR A CA  1 
ATOM   191  C C   . THR A 1 28  ? -16.741 -1.492  7.119   1.00 6.92  ? 28  THR A C   1 
ATOM   192  O O   . THR A 1 28  ? -15.862 -2.298  7.424   1.00 7.56  ? 28  THR A O   1 
ATOM   193  C CB  . THR A 1 28  ? -16.985 0.062   9.040   1.00 7.42  ? 28  THR A CB  1 
ATOM   194  O OG1 . THR A 1 28  ? -17.849 0.484   10.104  1.00 8.53  ? 28  THR A OG1 1 
ATOM   195  C CG2 . THR A 1 28  ? -16.566 1.272   8.213   1.00 8.09  ? 28  THR A CG2 1 
ATOM   196  N N   . LYS A 1 29  ? -16.904 -1.020  5.887   1.00 6.19  ? 29  LYS A N   1 
ATOM   197  C CA  . LYS A 1 29  ? -16.025 -1.403  4.788   1.00 6.01  ? 29  LYS A CA  1 
ATOM   198  C C   . LYS A 1 29  ? -14.878 -0.400  4.710   1.00 5.68  ? 29  LYS A C   1 
ATOM   199  O O   . LYS A 1 29  ? -15.042 0.764   5.078   1.00 5.95  ? 29  LYS A O   1 
ATOM   200  C CB  . LYS A 1 29  ? -16.790 -1.381  3.464   1.00 6.65  ? 29  LYS A CB  1 
ATOM   201  C CG  . LYS A 1 29  ? -17.973 -2.326  3.407   1.00 7.15  ? 29  LYS A CG  1 
ATOM   202  C CD  . LYS A 1 29  ? -18.641 -2.283  2.044   1.00 7.44  ? 29  LYS A CD  1 
ATOM   203  C CE  . LYS A 1 29  ? -19.804 -3.259  1.977   1.00 7.85  ? 29  LYS A CE  1 
ATOM   204  N NZ  . LYS A 1 29  ? -20.438 -3.268  0.629   1.00 8.21  ? 29  LYS A NZ  1 
ATOM   205  N N   . GLY A 1 30  ? -13.719 -0.842  4.235   1.00 5.50  ? 30  GLY A N   1 
ATOM   206  C CA  . GLY A 1 30  ? -12.607 0.080   4.102   1.00 5.51  ? 30  GLY A CA  1 
ATOM   207  C C   . GLY A 1 30  ? -11.417 -0.499  3.371   1.00 4.80  ? 30  GLY A C   1 
ATOM   208  O O   . GLY A 1 30  ? -11.467 -1.623  2.864   1.00 5.01  ? 30  GLY A O   1 
ATOM   209  N N   . PHE A 1 31  ? -10.366 0.305   3.246   1.00 4.71  ? 31  PHE A N   1 
ATOM   210  C CA  . PHE A 1 31  ? -9.125  -0.177  2.664   1.00 4.92  ? 31  PHE A CA  1 
ATOM   211  C C   . PHE A 1 31  ? -7.957  0.467   3.389   1.00 4.61  ? 31  PHE A C   1 
ATOM   212  O O   . PHE A 1 31  ? -8.045  1.614   3.841   1.00 5.14  ? 31  PHE A O   1 
ATOM   213  C CB  . PHE A 1 31  ? -9.043  0.035   1.127   1.00 4.88  ? 31  PHE A CB  1 
ATOM   214  C CG  . PHE A 1 31  ? -8.908  1.472   0.663   1.00 5.00  ? 31  PHE A CG  1 
ATOM   215  C CD1 . PHE A 1 31  ? -7.701  2.166   0.775   1.00 5.16  ? 31  PHE A CD1 1 
ATOM   216  C CD2 . PHE A 1 31  ? -9.965  2.090   -0.003  1.00 5.36  ? 31  PHE A CD2 1 
ATOM   217  C CE1 . PHE A 1 31  ? -7.553  3.448   0.221   1.00 5.77  ? 31  PHE A CE1 1 
ATOM   218  C CE2 . PHE A 1 31  ? -9.827  3.367   -0.558  1.00 5.72  ? 31  PHE A CE2 1 
ATOM   219  C CZ  . PHE A 1 31  ? -8.619  4.044   -0.447  1.00 5.65  ? 31  PHE A CZ  1 
ATOM   220  N N   . VAL A 1 32  ? -6.886  -0.299  3.569   1.00 4.39  ? 32  VAL A N   1 
ATOM   221  C CA  . VAL A 1 32  ? -5.704  0.235   4.222   1.00 4.46  ? 32  VAL A CA  1 
ATOM   222  C C   . VAL A 1 32  ? -4.827  0.850   3.138   1.00 4.60  ? 32  VAL A C   1 
ATOM   223  O O   . VAL A 1 32  ? -4.885  0.454   1.971   1.00 4.93  ? 32  VAL A O   1 
ATOM   224  C CB  . VAL A 1 32  ? -4.905  -0.850  5.005   1.00 4.73  ? 32  VAL A CB  1 
ATOM   225  C CG1 . VAL A 1 32  ? -5.704  -1.303  6.215   1.00 5.08  ? 32  VAL A CG1 1 
ATOM   226  C CG2 . VAL A 1 32  ? -4.565  -2.024  4.107   1.00 5.42  ? 32  VAL A CG2 1 
ATOM   227  N N   . THR A 1 33  ? -4.026  1.828   3.537   1.00 4.74  ? 33  THR A N   1 
ATOM   228  C CA  . THR A 1 33  ? -3.156  2.539   2.616   1.00 4.87  ? 33  THR A CA  1 
ATOM   229  C C   . THR A 1 33  ? -2.070  3.225   3.453   1.00 4.72  ? 33  THR A C   1 
ATOM   230  O O   . THR A 1 33  ? -1.945  2.945   4.646   1.00 5.04  ? 33  THR A O   1 
ATOM   231  C CB  . THR A 1 33  ? -4.003  3.557   1.792   1.00 4.93  ? 33  THR A CB  1 
ATOM   232  O OG1 . THR A 1 33  ? -3.225  4.093   0.717   1.00 5.09  ? 33  THR A OG1 1 
ATOM   233  C CG2 . THR A 1 33  ? -4.510  4.682   2.672   1.00 5.28  ? 33  THR A CG2 1 
ATOM   234  N N   . ALA A 1 34  ? -1.275  4.098   2.839   1.00 5.01  ? 34  ALA A N   1 
ATOM   235  C CA  . ALA A 1 34  ? -0.212  4.794   3.564   1.00 5.20  ? 34  ALA A CA  1 
ATOM   236  C C   . ALA A 1 34  ? -0.734  6.037   4.278   1.00 5.10  ? 34  ALA A C   1 
ATOM   237  O O   . ALA A 1 34  ? -1.597  6.750   3.759   1.00 5.60  ? 34  ALA A O   1 
ATOM   238  C CB  . ALA A 1 34  ? 0.914   5.178   2.602   1.00 5.59  ? 34  ALA A CB  1 
ATOM   239  N N   . GLY A 1 35  ? -0.204  6.286   5.472   1.00 5.21  ? 35  GLY A N   1 
ATOM   240  C CA  . GLY A 1 35  ? -0.614  7.447   6.240   1.00 5.64  ? 35  GLY A CA  1 
ATOM   241  C C   . GLY A 1 35  ? -0.251  8.772   5.596   1.00 5.65  ? 35  GLY A C   1 
ATOM   242  O O   . GLY A 1 35  ? -0.981  9.755   5.753   1.00 6.16  ? 35  GLY A O   1 
ATOM   243  N N   . HIS A 1 36  ? 0.860   8.825   4.866   1.00 5.80  ? 36  HIS A N   1 
ATOM   244  C CA  . HIS A 1 36  ? 1.247   10.083  4.244   1.00 6.01  ? 36  HIS A CA  1 
ATOM   245  C C   . HIS A 1 36  ? 0.350   10.474  3.072   1.00 6.20  ? 36  HIS A C   1 
ATOM   246  O O   . HIS A 1 36  ? 0.465   11.578  2.541   1.00 6.75  ? 36  HIS A O   1 
ATOM   247  C CB  . HIS A 1 36  ? 2.734   10.059  3.830   1.00 6.36  ? 36  HIS A CB  1 
ATOM   248  C CG  . HIS A 1 36  ? 3.019   9.319   2.560   1.00 6.26  ? 36  HIS A CG  1 
ATOM   249  N ND1 . HIS A 1 36  ? 3.551   8.047   2.547   1.00 6.21  ? 36  HIS A ND1 1 
ATOM   250  C CD2 . HIS A 1 36  ? 2.908   9.693   1.264   1.00 6.67  ? 36  HIS A CD2 1 
ATOM   251  C CE1 . HIS A 1 36  ? 3.755   7.670   1.298   1.00 6.65  ? 36  HIS A CE1 1 
ATOM   252  N NE2 . HIS A 1 36  ? 3.374   8.651   0.499   1.00 6.90  ? 36  HIS A NE2 1 
ATOM   253  N N   . CYS A 1 37  ? -0.567  9.586   2.691   1.00 6.30  ? 37  CYS A N   1 
ATOM   254  C CA  . CYS A 1 37  ? -1.483  9.862   1.587   1.00 6.77  ? 37  CYS A CA  1 
ATOM   255  C C   . CYS A 1 37  ? -2.636  10.787  1.962   1.00 7.06  ? 37  CYS A C   1 
ATOM   256  O O   . CYS A 1 37  ? -3.250  11.400  1.087   1.00 7.22  ? 37  CYS A O   1 
ATOM   257  C CB  . CYS A 1 37  ? -2.057  8.558   1.036   1.00 7.03  ? 37  CYS A CB  1 
ATOM   258  S SG  . CYS A 1 37  ? -0.859  7.591   0.070   1.00 7.45  ? 37  CYS A SG  1 
ATOM   259  N N   . GLY A 1 38  ? -2.945  10.887  3.249   1.00 7.20  ? 38  GLY A N   1 
ATOM   260  C CA  . GLY A 1 38  ? -4.040  11.750  3.644   1.00 7.97  ? 38  GLY A CA  1 
ATOM   261  C C   . GLY A 1 38  ? -4.209  11.959  5.132   1.00 8.32  ? 38  GLY A C   1 
ATOM   262  O O   . GLY A 1 38  ? -3.776  11.146  5.952   1.00 9.16  ? 38  GLY A O   1 
ATOM   263  N N   . THR A 1 39  ? -4.857  13.068  5.470   1.00 8.73  ? 39  THR A N   1 
ATOM   264  C CA  . THR A 1 39  ? -5.129  13.437  6.851   1.00 9.10  ? 39  THR A CA  1 
ATOM   265  C C   . THR A 1 39  ? -6.516  12.932  7.237   1.00 8.91  ? 39  THR A C   1 
ATOM   266  O O   . THR A 1 39  ? -7.355  12.673  6.373   1.00 8.64  ? 39  THR A O   1 
ATOM   267  C CB  . THR A 1 39  ? -5.083  14.968  7.020   1.00 9.61  ? 39  THR A CB  1 
ATOM   268  O OG1 . THR A 1 39  ? -5.901  15.583  6.015   1.00 10.26 ? 39  THR A OG1 1 
ATOM   269  C CG2 . THR A 1 39  ? -3.656  15.472  6.873   1.00 10.50 ? 39  THR A CG2 1 
ATOM   270  N N   . VAL A 1 40  ? -6.757  12.790  8.536   1.00 9.22  ? 40  VAL A N   1 
ATOM   271  C CA  . VAL A 1 40  ? -8.049  12.314  9.008   1.00 9.48  ? 40  VAL A CA  1 
ATOM   272  C C   . VAL A 1 40  ? -9.174  13.181  8.441   1.00 9.55  ? 40  VAL A C   1 
ATOM   273  O O   . VAL A 1 40  ? -9.093  14.413  8.456   1.00 9.68  ? 40  VAL A O   1 
ATOM   274  C CB  . VAL A 1 40  ? -8.108  12.321  10.552  1.00 9.95  ? 40  VAL A CB  1 
ATOM   275  C CG1 . VAL A 1 40  ? -9.485  11.882  11.032  1.00 10.43 ? 40  VAL A CG1 1 
ATOM   276  C CG2 . VAL A 1 40  ? -7.035  11.397  11.107  1.00 10.49 ? 40  VAL A CG2 1 
ATOM   277  N N   . ASN A 1 41  ? -10.207 12.516  7.928   1.00 9.63  ? 41  ASN A N   1 
ATOM   278  C CA  . ASN A 1 41  ? -11.381 13.157  7.335   1.00 9.97  ? 41  ASN A CA  1 
ATOM   279  C C   . ASN A 1 41  ? -11.216 13.536  5.864   1.00 9.39  ? 41  ASN A C   1 
ATOM   280  O O   . ASN A 1 41  ? -12.174 13.982  5.231   1.00 9.59  ? 41  ASN A O   1 
ATOM   281  C CB  . ASN A 1 41  ? -11.793 14.397  8.138   1.00 11.47 ? 41  ASN A CB  1 
ATOM   282  C CG  . ASN A 1 41  ? -12.262 14.058  9.540   1.00 12.85 ? 41  ASN A CG  1 
ATOM   283  O OD1 . ASN A 1 41  ? -11.999 14.797  10.487  1.00 14.16 ? 41  ASN A OD1 1 
ATOM   284  N ND2 . ASN A 1 41  ? -12.957 12.935  9.679   1.00 13.59 ? 41  ASN A ND2 1 
ATOM   285  N N   . ALA A 1 42  ? -10.016 13.361  5.314   1.00 8.66  ? 42  ALA A N   1 
ATOM   286  C CA  . ALA A 1 42  ? -9.785  13.686  3.906   1.00 8.26  ? 42  ALA A CA  1 
ATOM   287  C C   . ALA A 1 42  ? -10.675 12.792  3.044   1.00 7.90  ? 42  ALA A C   1 
ATOM   288  O O   . ALA A 1 42  ? -10.902 11.624  3.375   1.00 7.86  ? 42  ALA A O   1 
ATOM   289  C CB  . ALA A 1 42  ? -8.318  13.483  3.546   1.00 8.31  ? 42  ALA A CB  1 
ATOM   290  N N   . THR A 1 43  ? -11.166 13.341  1.937   1.00 7.75  ? 43  THR A N   1 
ATOM   291  C CA  . THR A 1 43  ? -12.063 12.619  1.039   1.00 7.71  ? 43  THR A CA  1 
ATOM   292  C C   . THR A 1 43  ? -11.365 11.832  -0.069  1.00 7.14  ? 43  THR A C   1 
ATOM   293  O O   . THR A 1 43  ? -10.564 12.381  -0.826  1.00 7.28  ? 43  THR A O   1 
ATOM   294  C CB  . THR A 1 43  ? -13.067 13.599  0.394   1.00 8.30  ? 43  THR A CB  1 
ATOM   295  O OG1 . THR A 1 43  ? -13.781 14.292  1.425   1.00 9.63  ? 43  THR A OG1 1 
ATOM   296  C CG2 . THR A 1 43  ? -14.057 12.857  -0.491  1.00 8.96  ? 43  THR A CG2 1 
ATOM   297  N N   . ALA A 1 44  ? -11.689 10.543  -0.160  1.00 6.79  ? 44  ALA A N   1 
ATOM   298  C CA  . ALA A 1 44  ? -11.115 9.667   -1.174  1.00 6.56  ? 44  ALA A CA  1 
ATOM   299  C C   . ALA A 1 44  ? -12.085 9.498   -2.340  1.00 6.43  ? 44  ALA A C   1 
ATOM   300  O O   . ALA A 1 44  ? -13.287 9.328   -2.134  1.00 6.65  ? 44  ALA A O   1 
ATOM   301  C CB  . ALA A 1 44  ? -10.789 8.301   -0.566  1.00 6.67  ? 44  ALA A CB  1 
ATOM   302  N N   . ARG A 1 45  ? -11.553 9.549   -3.557  1.00 6.57  ? 45  ARG A N   1 
ATOM   303  C CA  . ARG A 1 45  ? -12.355 9.386   -4.765  1.00 7.01  ? 45  ARG A CA  1 
ATOM   304  C C   . ARG A 1 45  ? -11.719 8.358   -5.696  1.00 7.28  ? 45  ARG A C   1 
ATOM   305  O O   . ARG A 1 45  ? -10.495 8.254   -5.782  1.00 6.99  ? 45  ARG A O   1 
ATOM   306  C CB  . ARG A 1 45  ? -12.473 10.711  -5.527  1.00 7.23  ? 45  ARG A CB  1 
ATOM   307  C CG  . ARG A 1 45  ? -13.382 11.744  -4.885  1.00 7.84  ? 45  ARG A CG  1 
ATOM   308  C CD  . ARG A 1 45  ? -13.387 13.040  -5.691  1.00 8.54  ? 45  ARG A CD  1 
ATOM   309  N NE  . ARG A 1 45  ? -14.328 14.020  -5.156  1.00 9.24  ? 45  ARG A NE  1 
ATOM   310  C CZ  . ARG A 1 45  ? -14.066 14.830  -4.135  1.00 9.49  ? 45  ARG A CZ  1 
ATOM   311  N NH1 . ARG A 1 45  ? -12.887 14.780  -3.531  1.00 9.64  ? 45  ARG A NH1 1 
ATOM   312  N NH2 . ARG A 1 45  ? -14.984 15.688  -3.714  1.00 10.14 ? 45  ARG A NH2 1 
ATOM   313  N N   . ILE A 1 46  ? -12.565 7.598   -6.381  1.00 8.06  ? 46  ILE A N   1 
ATOM   314  C CA  . ILE A 1 46  ? -12.123 6.609   -7.358  1.00 9.13  ? 46  ILE A CA  1 
ATOM   315  C C   . ILE A 1 46  ? -13.073 6.770   -8.538  1.00 10.05 ? 46  ILE A C   1 
ATOM   316  O O   . ILE A 1 46  ? -14.290 6.799   -8.356  1.00 10.43 ? 46  ILE A O   1 
ATOM   317  C CB  . ILE A 1 46  ? -12.227 5.155   -6.826  1.00 8.78  ? 46  ILE A CB  1 
ATOM   318  C CG1 . ILE A 1 46  ? -11.234 4.940   -5.680  1.00 8.57  ? 46  ILE A CG1 1 
ATOM   319  C CG2 . ILE A 1 46  ? -11.936 4.163   -7.958  1.00 8.97  ? 46  ILE A CG2 1 
ATOM   320  C CD1 . ILE A 1 46  ? -11.340 3.571   -5.021  1.00 8.91  ? 46  ILE A CD1 1 
ATOM   321  N N   . GLY A 1 47  ? -12.523 6.898   -9.741  1.00 11.22 ? 47  GLY A N   1 
ATOM   322  C CA  . GLY A 1 47  ? -13.363 7.060   -10.915 1.00 12.50 ? 47  GLY A CA  1 
ATOM   323  C C   . GLY A 1 47  ? -14.176 8.342   -10.880 1.00 13.09 ? 47  GLY A C   1 
ATOM   324  O O   . GLY A 1 47  ? -15.252 8.419   -11.477 1.00 14.16 ? 47  GLY A O   1 
ATOM   325  N N   . GLY A 1 48  ? -13.666 9.345   -10.171 1.00 13.41 ? 48  GLY A N   1 
ATOM   326  C CA  . GLY A 1 48  ? -14.352 10.622  -10.077 1.00 13.27 ? 48  GLY A CA  1 
ATOM   327  C C   . GLY A 1 48  ? -15.428 10.704  -9.008  1.00 12.78 ? 48  GLY A C   1 
ATOM   328  O O   . GLY A 1 48  ? -15.955 11.787  -8.743  1.00 13.63 ? 48  GLY A O   1 
ATOM   329  N N   . ALA A 1 49  ? -15.755 9.574   -8.388  1.00 11.78 ? 49  ALA A N   1 
ATOM   330  C CA  . ALA A 1 49  ? -16.788 9.545   -7.355  1.00 10.56 ? 49  ALA A CA  1 
ATOM   331  C C   . ALA A 1 49  ? -16.228 9.374   -5.946  1.00 9.85  ? 49  ALA A C   1 
ATOM   332  O O   . ALA A 1 49  ? -15.221 8.695   -5.743  1.00 9.43  ? 49  ALA A O   1 
ATOM   333  C CB  . ALA A 1 49  ? -17.783 8.429   -7.650  1.00 10.92 ? 49  ALA A CB  1 
ATOM   334  N N   . VAL A 1 50  ? -16.887 9.999   -4.976  1.00 9.09  ? 50  VAL A N   1 
ATOM   335  C CA  . VAL A 1 50  ? -16.475 9.890   -3.582  1.00 8.55  ? 50  VAL A CA  1 
ATOM   336  C C   . VAL A 1 50  ? -16.749 8.458   -3.122  1.00 8.03  ? 50  VAL A C   1 
ATOM   337  O O   . VAL A 1 50  ? -17.840 7.927   -3.347  1.00 8.19  ? 50  VAL A O   1 
ATOM   338  C CB  . VAL A 1 50  ? -17.275 10.861  -2.684  1.00 8.68  ? 50  VAL A CB  1 
ATOM   339  C CG1 . VAL A 1 50  ? -16.992 10.570  -1.215  1.00 8.96  ? 50  VAL A CG1 1 
ATOM   340  C CG2 . VAL A 1 50  ? -16.914 12.300  -3.023  1.00 9.14  ? 50  VAL A CG2 1 
ATOM   341  N N   . VAL A 1 51  ? -15.762 7.829   -2.490  1.00 7.60  ? 51  VAL A N   1 
ATOM   342  C CA  . VAL A 1 51  ? -15.939 6.463   -2.011  1.00 7.33  ? 51  VAL A CA  1 
ATOM   343  C C   . VAL A 1 51  ? -15.823 6.354   -0.493  1.00 7.16  ? 51  VAL A C   1 
ATOM   344  O O   . VAL A 1 51  ? -16.253 5.363   0.093   1.00 6.96  ? 51  VAL A O   1 
ATOM   345  C CB  . VAL A 1 51  ? -14.923 5.485   -2.666  1.00 7.13  ? 51  VAL A CB  1 
ATOM   346  C CG1 . VAL A 1 51  ? -15.136 5.444   -4.174  1.00 7.66  ? 51  VAL A CG1 1 
ATOM   347  C CG2 . VAL A 1 51  ? -13.495 5.894   -2.334  1.00 7.49  ? 51  VAL A CG2 1 
ATOM   348  N N   . GLY A 1 52  ? -15.258 7.375   0.141   1.00 7.07  ? 52  GLY A N   1 
ATOM   349  C CA  . GLY A 1 52  ? -15.111 7.347   1.585   1.00 7.26  ? 52  GLY A CA  1 
ATOM   350  C C   . GLY A 1 52  ? -14.185 8.433   2.093   1.00 7.02  ? 52  GLY A C   1 
ATOM   351  O O   . GLY A 1 52  ? -13.850 9.365   1.360   1.00 7.38  ? 52  GLY A O   1 
ATOM   352  N N   . THR A 1 53  ? -13.768 8.316   3.350   1.00 7.14  ? 53  THR A N   1 
ATOM   353  C CA  . THR A 1 53  ? -12.879 9.303   3.956   1.00 7.55  ? 53  THR A CA  1 
ATOM   354  C C   . THR A 1 53  ? -11.838 8.625   4.836   1.00 7.11  ? 53  THR A C   1 
ATOM   355  O O   . THR A 1 53  ? -12.037 7.500   5.299   1.00 7.05  ? 53  THR A O   1 
ATOM   356  C CB  . THR A 1 53  ? -13.657 10.305  4.838   1.00 8.53  ? 53  THR A CB  1 
ATOM   357  O OG1 . THR A 1 53  ? -14.256 9.607   5.935   1.00 9.63  ? 53  THR A OG1 1 
ATOM   358  C CG2 . THR A 1 53  ? -14.743 11.007  4.031   1.00 9.54  ? 53  THR A CG2 1 
ATOM   359  N N   . PHE A 1 54  ? -10.722 9.308   5.067   1.00 6.67  ? 54  PHE A N   1 
ATOM   360  C CA  . PHE A 1 54  ? -9.675  8.762   5.917   1.00 6.49  ? 54  PHE A CA  1 
ATOM   361  C C   . PHE A 1 54  ? -10.202 8.717   7.350   1.00 6.59  ? 54  PHE A C   1 
ATOM   362  O O   . PHE A 1 54  ? -10.563 9.747   7.924   1.00 6.98  ? 54  PHE A O   1 
ATOM   363  C CB  . PHE A 1 54  ? -8.417  9.633   5.842   1.00 6.32  ? 54  PHE A CB  1 
ATOM   364  C CG  . PHE A 1 54  ? -7.516  9.296   4.683   1.00 6.20  ? 54  PHE A CG  1 
ATOM   365  C CD1 . PHE A 1 54  ? -7.888  9.614   3.380   1.00 6.48  ? 54  PHE A CD1 1 
ATOM   366  C CD2 . PHE A 1 54  ? -6.309  8.641   4.893   1.00 6.51  ? 54  PHE A CD2 1 
ATOM   367  C CE1 . PHE A 1 54  ? -7.066  9.282   2.299   1.00 6.62  ? 54  PHE A CE1 1 
ATOM   368  C CE2 . PHE A 1 54  ? -5.479  8.304   3.819   1.00 6.89  ? 54  PHE A CE2 1 
ATOM   369  C CZ  . PHE A 1 54  ? -5.860  8.624   2.521   1.00 6.45  ? 54  PHE A CZ  1 
ATOM   370  N N   . ALA A 1 55  ? -10.257 7.518   7.918   1.00 6.63  ? 55  ALA A N   1 
ATOM   371  C CA  . ALA A 1 55  ? -10.760 7.339   9.277   1.00 6.63  ? 55  ALA A CA  1 
ATOM   372  C C   . ALA A 1 55  ? -9.693  7.580   10.334  1.00 6.71  ? 55  ALA A C   1 
ATOM   373  O O   . ALA A 1 55  ? -9.982  8.091   11.417  1.00 7.49  ? 55  ALA A O   1 
ATOM   374  C CB  . ALA A 1 55  ? -11.329 5.934   9.441   1.00 7.02  ? 55  ALA A CB  1 
ATOM   375  N N   . ALA A 1 56  ? -8.459  7.209   10.020  1.00 6.59  ? 56  ALA A N   1 
ATOM   376  C CA  . ALA A 1 56  ? -7.362  7.362   10.962  1.00 6.72  ? 56  ALA A CA  1 
ATOM   377  C C   . ALA A 1 56  ? -6.050  7.190   10.223  1.00 6.95  ? 56  ALA A C   1 
ATOM   378  O O   . ALA A 1 56  ? -6.006  6.590   9.145   1.00 7.04  ? 56  ALA A O   1 
ATOM   379  C CB  . ALA A 1 56  ? -7.476  6.315   12.067  1.00 7.12  ? 56  ALA A CB  1 
ATOM   380  N N   . ARG A 1 57  ? -4.978  7.712   10.807  1.00 7.43  ? 57  ARG A N   1 
ATOM   381  C CA  . ARG A 1 57  ? -3.664  7.600   10.200  1.00 8.20  ? 57  ARG A CA  1 
ATOM   382  C C   . ARG A 1 57  ? -2.564  7.906   11.198  1.00 8.21  ? 57  ARG A C   1 
ATOM   383  O O   . ARG A 1 57  ? -2.794  8.576   12.206  1.00 8.87  ? 57  ARG A O   1 
ATOM   384  C CB  . ARG A 1 57  ? -3.542  8.574   9.023   1.00 9.43  ? 57  ARG A CB  1 
ATOM   385  C CG  . ARG A 1 57  ? -3.714  10.046  9.407   1.00 11.64 ? 57  ARG A CG  1 
ATOM   386  C CD  . ARG A 1 57  ? -2.378  10.754  9.549   1.00 13.44 ? 57  ARG A CD  1 
ATOM   387  N NE  . ARG A 1 57  ? -1.822  11.129  8.253   1.00 14.57 ? 57  ARG A NE  1 
ATOM   388  C CZ  . ARG A 1 57  ? -1.155  12.255  8.015   1.00 15.05 ? 57  ARG A CZ  1 
ATOM   389  N NH1 . ARG A 1 57  ? -0.691  12.501  6.801   1.00 15.13 ? 57  ARG A NH1 1 
ATOM   390  N NH2 . ARG A 1 57  ? -0.952  13.136  8.987   1.00 15.87 ? 57  ARG A NH2 1 
ATOM   391  N N   . VAL A 1 58  ? -1.377  7.380   10.923  1.00 7.95  ? 58  VAL A N   1 
ATOM   392  C CA  . VAL A 1 58  ? -0.199  7.655   11.732  1.00 7.93  ? 58  VAL A CA  1 
ATOM   393  C C   . VAL A 1 58  ? 0.927   7.892   10.737  1.00 7.71  ? 58  VAL A C   1 
ATOM   394  O O   . VAL A 1 58  ? 1.294   7.000   9.966   1.00 7.84  ? 58  VAL A O   1 
ATOM   395  C CB  . VAL A 1 58  ? 0.221   6.487   12.655  1.00 8.10  ? 58  VAL A CB  1 
ATOM   396  C CG1 . VAL A 1 58  ? 1.417   6.920   13.506  1.00 8.72  ? 58  VAL A CG1 1 
ATOM   397  C CG2 . VAL A 1 58  ? -0.935  6.069   13.548  1.00 8.69  ? 58  VAL A CG2 1 
ATOM   398  N N   . PHE A 1 59  ? 1.436   9.118   10.728  1.00 7.37  ? 59  PHE A N   1 
ATOM   399  C CA  . PHE A 1 59  ? 2.541   9.513   9.863   1.00 6.98  ? 59  PHE A CA  1 
ATOM   400  C C   . PHE A 1 59  ? 3.003   10.890  10.309  1.00 7.15  ? 59  PHE A C   1 
ATOM   401  O O   . PHE A 1 59  ? 2.182   11.786  10.484  1.00 7.30  ? 59  PHE A O   1 
ATOM   402  C CB  . PHE A 1 59  ? 2.121   9.602   8.393   1.00 7.32  ? 59  PHE A CB  1 
ATOM   403  C CG  . PHE A 1 59  ? 3.216   10.116  7.499   1.00 6.91  ? 59  PHE A CG  1 
ATOM   404  C CD1 . PHE A 1 59  ? 3.248   11.447  7.095   1.00 7.21  ? 59  PHE A CD1 1 
ATOM   405  C CD2 . PHE A 1 59  ? 4.261   9.279   7.123   1.00 6.83  ? 59  PHE A CD2 1 
ATOM   406  C CE1 . PHE A 1 59  ? 4.309   11.938  6.334   1.00 7.30  ? 59  PHE A CE1 1 
ATOM   407  C CE2 . PHE A 1 59  ? 5.324   9.758   6.365   1.00 6.90  ? 59  PHE A CE2 1 
ATOM   408  C CZ  . PHE A 1 59  ? 5.349   11.094  5.969   1.00 7.13  ? 59  PHE A CZ  1 
ATOM   409  N N   . PRO A 1 60  ? 4.316   11.074  10.528  1.00 6.91  ? 60  PRO A N   1 
ATOM   410  C CA  . PRO A 1 60  ? 5.401   10.096  10.397  1.00 6.84  ? 60  PRO A CA  1 
ATOM   411  C C   . PRO A 1 60  ? 5.473   9.162   11.617  1.00 6.66  ? 60  PRO A C   1 
ATOM   412  O O   . PRO A 1 60  ? 4.463   8.948   12.292  1.00 6.73  ? 60  PRO A O   1 
ATOM   413  C CB  . PRO A 1 60  ? 6.642   10.966  10.233  1.00 7.07  ? 60  PRO A CB  1 
ATOM   414  C CG  . PRO A 1 60  ? 6.320   12.199  11.006  1.00 7.33  ? 60  PRO A CG  1 
ATOM   415  C CD  . PRO A 1 60  ? 4.826   12.405  10.903  1.00 7.26  ? 60  PRO A CD  1 
ATOM   416  N N   . GLY A 1 61  ? 6.655   8.624   11.910  1.00 6.43  ? 61  GLY A N   1 
ATOM   417  C CA  . GLY A 1 61  ? 6.788   7.683   13.017  1.00 6.47  ? 61  GLY A CA  1 
ATOM   418  C C   . GLY A 1 61  ? 6.482   6.328   12.401  1.00 6.43  ? 61  GLY A C   1 
ATOM   419  O O   . GLY A 1 61  ? 7.328   5.433   12.339  1.00 6.59  ? 61  GLY A O   1 
ATOM   420  N N   . ASN A 1 62  ? 5.238   6.192   11.958  1.00 6.61  ? 62  ASN A N   1 
ATOM   421  C CA  . ASN A 1 62  ? 4.765   5.012   11.241  1.00 6.15  ? 62  ASN A CA  1 
ATOM   422  C C   . ASN A 1 62  ? 4.303   5.627   9.915   1.00 5.79  ? 62  ASN A C   1 
ATOM   423  O O   . ASN A 1 62  ? 4.508   6.821   9.677   1.00 6.15  ? 62  ASN A O   1 
ATOM   424  C CB  . ASN A 1 62  ? 3.560   4.371   11.941  1.00 7.05  ? 62  ASN A CB  1 
ATOM   425  C CG  . ASN A 1 62  ? 3.891   3.836   13.319  1.00 7.47  ? 62  ASN A CG  1 
ATOM   426  O OD1 . ASN A 1 62  ? 4.898   3.158   13.512  1.00 8.66  ? 62  ASN A OD1 1 
ATOM   427  N ND2 . ASN A 1 62  ? 3.035   4.138   14.286  1.00 7.83  ? 62  ASN A ND2 1 
ATOM   428  N N   . ASP A 1 63  ? 3.708   4.820   9.043   1.00 5.71  ? 63  ASP A N   1 
ATOM   429  C CA  . ASP A 1 63  ? 3.169   5.337   7.785   1.00 5.41  ? 63  ASP A CA  1 
ATOM   430  C C   . ASP A 1 63  ? 1.998   4.441   7.414   1.00 5.36  ? 63  ASP A C   1 
ATOM   431  O O   . ASP A 1 63  ? 2.091   3.595   6.523   1.00 5.55  ? 63  ASP A O   1 
ATOM   432  C CB  . ASP A 1 63  ? 4.215   5.344   6.667   1.00 5.44  ? 63  ASP A CB  1 
ATOM   433  C CG  . ASP A 1 63  ? 3.753   6.140   5.454   1.00 5.02  ? 63  ASP A CG  1 
ATOM   434  O OD1 . ASP A 1 63  ? 4.514   6.246   4.468   1.00 5.73  ? 63  ASP A OD1 1 
ATOM   435  O OD2 . ASP A 1 63  ? 2.616   6.662   5.497   1.00 5.59  ? 63  ASP A OD2 1 
ATOM   436  N N   . ARG A 1 64  ? 0.886   4.651   8.111   1.00 5.41  ? 64  ARG A N   1 
ATOM   437  C CA  . ARG A 1 64  ? -0.305  3.838   7.921   1.00 5.50  ? 64  ARG A CA  1 
ATOM   438  C C   . ARG A 1 64  ? -1.594  4.633   8.011   1.00 5.51  ? 64  ARG A C   1 
ATOM   439  O O   . ARG A 1 64  ? -1.644  5.705   8.615   1.00 5.84  ? 64  ARG A O   1 
ATOM   440  C CB  . ARG A 1 64  ? -0.347  2.745   8.990   1.00 5.53  ? 64  ARG A CB  1 
ATOM   441  C CG  . ARG A 1 64  ? -0.458  3.296   10.413  1.00 6.08  ? 64  ARG A CG  1 
ATOM   442  C CD  . ARG A 1 64  ? -0.245  2.222   11.467  1.00 6.33  ? 64  ARG A CD  1 
ATOM   443  N NE  . ARG A 1 64  ? 1.108   1.676   11.422  1.00 6.47  ? 64  ARG A NE  1 
ATOM   444  C CZ  . ARG A 1 64  ? 1.701   1.045   12.429  1.00 6.46  ? 64  ARG A CZ  1 
ATOM   445  N NH1 . ARG A 1 64  ? 1.062   0.868   13.581  1.00 7.31  ? 64  ARG A NH1 1 
ATOM   446  N NH2 . ARG A 1 64  ? 2.936   0.590   12.282  1.00 7.00  ? 64  ARG A NH2 1 
ATOM   447  N N   . ALA A 1 65  ? -2.647  4.078   7.423   1.00 5.56  ? 65  ALA A N   1 
ATOM   448  C CA  . ALA A 1 65  ? -3.957  4.706   7.461   1.00 5.53  ? 65  ALA A CA  1 
ATOM   449  C C   . ALA A 1 65  ? -4.998  3.758   6.901   1.00 5.45  ? 65  ALA A C   1 
ATOM   450  O O   . ALA A 1 65  ? -4.670  2.747   6.274   1.00 5.60  ? 65  ALA A O   1 
ATOM   451  C CB  . ALA A 1 65  ? -3.953  5.990   6.638   1.00 6.29  ? 65  ALA A CB  1 
ATOM   452  N N   . TRP A 1 66  ? -6.258  4.059   7.174   1.00 5.24  ? 66  TRP A N   1 
ATOM   453  C CA  . TRP A 1 66  ? -7.329  3.291   6.581   1.00 5.08  ? 66  TRP A CA  1 
ATOM   454  C C   . TRP A 1 66  ? -8.437  4.254   6.220   1.00 5.22  ? 66  TRP A C   1 
ATOM   455  O O   . TRP A 1 66  ? -8.683  5.255   6.907   1.00 5.61  ? 66  TRP A O   1 
ATOM   456  C CB  . TRP A 1 66  ? -7.808  2.133   7.478   1.00 5.38  ? 66  TRP A CB  1 
ATOM   457  C CG  . TRP A 1 66  ? -8.728  2.465   8.609   1.00 5.76  ? 66  TRP A CG  1 
ATOM   458  C CD1 . TRP A 1 66  ? -8.374  2.978   9.820   1.00 5.83  ? 66  TRP A CD1 1 
ATOM   459  C CD2 . TRP A 1 66  ? -10.140 2.224   8.671   1.00 5.94  ? 66  TRP A CD2 1 
ATOM   460  N NE1 . TRP A 1 66  ? -9.473  3.068   10.638  1.00 6.16  ? 66  TRP A NE1 1 
ATOM   461  C CE2 . TRP A 1 66  ? -10.572 2.610   9.959   1.00 5.95  ? 66  TRP A CE2 1 
ATOM   462  C CE3 . TRP A 1 66  ? -11.085 1.713   7.767   1.00 6.32  ? 66  TRP A CE3 1 
ATOM   463  C CZ2 . TRP A 1 66  ? -11.907 2.507   10.366  1.00 6.43  ? 66  TRP A CZ2 1 
ATOM   464  C CZ3 . TRP A 1 66  ? -12.413 1.609   8.173   1.00 6.71  ? 66  TRP A CZ3 1 
ATOM   465  C CH2 . TRP A 1 66  ? -12.810 2.006   9.463   1.00 6.85  ? 66  TRP A CH2 1 
ATOM   466  N N   . VAL A 1 67  ? -9.054  3.965   5.084   1.00 5.52  ? 67  VAL A N   1 
ATOM   467  C CA  . VAL A 1 67  ? -10.133 4.763   4.547   1.00 5.86  ? 67  VAL A CA  1 
ATOM   468  C C   . VAL A 1 67  ? -11.440 4.032   4.796   1.00 5.96  ? 67  VAL A C   1 
ATOM   469  O O   . VAL A 1 67  ? -11.605 2.876   4.395   1.00 6.05  ? 67  VAL A O   1 
ATOM   470  C CB  . VAL A 1 67  ? -9.932  4.985   3.028   1.00 6.12  ? 67  VAL A CB  1 
ATOM   471  C CG1 . VAL A 1 67  ? -11.150 5.655   2.419   1.00 6.80  ? 67  VAL A CG1 1 
ATOM   472  C CG2 . VAL A 1 67  ? -8.687  5.827   2.794   1.00 6.53  ? 67  VAL A CG2 1 
ATOM   473  N N   A SER A 1 68  ? -12.360 4.694   5.492   0.40 6.21  ? 68  SER A N   1 
ATOM   474  N N   B SER A 1 68  ? -12.356 4.714   5.471   0.60 5.90  ? 68  SER A N   1 
ATOM   475  C CA  A SER A 1 68  ? -13.663 4.108   5.775   0.40 6.73  ? 68  SER A CA  1 
ATOM   476  C CA  B SER A 1 68  ? -13.669 4.169   5.777   0.60 6.31  ? 68  SER A CA  1 
ATOM   477  C C   A SER A 1 68  ? -14.541 4.415   4.569   0.40 6.70  ? 68  SER A C   1 
ATOM   478  C C   B SER A 1 68  ? -14.541 4.429   4.553   0.60 6.40  ? 68  SER A C   1 
ATOM   479  O O   A SER A 1 68  ? -14.742 5.577   4.213   0.40 7.04  ? 68  SER A O   1 
ATOM   480  O O   B SER A 1 68  ? -14.736 5.581   4.161   0.60 6.89  ? 68  SER A O   1 
ATOM   481  C CB  A SER A 1 68  ? -14.263 4.710   7.048   0.40 7.13  ? 68  SER A CB  1 
ATOM   482  C CB  B SER A 1 68  ? -14.244 4.874   7.006   0.60 6.50  ? 68  SER A CB  1 
ATOM   483  O OG  A SER A 1 68  ? -14.258 6.124   6.998   0.40 7.91  ? 68  SER A OG  1 
ATOM   484  O OG  B SER A 1 68  ? -15.407 4.220   7.470   0.60 6.03  ? 68  SER A OG  1 
ATOM   485  N N   . LEU A 1 69  ? -15.054 3.361   3.944   1.00 6.77  ? 69  LEU A N   1 
ATOM   486  C CA  . LEU A 1 69  ? -15.874 3.482   2.744   1.00 6.90  ? 69  LEU A CA  1 
ATOM   487  C C   . LEU A 1 69  ? -17.373 3.438   2.959   1.00 7.41  ? 69  LEU A C   1 
ATOM   488  O O   . LEU A 1 69  ? -17.850 2.923   3.970   1.00 7.74  ? 69  LEU A O   1 
ATOM   489  C CB  . LEU A 1 69  ? -15.494 2.365   1.768   1.00 6.91  ? 69  LEU A CB  1 
ATOM   490  C CG  . LEU A 1 69  ? -14.005 2.198   1.460   1.00 6.82  ? 69  LEU A CG  1 
ATOM   491  C CD1 . LEU A 1 69  ? -13.739 0.796   0.927   1.00 7.01  ? 69  LEU A CD1 1 
ATOM   492  C CD2 . LEU A 1 69  ? -13.583 3.254   0.449   1.00 6.85  ? 69  LEU A CD2 1 
ATOM   493  N N   . THR A 1 70  ? -18.120 3.976   1.999   1.00 7.85  ? 70  THR A N   1 
ATOM   494  C CA  . THR A 1 70  ? -19.572 3.934   2.096   1.00 8.54  ? 70  THR A CA  1 
ATOM   495  C C   . THR A 1 70  ? -19.992 2.490   1.817   1.00 8.93  ? 70  THR A C   1 
ATOM   496  O O   . THR A 1 70  ? -19.260 1.730   1.172   1.00 8.90  ? 70  THR A O   1 
ATOM   497  C CB  . THR A 1 70  ? -20.260 4.875   1.075   1.00 8.75  ? 70  THR A CB  1 
ATOM   498  O OG1 . THR A 1 70  ? -20.085 4.366   -0.251  1.00 9.28  ? 70  THR A OG1 1 
ATOM   499  C CG2 . THR A 1 70  ? -19.683 6.280   1.168   1.00 9.14  ? 70  THR A CG2 1 
ATOM   500  N N   . SER A 1 71  ? -21.167 2.110   2.308   1.00 9.69  ? 71  SER A N   1 
ATOM   501  C CA  . SER A 1 71  ? -21.670 0.751   2.129   1.00 10.69 ? 71  SER A CA  1 
ATOM   502  C C   . SER A 1 71  ? -21.852 0.362   0.663   1.00 10.59 ? 71  SER A C   1 
ATOM   503  O O   . SER A 1 71  ? -21.922 -0.819  0.337   1.00 10.88 ? 71  SER A O   1 
ATOM   504  C CB  . SER A 1 71  ? -22.999 0.585   2.868   1.00 11.66 ? 71  SER A CB  1 
ATOM   505  O OG  . SER A 1 71  ? -23.976 1.470   2.353   1.00 13.70 ? 71  SER A OG  1 
ATOM   506  N N   . ALA A 1 72  ? -21.923 1.356   -0.215  1.00 10.29 ? 72  ALA A N   1 
ATOM   507  C CA  . ALA A 1 72  ? -22.107 1.105   -1.639  1.00 10.15 ? 72  ALA A CA  1 
ATOM   508  C C   . ALA A 1 72  ? -20.861 0.545   -2.326  1.00 9.48  ? 72  ALA A C   1 
ATOM   509  O O   . ALA A 1 72  ? -20.956 -0.025  -3.412  1.00 10.23 ? 72  ALA A O   1 
ATOM   510  C CB  . ALA A 1 72  ? -22.551 2.384   -2.334  1.00 10.79 ? 72  ALA A CB  1 
ATOM   511  N N   . GLN A 1 73  ? -19.699 0.702   -1.701  1.00 8.45  ? 73  GLN A N   1 
ATOM   512  C CA  . GLN A 1 73  ? -18.457 0.205   -2.291  1.00 7.41  ? 73  GLN A CA  1 
ATOM   513  C C   . GLN A 1 73  ? -18.409 -1.319  -2.284  1.00 7.21  ? 73  GLN A C   1 
ATOM   514  O O   . GLN A 1 73  ? -19.030 -1.966  -1.441  1.00 7.55  ? 73  GLN A O   1 
ATOM   515  C CB  . GLN A 1 73  ? -17.252 0.773   -1.541  1.00 7.37  ? 73  GLN A CB  1 
ATOM   516  C CG  . GLN A 1 73  ? -17.270 2.289   -1.415  1.00 7.13  ? 73  GLN A CG  1 
ATOM   517  C CD  . GLN A 1 73  ? -17.533 2.984   -2.740  1.00 6.98  ? 73  GLN A CD  1 
ATOM   518  O OE1 . GLN A 1 73  ? -16.927 2.654   -3.761  1.00 7.38  ? 73  GLN A OE1 1 
ATOM   519  N NE2 . GLN A 1 73  ? -18.443 3.953   -2.731  1.00 7.31  ? 73  GLN A NE2 1 
ATOM   520  N N   . THR A 1 74  ? -17.668 -1.886  -3.231  1.00 6.67  ? 74  THR A N   1 
ATOM   521  C CA  . THR A 1 74  ? -17.547 -3.333  -3.352  1.00 6.58  ? 74  THR A CA  1 
ATOM   522  C C   . THR A 1 74  ? -16.145 -3.803  -2.974  1.00 6.18  ? 74  THR A C   1 
ATOM   523  O O   . THR A 1 74  ? -15.188 -3.590  -3.721  1.00 6.41  ? 74  THR A O   1 
ATOM   524  C CB  . THR A 1 74  ? -17.865 -3.779  -4.796  1.00 6.93  ? 74  THR A CB  1 
ATOM   525  O OG1 . THR A 1 74  ? -19.180 -3.335  -5.153  1.00 8.06  ? 74  THR A OG1 1 
ATOM   526  C CG2 . THR A 1 74  ? -17.789 -5.291  -4.925  1.00 7.32  ? 74  THR A CG2 1 
ATOM   527  N N   . LEU A 1 75  ? -16.027 -4.431  -1.807  1.00 5.99  ? 75  LEU A N   1 
ATOM   528  C CA  . LEU A 1 75  ? -14.742 -4.937  -1.331  1.00 5.88  ? 75  LEU A CA  1 
ATOM   529  C C   . LEU A 1 75  ? -14.381 -6.227  -2.053  1.00 5.85  ? 75  LEU A C   1 
ATOM   530  O O   . LEU A 1 75  ? -15.219 -7.116  -2.199  1.00 6.19  ? 75  LEU A O   1 
ATOM   531  C CB  . LEU A 1 75  ? -14.798 -5.213  0.170   1.00 6.40  ? 75  LEU A CB  1 
ATOM   532  C CG  . LEU A 1 75  ? -15.028 -4.018  1.093   1.00 6.35  ? 75  LEU A CG  1 
ATOM   533  C CD1 . LEU A 1 75  ? -15.002 -4.496  2.532   1.00 7.31  ? 75  LEU A CD1 1 
ATOM   534  C CD2 . LEU A 1 75  ? -13.959 -2.957  0.861   1.00 7.25  ? 75  LEU A CD2 1 
ATOM   535  N N   . LEU A 1 76  ? -13.130 -6.336  -2.488  1.00 5.69  ? 76  LEU A N   1 
ATOM   536  C CA  . LEU A 1 76  ? -12.677 -7.529  -3.196  1.00 5.51  ? 76  LEU A CA  1 
ATOM   537  C C   . LEU A 1 76  ? -11.338 -8.017  -2.658  1.00 5.38  ? 76  LEU A C   1 
ATOM   538  O O   . LEU A 1 76  ? -10.454 -7.219  -2.344  1.00 5.61  ? 76  LEU A O   1 
ATOM   539  C CB  . LEU A 1 76  ? -12.566 -7.242  -4.695  1.00 5.70  ? 76  LEU A CB  1 
ATOM   540  C CG  . LEU A 1 76  ? -13.879 -6.813  -5.352  1.00 6.16  ? 76  LEU A CG  1 
ATOM   541  C CD1 . LEU A 1 76  ? -13.596 -6.265  -6.740  1.00 6.67  ? 76  LEU A CD1 1 
ATOM   542  C CD2 . LEU A 1 76  ? -14.830 -7.997  -5.430  1.00 6.23  ? 76  LEU A CD2 1 
ATOM   543  N N   . PRO A 1 77  ? -11.170 -9.344  -2.554  1.00 5.41  ? 77  PRO A N   1 
ATOM   544  C CA  . PRO A 1 77  ? -9.935  -9.946  -2.049  1.00 5.60  ? 77  PRO A CA  1 
ATOM   545  C C   . PRO A 1 77  ? -8.896  -10.072 -3.154  1.00 5.44  ? 77  PRO A C   1 
ATOM   546  O O   . PRO A 1 77  ? -8.364  -11.163 -3.387  1.00 5.65  ? 77  PRO A O   1 
ATOM   547  C CB  . PRO A 1 77  ? -10.396 -11.312 -1.568  1.00 6.06  ? 77  PRO A CB  1 
ATOM   548  C CG  . PRO A 1 77  ? -11.456 -11.677 -2.568  1.00 6.16  ? 77  PRO A CG  1 
ATOM   549  C CD  . PRO A 1 77  ? -12.168 -10.377 -2.897  1.00 5.78  ? 77  PRO A CD  1 
ATOM   550  N N   A ARG A 1 78  ? -8.597  -8.959  -3.818  0.50 5.59  ? 78  ARG A N   1 
ATOM   551  N N   B ARG A 1 78  ? -8.600  -8.977  -3.846  0.50 5.75  ? 78  ARG A N   1 
ATOM   552  C CA  A ARG A 1 78  ? -7.659  -8.984  -4.930  0.50 5.54  ? 78  ARG A CA  1 
ATOM   553  C CA  B ARG A 1 78  ? -7.615  -9.043  -4.917  0.50 5.83  ? 78  ARG A CA  1 
ATOM   554  C C   A ARG A 1 78  ? -6.720  -7.795  -5.033  0.50 5.53  ? 78  ARG A C   1 
ATOM   555  C C   B ARG A 1 78  ? -6.741  -7.811  -5.062  0.50 5.73  ? 78  ARG A C   1 
ATOM   556  O O   A ARG A 1 78  ? -6.959  -6.730  -4.456  0.50 5.77  ? 78  ARG A O   1 
ATOM   557  O O   B ARG A 1 78  ? -7.049  -6.732  -4.547  0.50 5.92  ? 78  ARG A O   1 
ATOM   558  C CB  A ARG A 1 78  ? -8.433  -9.095  -6.244  0.50 6.38  ? 78  ARG A CB  1 
ATOM   559  C CB  B ARG A 1 78  ? -8.278  -9.350  -6.267  0.50 6.93  ? 78  ARG A CB  1 
ATOM   560  C CG  A ARG A 1 78  ? -9.568  -10.098 -6.225  0.50 6.22  ? 78  ARG A CG  1 
ATOM   561  C CG  B ARG A 1 78  ? -9.785  -9.195  -6.320  0.50 7.15  ? 78  ARG A CG  1 
ATOM   562  C CD  A ARG A 1 78  ? -10.227 -10.209 -7.589  0.50 6.82  ? 78  ARG A CD  1 
ATOM   563  C CD  B ARG A 1 78  ? -10.353 -9.864  -7.568  0.50 7.09  ? 78  ARG A CD  1 
ATOM   564  N NE  A ARG A 1 78  ? -11.548 -10.829 -7.509  0.50 7.91  ? 78  ARG A NE  1 
ATOM   565  N NE  B ARG A 1 78  ? -10.686 -11.266 -7.326  0.50 7.24  ? 78  ARG A NE  1 
ATOM   566  C CZ  A ARG A 1 78  ? -11.774 -12.045 -7.025  0.50 8.17  ? 78  ARG A CZ  1 
ATOM   567  C CZ  B ARG A 1 78  ? -11.890 -11.696 -6.961  0.50 6.98  ? 78  ARG A CZ  1 
ATOM   568  N NH1 A ARG A 1 78  ? -10.769 -12.782 -6.574  0.50 8.54  ? 78  ARG A NH1 1 
ATOM   569  N NH1 B ARG A 1 78  ? -12.884 -10.832 -6.796  0.50 6.87  ? 78  ARG A NH1 1 
ATOM   570  N NH2 A ARG A 1 78  ? -13.007 -12.529 -6.996  0.50 9.04  ? 78  ARG A NH2 1 
ATOM   571  N NH2 B ARG A 1 78  ? -12.097 -12.988 -6.742  0.50 7.60  ? 78  ARG A NH2 1 
ATOM   572  N N   . VAL A 1 79  ? -5.647  -8.007  -5.790  1.00 5.45  ? 79  VAL A N   1 
ATOM   573  C CA  . VAL A 1 79  ? -4.648  -6.984  -6.059  1.00 5.61  ? 79  VAL A CA  1 
ATOM   574  C C   . VAL A 1 79  ? -4.453  -7.003  -7.577  1.00 5.64  ? 79  VAL A C   1 
ATOM   575  O O   . VAL A 1 79  ? -4.417  -8.073  -8.196  1.00 5.99  ? 79  VAL A O   1 
ATOM   576  C CB  . VAL A 1 79  ? -3.309  -7.332  -5.363  1.00 5.70  ? 79  VAL A CB  1 
ATOM   577  C CG1 . VAL A 1 79  ? -2.201  -6.425  -5.864  1.00 5.94  ? 79  VAL A CG1 1 
ATOM   578  C CG2 . VAL A 1 79  ? -3.462  -7.211  -3.851  1.00 6.03  ? 79  VAL A CG2 1 
ATOM   579  N N   . ALA A 1 80  ? -4.334  -5.827  -8.179  1.00 5.70  ? 80  ALA A N   1 
ATOM   580  C CA  . ALA A 1 80  ? -4.166  -5.732  -9.622  1.00 5.99  ? 80  ALA A CA  1 
ATOM   581  C C   . ALA A 1 80  ? -2.781  -6.141  -10.108 1.00 5.94  ? 80  ALA A C   1 
ATOM   582  O O   . ALA A 1 80  ? -1.766  -5.757  -9.528  1.00 6.12  ? 80  ALA A O   1 
ATOM   583  C CB  . ALA A 1 80  ? -4.467  -4.309  -10.086 1.00 6.17  ? 80  ALA A CB  1 
ATOM   584  N N   . ASN A 1 81  ? -2.758  -6.940  -11.169 1.00 6.26  ? 81  ASN A N   1 
ATOM   585  C CA  . ASN A 1 81  ? -1.518  -7.364  -11.813 1.00 6.43  ? 81  ASN A CA  1 
ATOM   586  C C   . ASN A 1 81  ? -1.830  -7.186  -13.293 1.00 6.33  ? 81  ASN A C   1 
ATOM   587  O O   . ASN A 1 81  ? -2.339  -8.099  -13.949 1.00 6.49  ? 81  ASN A O   1 
ATOM   588  C CB  . ASN A 1 81  ? -1.197  -8.829  -11.519 1.00 7.17  ? 81  ASN A CB  1 
ATOM   589  C CG  . ASN A 1 81  ? -0.093  -9.369  -12.414 1.00 7.78  ? 81  ASN A CG  1 
ATOM   590  O OD1 . ASN A 1 81  ? 0.545   -8.618  -13.156 1.00 8.17  ? 81  ASN A OD1 1 
ATOM   591  N ND2 . ASN A 1 81  ? 0.134   -10.675 -12.352 1.00 9.48  ? 81  ASN A ND2 1 
ATOM   592  N N   . GLY A 1 82  ? -1.535  -6.001  -13.817 1.00 6.58  ? 82  GLY A N   1 
ATOM   593  C CA  . GLY A 1 82  ? -1.855  -5.730  -15.204 1.00 7.47  ? 82  GLY A CA  1 
ATOM   594  C C   . GLY A 1 82  ? -3.368  -5.785  -15.301 1.00 8.01  ? 82  GLY A C   1 
ATOM   595  O O   . GLY A 1 82  ? -4.066  -5.163  -14.496 1.00 8.65  ? 82  GLY A O   1 
ATOM   596  N N   . SER A 1 83  ? -3.876  -6.542  -16.269 1.00 8.49  ? 83  SER A N   1 
ATOM   597  C CA  . SER A 1 83  ? -5.314  -6.689  -16.455 1.00 9.97  ? 83  SER A CA  1 
ATOM   598  C C   . SER A 1 83  ? -5.851  -7.847  -15.622 1.00 10.14 ? 83  SER A C   1 
ATOM   599  O O   . SER A 1 83  ? -7.062  -8.069  -15.569 1.00 11.07 ? 83  SER A O   1 
ATOM   600  C CB  . SER A 1 83  ? -5.635  -6.936  -17.933 1.00 10.92 ? 83  SER A CB  1 
ATOM   601  O OG  . SER A 1 83  ? -5.148  -5.886  -18.749 1.00 12.70 ? 83  SER A OG  1 
ATOM   602  N N   . SER A 1 84  ? -4.954  -8.585  -14.974 1.00 9.68  ? 84  SER A N   1 
ATOM   603  C CA  . SER A 1 84  ? -5.361  -9.718  -14.151 1.00 9.54  ? 84  SER A CA  1 
ATOM   604  C C   . SER A 1 84  ? -5.342  -9.388  -12.662 1.00 8.43  ? 84  SER A C   1 
ATOM   605  O O   . SER A 1 84  ? -5.222  -8.226  -12.276 1.00 7.60  ? 84  SER A O   1 
ATOM   606  C CB  . SER A 1 84  ? -4.467  -10.927 -14.428 1.00 10.45 ? 84  SER A CB  1 
ATOM   607  O OG  . SER A 1 84  ? -5.084  -12.114 -13.958 1.00 11.97 ? 84  SER A OG  1 
ATOM   608  N N   . PHE A 1 85  ? -5.451  -10.419 -11.829 1.00 8.01  ? 85  PHE A N   1 
ATOM   609  C CA  . PHE A 1 85  ? -5.490  -10.232 -10.382 1.00 7.45  ? 85  PHE A CA  1 
ATOM   610  C C   . PHE A 1 85  ? -4.729  -11.283 -9.598  1.00 7.21  ? 85  PHE A C   1 
ATOM   611  O O   . PHE A 1 85  ? -4.550  -12.413 -10.054 1.00 7.89  ? 85  PHE A O   1 
ATOM   612  C CB  . PHE A 1 85  ? -6.942  -10.264 -9.887  1.00 7.30  ? 85  PHE A CB  1 
ATOM   613  C CG  . PHE A 1 85  ? -7.865  -9.379  -10.662 1.00 6.69  ? 85  PHE A CG  1 
ATOM   614  C CD1 . PHE A 1 85  ? -7.991  -8.036  -10.329 1.00 6.72  ? 85  PHE A CD1 1 
ATOM   615  C CD2 . PHE A 1 85  ? -8.594  -9.877  -11.738 1.00 6.84  ? 85  PHE A CD2 1 
ATOM   616  C CE1 . PHE A 1 85  ? -8.824  -7.198  -11.057 1.00 6.87  ? 85  PHE A CE1 1 
ATOM   617  C CE2 . PHE A 1 85  ? -9.432  -9.046  -12.474 1.00 7.14  ? 85  PHE A CE2 1 
ATOM   618  C CZ  . PHE A 1 85  ? -9.546  -7.704  -12.134 1.00 7.24  ? 85  PHE A CZ  1 
ATOM   619  N N   . VAL A 1 86  ? -4.280  -10.891 -8.411  1.00 6.63  ? 86  VAL A N   1 
ATOM   620  C CA  . VAL A 1 86  ? -3.614  -11.798 -7.492  1.00 6.50  ? 86  VAL A CA  1 
ATOM   621  C C   . VAL A 1 86  ? -4.599  -11.855 -6.325  1.00 6.14  ? 86  VAL A C   1 
ATOM   622  O O   . VAL A 1 86  ? -5.033  -10.819 -5.814  1.00 6.25  ? 86  VAL A O   1 
ATOM   623  C CB  . VAL A 1 86  ? -2.260  -11.251 -6.999  1.00 6.78  ? 86  VAL A CB  1 
ATOM   624  C CG1 . VAL A 1 86  ? -1.703  -12.146 -5.895  1.00 7.29  ? 86  VAL A CG1 1 
ATOM   625  C CG2 . VAL A 1 86  ? -1.281  -11.177 -8.159  1.00 7.70  ? 86  VAL A CG2 1 
ATOM   626  N N   . THR A 1 87  ? -4.985  -13.061 -5.931  1.00 6.14  ? 87  THR A N   1 
ATOM   627  C CA  . THR A 1 87  ? -5.934  -13.223 -4.843  1.00 6.00  ? 87  THR A CA  1 
ATOM   628  C C   . THR A 1 87  ? -5.263  -13.063 -3.484  1.00 5.88  ? 87  THR A C   1 
ATOM   629  O O   . THR A 1 87  ? -4.187  -13.609 -3.247  1.00 6.43  ? 87  THR A O   1 
ATOM   630  C CB  . THR A 1 87  ? -6.612  -14.609 -4.912  1.00 5.85  ? 87  THR A CB  1 
ATOM   631  O OG1 . THR A 1 87  ? -7.276  -14.753 -6.174  1.00 6.57  ? 87  THR A OG1 1 
ATOM   632  C CG2 . THR A 1 87  ? -7.627  -14.766 -3.791  1.00 6.54  ? 87  THR A CG2 1 
ATOM   633  N N   . VAL A 1 88  ? -5.901  -12.293 -2.606  1.00 5.79  ? 88  VAL A N   1 
ATOM   634  C CA  . VAL A 1 88  ? -5.397  -12.078 -1.253  1.00 5.97  ? 88  VAL A CA  1 
ATOM   635  C C   . VAL A 1 88  ? -5.891  -13.279 -0.450  1.00 6.22  ? 88  VAL A C   1 
ATOM   636  O O   . VAL A 1 88  ? -7.100  -13.474 -0.286  1.00 6.56  ? 88  VAL A O   1 
ATOM   637  C CB  . VAL A 1 88  ? -5.963  -10.772 -0.646  1.00 5.90  ? 88  VAL A CB  1 
ATOM   638  C CG1 . VAL A 1 88  ? -5.480  -10.608 0.794   1.00 6.27  ? 88  VAL A CG1 1 
ATOM   639  C CG2 . VAL A 1 88  ? -5.540  -9.577  -1.495  1.00 5.92  ? 88  VAL A CG2 1 
ATOM   640  N N   . ARG A 1 89  ? -4.957  -14.081 0.047   1.00 6.77  ? 89  ARG A N   1 
ATOM   641  C CA  . ARG A 1 89  ? -5.312  -15.286 0.786   1.00 7.59  ? 89  ARG A CA  1 
ATOM   642  C C   . ARG A 1 89  ? -5.017  -15.244 2.283   1.00 7.39  ? 89  ARG A C   1 
ATOM   643  O O   . ARG A 1 89  ? -5.489  -16.101 3.029   1.00 8.19  ? 89  ARG A O   1 
ATOM   644  C CB  . ARG A 1 89  ? -4.617  -16.496 0.147   1.00 8.72  ? 89  ARG A CB  1 
ATOM   645  C CG  . ARG A 1 89  ? -4.995  -16.711 -1.323  1.00 9.89  ? 89  ARG A CG  1 
ATOM   646  C CD  . ARG A 1 89  ? -4.199  -17.837 -1.968  1.00 11.15 ? 89  ARG A CD  1 
ATOM   647  N NE  . ARG A 1 89  ? -4.380  -19.105 -1.266  1.00 12.04 ? 89  ARG A NE  1 
ATOM   648  C CZ  . ARG A 1 89  ? -3.498  -19.614 -0.412  1.00 12.54 ? 89  ARG A CZ  1 
ATOM   649  N NH1 . ARG A 1 89  ? -3.741  -20.773 0.184   1.00 13.11 ? 89  ARG A NH1 1 
ATOM   650  N NH2 . ARG A 1 89  ? -2.371  -18.965 -0.156  1.00 13.05 ? 89  ARG A NH2 1 
ATOM   651  N N   . GLY A 1 90  ? -4.255  -14.247 2.722   1.00 7.00  ? 90  GLY A N   1 
ATOM   652  C CA  . GLY A 1 90  ? -3.920  -14.140 4.131   1.00 6.77  ? 90  GLY A CA  1 
ATOM   653  C C   . GLY A 1 90  ? -2.892  -13.052 4.355   1.00 6.49  ? 90  GLY A C   1 
ATOM   654  O O   . GLY A 1 90  ? -2.597  -12.285 3.438   1.00 6.14  ? 90  GLY A O   1 
ATOM   655  N N   . SER A 1 91  ? -2.339  -12.991 5.564   1.00 6.57  ? 91  SER A N   1 
ATOM   656  C CA  . SER A 1 91  ? -1.343  -11.980 5.907   1.00 6.77  ? 91  SER A CA  1 
ATOM   657  C C   . SER A 1 91  ? -0.092  -12.545 6.582   1.00 6.67  ? 91  SER A C   1 
ATOM   658  O O   . SER A 1 91  ? 0.498   -11.895 7.445   1.00 6.63  ? 91  SER A O   1 
ATOM   659  C CB  . SER A 1 91  ? -1.968  -10.917 6.817   1.00 7.52  ? 91  SER A CB  1 
ATOM   660  O OG  . SER A 1 91  ? -2.587  -11.514 7.942   1.00 9.44  ? 91  SER A OG  1 
ATOM   661  N N   . THR A 1 92  ? 0.309   -13.754 6.199   1.00 6.43  ? 92  THR A N   1 
ATOM   662  C CA  . THR A 1 92  ? 1.515   -14.355 6.767   1.00 6.70  ? 92  THR A CA  1 
ATOM   663  C C   . THR A 1 92  ? 2.715   -13.510 6.343   1.00 6.69  ? 92  THR A C   1 
ATOM   664  O O   . THR A 1 92  ? 2.923   -13.287 5.152   1.00 6.66  ? 92  THR A O   1 
ATOM   665  C CB  . THR A 1 92  ? 1.729   -15.784 6.240   1.00 7.00  ? 92  THR A CB  1 
ATOM   666  O OG1 . THR A 1 92  ? 0.605   -16.599 6.590   1.00 7.48  ? 92  THR A OG1 1 
ATOM   667  C CG2 . THR A 1 92  ? 2.997   -16.384 6.830   1.00 7.43  ? 92  THR A CG2 1 
ATOM   668  N N   . GLU A 1 93  ? 3.504   -13.047 7.306   1.00 6.99  ? 93  GLU A N   1 
ATOM   669  C CA  . GLU A 1 93  ? 4.668   -12.225 6.983   1.00 7.62  ? 93  GLU A CA  1 
ATOM   670  C C   . GLU A 1 93  ? 5.835   -13.058 6.457   1.00 7.42  ? 93  GLU A C   1 
ATOM   671  O O   . GLU A 1 93  ? 6.252   -14.038 7.085   1.00 8.00  ? 93  GLU A O   1 
ATOM   672  C CB  . GLU A 1 93  ? 5.119   -11.426 8.210   1.00 8.45  ? 93  GLU A CB  1 
ATOM   673  C CG  . GLU A 1 93  ? 6.275   -10.479 7.913   1.00 9.71  ? 93  GLU A CG  1 
ATOM   674  C CD  . GLU A 1 93  ? 6.479   -9.413  8.976   1.00 10.19 ? 93  GLU A CD  1 
ATOM   675  O OE1 . GLU A 1 93  ? 5.507   -9.072  9.685   1.00 11.35 ? 93  GLU A OE1 1 
ATOM   676  O OE2 . GLU A 1 93  ? 7.620   -8.913  9.098   1.00 10.75 ? 93  GLU A OE2 1 
ATOM   677  N N   . ALA A 1 94  ? 6.360   -12.661 5.301   1.00 7.33  ? 94  ALA A N   1 
ATOM   678  C CA  . ALA A 1 94  ? 7.481   -13.353 4.677   1.00 7.24  ? 94  ALA A CA  1 
ATOM   679  C C   . ALA A 1 94  ? 8.802   -12.907 5.295   1.00 7.30  ? 94  ALA A C   1 
ATOM   680  O O   . ALA A 1 94  ? 8.925   -11.787 5.797   1.00 7.60  ? 94  ALA A O   1 
ATOM   681  C CB  . ALA A 1 94  ? 7.486   -13.089 3.178   1.00 7.22  ? 94  ALA A CB  1 
ATOM   682  N N   . ALA A 1 95  ? 9.790   -13.793 5.245   1.00 7.58  ? 95  ALA A N   1 
ATOM   683  C CA  . ALA A 1 95  ? 11.104  -13.514 5.808   1.00 8.14  ? 95  ALA A CA  1 
ATOM   684  C C   . ALA A 1 95  ? 12.037  -12.867 4.795   1.00 8.37  ? 95  ALA A C   1 
ATOM   685  O O   . ALA A 1 95  ? 11.771  -12.866 3.592   1.00 8.49  ? 95  ALA A O   1 
ATOM   686  C CB  . ALA A 1 95  ? 11.724  -14.807 6.323   1.00 8.47  ? 95  ALA A CB  1 
ATOM   687  N N   . VAL A 1 96  ? 13.132  -12.305 5.295   1.00 8.77  ? 96  VAL A N   1 
ATOM   688  C CA  . VAL A 1 96  ? 14.125  -11.687 4.432   1.00 9.02  ? 96  VAL A CA  1 
ATOM   689  C C   . VAL A 1 96  ? 14.593  -12.762 3.455   1.00 9.06  ? 96  VAL A C   1 
ATOM   690  O O   . VAL A 1 96  ? 14.851  -13.905 3.850   1.00 9.58  ? 96  VAL A O   1 
ATOM   691  C CB  . VAL A 1 96  ? 15.328  -11.163 5.256   1.00 9.44  ? 96  VAL A CB  1 
ATOM   692  C CG1 . VAL A 1 96  ? 16.485  -10.801 4.337   1.00 9.89  ? 96  VAL A CG1 1 
ATOM   693  C CG2 . VAL A 1 96  ? 14.903  -9.950  6.073   1.00 9.86  ? 96  VAL A CG2 1 
ATOM   694  N N   . GLY A 1 97  ? 14.684  -12.400 2.180   1.00 8.94  ? 97  GLY A N   1 
ATOM   695  C CA  . GLY A 1 97  ? 15.106  -13.347 1.164   1.00 9.25  ? 97  GLY A CA  1 
ATOM   696  C C   . GLY A 1 97  ? 13.947  -13.815 0.304   1.00 9.36  ? 97  GLY A C   1 
ATOM   697  O O   . GLY A 1 97  ? 14.142  -14.308 -0.805  1.00 10.02 ? 97  GLY A O   1 
ATOM   698  N N   . ALA A 1 98  ? 12.731  -13.656 0.811   1.00 8.93  ? 98  ALA A N   1 
ATOM   699  C CA  . ALA A 1 98  ? 11.546  -14.076 0.078   1.00 8.69  ? 98  ALA A CA  1 
ATOM   700  C C   . ALA A 1 98  ? 11.249  -13.171 -1.107  1.00 8.30  ? 98  ALA A C   1 
ATOM   701  O O   . ALA A 1 98  ? 11.581  -11.983 -1.103  1.00 8.35  ? 98  ALA A O   1 
ATOM   702  C CB  . ALA A 1 98  ? 10.342  -14.101 1.008   1.00 8.74  ? 98  ALA A CB  1 
ATOM   703  N N   . ALA A 1 99  ? 10.622  -13.745 -2.127  1.00 8.14  ? 99  ALA A N   1 
ATOM   704  C CA  . ALA A 1 99  ? 10.232  -12.982 -3.299  1.00 7.93  ? 99  ALA A CA  1 
ATOM   705  C C   . ALA A 1 99  ? 8.967   -12.225 -2.906  1.00 7.46  ? 99  ALA A C   1 
ATOM   706  O O   . ALA A 1 99  ? 8.169   -12.710 -2.101  1.00 8.08  ? 99  ALA A O   1 
ATOM   707  C CB  . ALA A 1 99  ? 9.946   -13.914 -4.468  1.00 8.35  ? 99  ALA A CB  1 
ATOM   708  N N   . VAL A 1 100 ? 8.791   -11.031 -3.458  1.00 6.85  ? 100 VAL A N   1 
ATOM   709  C CA  . VAL A 1 100 ? 7.616   -10.227 -3.158  1.00 6.65  ? 100 VAL A CA  1 
ATOM   710  C C   . VAL A 1 100 ? 7.367   -9.261  -4.309  1.00 6.22  ? 100 VAL A C   1 
ATOM   711  O O   . VAL A 1 100 ? 8.292   -8.915  -5.049  1.00 6.66  ? 100 VAL A O   1 
ATOM   712  C CB  . VAL A 1 100 ? 7.809   -9.434  -1.838  1.00 6.76  ? 100 VAL A CB  1 
ATOM   713  C CG1 . VAL A 1 100 ? 8.817   -8.316  -2.038  1.00 6.86  ? 100 VAL A CG1 1 
ATOM   714  C CG2 . VAL A 1 100 ? 6.476   -8.886  -1.354  1.00 7.14  ? 100 VAL A CG2 1 
ATOM   715  N N   . CYS A 1 101 ? 6.116   -8.849  -4.470  1.00 6.18  ? 101 CYS A N   1 
ATOM   716  C CA  . CYS A 1 101 ? 5.748   -7.903  -5.515  1.00 6.16  ? 101 CYS A CA  1 
ATOM   717  C C   . CYS A 1 101 ? 4.872   -6.819  -4.912  1.00 5.75  ? 101 CYS A C   1 
ATOM   718  O O   . CYS A 1 101 ? 4.400   -6.939  -3.779  1.00 6.08  ? 101 CYS A O   1 
ATOM   719  C CB  . CYS A 1 101 ? 4.938   -8.586  -6.624  1.00 7.00  ? 101 CYS A CB  1 
ATOM   720  S SG  . CYS A 1 101 ? 5.671   -10.066 -7.382  1.00 7.99  ? 101 CYS A SG  1 
ATOM   721  N N   . HIS A 1 102 ? 4.671   -5.748  -5.664  1.00 5.60  ? 102 HIS A N   1 
ATOM   722  C CA  . HIS A 1 102 ? 3.774   -4.702  -5.216  1.00 5.33  ? 102 HIS A CA  1 
ATOM   723  C C   . HIS A 1 102 ? 3.017   -4.169  -6.416  1.00 5.03  ? 102 HIS A C   1 
ATOM   724  O O   . HIS A 1 102 ? 3.449   -4.311  -7.566  1.00 5.50  ? 102 HIS A O   1 
ATOM   725  C CB  . HIS A 1 102 ? 4.506   -3.593  -4.442  1.00 5.88  ? 102 HIS A CB  1 
ATOM   726  C CG  . HIS A 1 102 ? 5.252   -2.618  -5.296  1.00 6.21  ? 102 HIS A CG  1 
ATOM   727  N ND1 . HIS A 1 102 ? 4.832   -1.317  -5.479  1.00 6.43  ? 102 HIS A ND1 1 
ATOM   728  C CD2 . HIS A 1 102 ? 6.429   -2.729  -5.954  1.00 6.32  ? 102 HIS A CD2 1 
ATOM   729  C CE1 . HIS A 1 102 ? 5.720   -0.669  -6.212  1.00 6.71  ? 102 HIS A CE1 1 
ATOM   730  N NE2 . HIS A 1 102 ? 6.699   -1.504  -6.513  1.00 7.01  ? 102 HIS A NE2 1 
ATOM   731  N N   . SER A 1 103 ? 1.853   -3.600  -6.136  1.00 4.83  ? 103 SER A N   1 
ATOM   732  C CA  . SER A 1 103 ? 0.979   -3.062  -7.162  1.00 4.76  ? 103 SER A CA  1 
ATOM   733  C C   . SER A 1 103 ? 0.738   -1.586  -6.880  1.00 4.74  ? 103 SER A C   1 
ATOM   734  O O   . SER A 1 103 ? 0.357   -1.218  -5.770  1.00 4.77  ? 103 SER A O   1 
ATOM   735  C CB  . SER A 1 103 ? -0.344  -3.830  -7.140  1.00 4.80  ? 103 SER A CB  1 
ATOM   736  O OG  . SER A 1 103 ? -1.178  -3.455  -8.218  1.00 5.42  ? 103 SER A OG  1 
ATOM   737  N N   . GLY A 1 104 ? 0.968   -0.749  -7.888  1.00 5.06  ? 104 GLY A N   1 
ATOM   738  C CA  . GLY A 1 104 ? 0.780   0.682   -7.730  1.00 5.58  ? 104 GLY A CA  1 
ATOM   739  C C   . GLY A 1 104 ? 0.343   1.334   -9.027  1.00 5.79  ? 104 GLY A C   1 
ATOM   740  O O   . GLY A 1 104 ? 0.566   0.795   -10.111 1.00 6.52  ? 104 GLY A O   1 
ATOM   741  N N   . ARG A 1 105 ? -0.264  2.510   -8.916  1.00 6.24  ? 105 ARG A N   1 
ATOM   742  C CA  . ARG A 1 105 ? -0.765  3.234   -10.077 1.00 7.09  ? 105 ARG A CA  1 
ATOM   743  C C   . ARG A 1 105 ? 0.316   3.777   -11.009 1.00 7.05  ? 105 ARG A C   1 
ATOM   744  O O   . ARG A 1 105 ? 0.024   4.136   -12.149 1.00 7.78  ? 105 ARG A O   1 
ATOM   745  C CB  . ARG A 1 105 ? -1.646  4.396   -9.617  1.00 8.48  ? 105 ARG A CB  1 
ATOM   746  C CG  . ARG A 1 105 ? -0.840  5.629   -9.242  1.00 10.53 ? 105 ARG A CG  1 
ATOM   747  C CD  . ARG A 1 105 ? -1.637  6.648   -8.452  1.00 11.95 ? 105 ARG A CD  1 
ATOM   748  N NE  . ARG A 1 105 ? -0.818  7.821   -8.158  1.00 13.03 ? 105 ARG A NE  1 
ATOM   749  C CZ  . ARG A 1 105 ? -0.512  8.757   -9.049  1.00 13.61 ? 105 ARG A CZ  1 
ATOM   750  N NH1 . ARG A 1 105 ? 0.241   9.791   -8.698  1.00 14.30 ? 105 ARG A NH1 1 
ATOM   751  N NH2 . ARG A 1 105 ? -0.967  8.665   -10.291 1.00 13.86 ? 105 ARG A NH2 1 
ATOM   752  N N   . THR A 1 106 ? 1.557   3.841   -10.538 1.00 6.74  ? 106 THR A N   1 
ATOM   753  C CA  . THR A 1 106 ? 2.633   4.382   -11.358 1.00 7.04  ? 106 THR A CA  1 
ATOM   754  C C   . THR A 1 106 ? 3.514   3.346   -12.053 1.00 6.97  ? 106 THR A C   1 
ATOM   755  O O   . THR A 1 106 ? 3.726   3.436   -13.265 1.00 7.86  ? 106 THR A O   1 
ATOM   756  C CB  . THR A 1 106 ? 3.508   5.345   -10.524 1.00 6.95  ? 106 THR A CB  1 
ATOM   757  O OG1 . THR A 1 106 ? 2.693   6.433   -10.067 1.00 7.61  ? 106 THR A OG1 1 
ATOM   758  C CG2 . THR A 1 106 ? 4.662   5.898   -11.356 1.00 7.39  ? 106 THR A CG2 1 
ATOM   759  N N   . THR A 1 107 ? 4.019   2.360   -11.316 1.00 6.56  ? 107 THR A N   1 
ATOM   760  C CA  . THR A 1 107 ? 4.876   1.356   -11.939 1.00 6.44  ? 107 THR A CA  1 
ATOM   761  C C   . THR A 1 107 ? 4.196   0.014   -12.214 1.00 6.62  ? 107 THR A C   1 
ATOM   762  O O   . THR A 1 107 ? 4.839   -0.921  -12.685 1.00 7.15  ? 107 THR A O   1 
ATOM   763  C CB  . THR A 1 107 ? 6.162   1.109   -11.111 1.00 6.47  ? 107 THR A CB  1 
ATOM   764  O OG1 . THR A 1 107 ? 5.816   0.601   -9.817  1.00 6.50  ? 107 THR A OG1 1 
ATOM   765  C CG2 . THR A 1 107 ? 6.959   2.402   -10.959 1.00 6.75  ? 107 THR A CG2 1 
ATOM   766  N N   . GLY A 1 108 ? 2.899   -0.078  -11.928 1.00 6.34  ? 108 GLY A N   1 
ATOM   767  C CA  . GLY A 1 108 ? 2.174   -1.312  -12.179 1.00 6.56  ? 108 GLY A CA  1 
ATOM   768  C C   . GLY A 1 108 ? 2.443   -2.406  -11.162 1.00 6.42  ? 108 GLY A C   1 
ATOM   769  O O   . GLY A 1 108 ? 2.334   -2.181  -9.961  1.00 6.57  ? 108 GLY A O   1 
ATOM   770  N N   . TYR A 1 109 ? 2.787   -3.594  -11.647 1.00 6.36  ? 109 TYR A N   1 
ATOM   771  C CA  . TYR A 1 109 ? 3.070   -4.736  -10.780 1.00 6.52  ? 109 TYR A CA  1 
ATOM   772  C C   . TYR A 1 109 ? 4.560   -5.056  -10.891 1.00 6.74  ? 109 TYR A C   1 
ATOM   773  O O   . TYR A 1 109 ? 5.017   -5.594  -11.901 1.00 7.81  ? 109 TYR A O   1 
ATOM   774  C CB  . TYR A 1 109 ? 2.225   -5.936  -11.222 1.00 6.85  ? 109 TYR A CB  1 
ATOM   775  C CG  . TYR A 1 109 ? 2.171   -7.067  -10.222 1.00 7.15  ? 109 TYR A CG  1 
ATOM   776  C CD1 . TYR A 1 109 ? 2.822   -8.275  -10.472 1.00 7.78  ? 109 TYR A CD1 1 
ATOM   777  C CD2 . TYR A 1 109 ? 1.460   -6.936  -9.028  1.00 7.43  ? 109 TYR A CD2 1 
ATOM   778  C CE1 . TYR A 1 109 ? 2.768   -9.323  -9.555  1.00 7.98  ? 109 TYR A CE1 1 
ATOM   779  C CE2 . TYR A 1 109 ? 1.401   -7.977  -8.107  1.00 7.97  ? 109 TYR A CE2 1 
ATOM   780  C CZ  . TYR A 1 109 ? 2.055   -9.165  -8.378  1.00 7.94  ? 109 TYR A CZ  1 
ATOM   781  O OH  . TYR A 1 109 ? 1.992   -10.190 -7.462  1.00 8.87  ? 109 TYR A OH  1 
ATOM   782  N N   . GLN A 1 110 ? 5.311   -4.714  -9.847  1.00 6.72  ? 110 GLN A N   1 
ATOM   783  C CA  . GLN A 1 110 ? 6.760   -4.908  -9.815  1.00 6.99  ? 110 GLN A CA  1 
ATOM   784  C C   . GLN A 1 110 ? 7.186   -5.921  -8.763  1.00 7.09  ? 110 GLN A C   1 
ATOM   785  O O   . GLN A 1 110 ? 6.686   -5.905  -7.639  1.00 7.10  ? 110 GLN A O   1 
ATOM   786  C CB  . GLN A 1 110 ? 7.453   -3.572  -9.533  1.00 7.16  ? 110 GLN A CB  1 
ATOM   787  C CG  . GLN A 1 110 ? 7.201   -2.509  -10.579 1.00 8.10  ? 110 GLN A CG  1 
ATOM   788  C CD  . GLN A 1 110 ? 7.902   -2.814  -11.879 1.00 8.73  ? 110 GLN A CD  1 
ATOM   789  O OE1 . GLN A 1 110 ? 8.865   -3.577  -11.911 1.00 8.75  ? 110 GLN A OE1 1 
ATOM   790  N NE2 . GLN A 1 110 ? 7.420   -2.217  -12.963 1.00 9.60  ? 110 GLN A NE2 1 
ATOM   791  N N   . CYS A 1 111 ? 8.139   -6.779  -9.117  1.00 7.39  ? 111 CYS A N   1 
ATOM   792  C CA  . CYS A 1 111 ? 8.606   -7.801  -8.191  1.00 7.70  ? 111 CYS A CA  1 
ATOM   793  C C   . CYS A 1 111 ? 10.097  -7.742  -7.895  1.00 7.60  ? 111 CYS A C   1 
ATOM   794  O O   . CYS A 1 111 ? 10.880  -7.149  -8.640  1.00 8.22  ? 111 CYS A O   1 
ATOM   795  C CB  . CYS A 1 111 ? 8.254   -9.189  -8.724  1.00 8.22  ? 111 CYS A CB  1 
ATOM   796  S SG  . CYS A 1 111 ? 6.488   -9.384  -9.116  1.00 8.86  ? 111 CYS A SG  1 
ATOM   797  N N   . GLY A 1 112 ? 10.469  -8.374  -6.791  1.00 7.36  ? 112 GLY A N   1 
ATOM   798  C CA  . GLY A 1 112 ? 11.852  -8.430  -6.363  1.00 7.62  ? 112 GLY A CA  1 
ATOM   799  C C   . GLY A 1 112 ? 11.915  -9.323  -5.140  1.00 7.57  ? 112 GLY A C   1 
ATOM   800  O O   . GLY A 1 112 ? 11.155  -10.289 -5.029  1.00 7.71  ? 112 GLY A O   1 
ATOM   801  N N   A THR A 1 113 ? 12.814  -9.015  -4.213  0.50 7.38  ? 113 THR A N   1 
ATOM   802  N N   B THR A 1 113 ? 12.821  -8.991  -4.225  0.50 7.83  ? 113 THR A N   1 
ATOM   803  C CA  A THR A 1 113 ? 12.915  -9.801  -2.990  0.50 7.39  ? 113 THR A CA  1 
ATOM   804  C CA  B THR A 1 113 ? 13.017  -9.763  -3.006  0.50 8.23  ? 113 THR A CA  1 
ATOM   805  C C   A THR A 1 113 ? 12.998  -8.869  -1.794  0.50 7.48  ? 113 THR A C   1 
ATOM   806  C C   B THR A 1 113 ? 13.058  -8.858  -1.781  0.50 8.03  ? 113 THR A C   1 
ATOM   807  O O   A THR A 1 113 ? 13.241  -7.669  -1.940  0.50 7.54  ? 113 THR A O   1 
ATOM   808  O O   B THR A 1 113 ? 13.324  -7.659  -1.896  0.50 8.10  ? 113 THR A O   1 
ATOM   809  C CB  A THR A 1 113 ? 14.155  -10.725 -2.982  0.50 7.54  ? 113 THR A CB  1 
ATOM   810  C CB  B THR A 1 113 ? 14.349  -10.538 -3.073  0.50 8.88  ? 113 THR A CB  1 
ATOM   811  O OG1 A THR A 1 113 ? 15.341  -9.941  -3.150  0.50 6.95  ? 113 THR A OG1 1 
ATOM   812  O OG1 B THR A 1 113 ? 14.525  -11.077 -4.390  0.50 9.53  ? 113 THR A OG1 1 
ATOM   813  C CG2 A THR A 1 113 ? 14.059  -11.760 -4.094  0.50 7.24  ? 113 THR A CG2 1 
ATOM   814  C CG2 B THR A 1 113 ? 14.363  -11.662 -2.056  0.50 9.42  ? 113 THR A CG2 1 
ATOM   815  N N   . ILE A 1 114 ? 12.782  -9.428  -0.610  1.00 7.85  ? 114 ILE A N   1 
ATOM   816  C CA  . ILE A 1 114 ? 12.837  -8.665  0.627   1.00 8.07  ? 114 ILE A CA  1 
ATOM   817  C C   . ILE A 1 114 ? 14.309  -8.707  1.021   1.00 8.14  ? 114 ILE A C   1 
ATOM   818  O O   . ILE A 1 114 ? 14.892  -9.784  1.157   1.00 8.45  ? 114 ILE A O   1 
ATOM   819  C CB  . ILE A 1 114 ? 11.971  -9.311  1.725   1.00 8.23  ? 114 ILE A CB  1 
ATOM   820  C CG1 . ILE A 1 114 ? 10.492  -9.209  1.341   1.00 8.68  ? 114 ILE A CG1 1 
ATOM   821  C CG2 . ILE A 1 114 ? 12.213  -8.617  3.056   1.00 8.47  ? 114 ILE A CG2 1 
ATOM   822  C CD1 . ILE A 1 114 ? 9.556   -9.924  2.296   1.00 9.15  ? 114 ILE A CD1 1 
ATOM   823  N N   . THR A 1 115 ? 14.911  -7.536  1.203   1.00 8.22  ? 115 THR A N   1 
ATOM   824  C CA  . THR A 1 115 ? 16.331  -7.454  1.517   1.00 8.80  ? 115 THR A CA  1 
ATOM   825  C C   . THR A 1 115 ? 16.686  -7.090  2.954   1.00 8.67  ? 115 THR A C   1 
ATOM   826  O O   . THR A 1 115 ? 17.799  -7.361  3.403   1.00 9.24  ? 115 THR A O   1 
ATOM   827  C CB  . THR A 1 115 ? 17.016  -6.453  0.578   1.00 9.31  ? 115 THR A CB  1 
ATOM   828  O OG1 . THR A 1 115 ? 16.339  -5.194  0.656   1.00 9.75  ? 115 THR A OG1 1 
ATOM   829  C CG2 . THR A 1 115 ? 16.957  -6.953  -0.859  1.00 9.64  ? 115 THR A CG2 1 
ATOM   830  N N   . ALA A 1 116 ? 15.757  -6.475  3.676   1.00 8.30  ? 116 ALA A N   1 
ATOM   831  C CA  . ALA A 1 116 ? 16.023  -6.093  5.058   1.00 8.29  ? 116 ALA A CA  1 
ATOM   832  C C   . ALA A 1 116 ? 14.742  -5.698  5.774   1.00 8.16  ? 116 ALA A C   1 
ATOM   833  O O   . ALA A 1 116 ? 13.734  -5.394  5.138   1.00 8.34  ? 116 ALA A O   1 
ATOM   834  C CB  . ALA A 1 116 ? 17.017  -4.932  5.099   1.00 8.79  ? 116 ALA A CB  1 
ATOM   835  N N   . LYS A 1 117 ? 14.788  -5.710  7.101   1.00 8.02  ? 117 LYS A N   1 
ATOM   836  C CA  . LYS A 1 117 ? 13.637  -5.327  7.907   1.00 8.04  ? 117 LYS A CA  1 
ATOM   837  C C   . LYS A 1 117 ? 14.053  -4.302  8.955   1.00 8.28  ? 117 LYS A C   1 
ATOM   838  O O   . LYS A 1 117 ? 15.245  -4.108  9.211   1.00 8.44  ? 117 LYS A O   1 
ATOM   839  C CB  . LYS A 1 117 ? 13.023  -6.555  8.587   1.00 8.17  ? 117 LYS A CB  1 
ATOM   840  C CG  . LYS A 1 117 ? 12.237  -7.445  7.635   1.00 8.42  ? 117 LYS A CG  1 
ATOM   841  C CD  . LYS A 1 117 ? 11.519  -8.569  8.368   1.00 8.92  ? 117 LYS A CD  1 
ATOM   842  C CE  . LYS A 1 117 ? 10.817  -9.494  7.385   1.00 8.93  ? 117 LYS A CE  1 
ATOM   843  N NZ  . LYS A 1 117 ? 9.969   -10.502 8.074   1.00 9.86  ? 117 LYS A NZ  1 
ATOM   844  N N   . ASN A 1 118 ? 13.062  -3.643  9.548   1.00 8.44  ? 118 ASN A N   1 
ATOM   845  C CA  . ASN A 1 118 ? 13.291  -2.630  10.577  1.00 9.03  ? 118 ASN A CA  1 
ATOM   846  C C   . ASN A 1 118 ? 14.166  -1.478  10.091  1.00 8.66  ? 118 ASN A C   1 
ATOM   847  O O   . ASN A 1 118 ? 15.053  -1.008  10.808  1.00 8.69  ? 118 ASN A O   1 
ATOM   848  C CB  . ASN A 1 118 ? 13.923  -3.267  11.818  1.00 10.30 ? 118 ASN A CB  1 
ATOM   849  C CG  . ASN A 1 118 ? 13.711  -2.437  13.070  1.00 11.53 ? 118 ASN A CG  1 
ATOM   850  O OD1 . ASN A 1 118 ? 14.517  -2.482  14.000  1.00 12.97 ? 118 ASN A OD1 1 
ATOM   851  N ND2 . ASN A 1 118 ? 12.625  -1.673  13.099  1.00 12.37 ? 118 ASN A ND2 1 
ATOM   852  N N   . VAL A 1 119 ? 13.900  -1.019  8.874   1.00 8.37  ? 119 VAL A N   1 
ATOM   853  C CA  . VAL A 1 119 ? 14.651  0.076   8.275   1.00 8.26  ? 119 VAL A CA  1 
ATOM   854  C C   . VAL A 1 119 ? 13.985  1.418   8.563   1.00 8.00  ? 119 VAL A C   1 
ATOM   855  O O   . VAL A 1 119 ? 12.758  1.533   8.538   1.00 7.74  ? 119 VAL A O   1 
ATOM   856  C CB  . VAL A 1 119 ? 14.759  -0.109  6.742   1.00 8.43  ? 119 VAL A CB  1 
ATOM   857  C CG1 . VAL A 1 119 ? 15.476  1.076   6.113   1.00 8.84  ? 119 VAL A CG1 1 
ATOM   858  C CG2 . VAL A 1 119 ? 15.492  -1.405  6.428   1.00 9.13  ? 119 VAL A CG2 1 
ATOM   859  N N   . THR A 1 120 ? 14.799  2.431   8.840   1.00 7.96  ? 120 THR A N   1 
ATOM   860  C CA  . THR A 1 120 ? 14.283  3.764   9.114   1.00 8.35  ? 120 THR A CA  1 
ATOM   861  C C   . THR A 1 120 ? 14.428  4.646   7.880   1.00 8.13  ? 120 THR A C   1 
ATOM   862  O O   . THR A 1 120 ? 15.485  4.677   7.246   1.00 8.59  ? 120 THR A O   1 
ATOM   863  C CB  . THR A 1 120 ? 15.037  4.438   10.281  1.00 8.69  ? 120 THR A CB  1 
ATOM   864  O OG1 . THR A 1 120 ? 14.771  3.725   11.494  1.00 9.62  ? 120 THR A OG1 1 
ATOM   865  C CG2 . THR A 1 120 ? 14.587  5.887   10.447  1.00 9.33  ? 120 THR A CG2 1 
ATOM   866  N N   . ALA A 1 121 ? 13.352  5.344   7.537   1.00 8.20  ? 121 ALA A N   1 
ATOM   867  C CA  . ALA A 1 121 ? 13.361  6.258   6.405   1.00 8.27  ? 121 ALA A CA  1 
ATOM   868  C C   . ALA A 1 121 ? 13.310  7.669   6.974   1.00 8.22  ? 121 ALA A C   1 
ATOM   869  O O   . ALA A 1 121 ? 12.510  7.957   7.865   1.00 8.24  ? 121 ALA A O   1 
ATOM   870  C CB  . ALA A 1 121 ? 12.149  6.011   5.516   1.00 8.63  ? 121 ALA A CB  1 
ATOM   871  N N   . ASN A 1 122 ? 14.178  8.542   6.478   1.00 8.47  ? 122 ASN A N   1 
ATOM   872  C CA  . ASN A 1 122 ? 14.201  9.921   6.944   1.00 8.96  ? 122 ASN A CA  1 
ATOM   873  C C   . ASN A 1 122 ? 13.502  10.784  5.907   1.00 8.74  ? 122 ASN A C   1 
ATOM   874  O O   . ASN A 1 122 ? 14.134  11.335  5.006   1.00 9.49  ? 122 ASN A O   1 
ATOM   875  C CB  . ASN A 1 122 ? 15.643  10.382  7.153   1.00 10.38 ? 122 ASN A CB  1 
ATOM   876  C CG  . ASN A 1 122 ? 16.371  9.538   8.179   1.00 11.56 ? 122 ASN A CG  1 
ATOM   877  O OD1 . ASN A 1 122 ? 15.920  9.399   9.315   1.00 12.34 ? 122 ASN A OD1 1 
ATOM   878  N ND2 . ASN A 1 122 ? 17.501  8.966   7.782   1.00 13.00 ? 122 ASN A ND2 1 
ATOM   879  N N   . TYR A 1 123 ? 12.184  10.881  6.034   1.00 8.31  ? 123 TYR A N   1 
ATOM   880  C CA  . TYR A 1 123 ? 11.377  11.663  5.110   1.00 8.10  ? 123 TYR A CA  1 
ATOM   881  C C   . TYR A 1 123 ? 11.378  13.134  5.494   1.00 8.29  ? 123 TYR A C   1 
ATOM   882  O O   . TYR A 1 123 ? 11.820  13.507  6.579   1.00 7.85  ? 123 TYR A O   1 
ATOM   883  C CB  . TYR A 1 123 ? 9.934   11.154  5.105   1.00 7.82  ? 123 TYR A CB  1 
ATOM   884  C CG  . TYR A 1 123 ? 9.750   9.729   4.625   1.00 7.21  ? 123 TYR A CG  1 
ATOM   885  C CD1 . TYR A 1 123 ? 8.871   8.867   5.283   1.00 7.37  ? 123 TYR A CD1 1 
ATOM   886  C CD2 . TYR A 1 123 ? 10.413  9.253   3.491   1.00 7.53  ? 123 TYR A CD2 1 
ATOM   887  C CE1 . TYR A 1 123 ? 8.651   7.571   4.826   1.00 7.43  ? 123 TYR A CE1 1 
ATOM   888  C CE2 . TYR A 1 123 ? 10.198  7.953   3.023   1.00 7.51  ? 123 TYR A CE2 1 
ATOM   889  C CZ  . TYR A 1 123 ? 9.313   7.120   3.696   1.00 7.35  ? 123 TYR A CZ  1 
ATOM   890  O OH  . TYR A 1 123 ? 9.085   5.844   3.234   1.00 7.33  ? 123 TYR A OH  1 
ATOM   891  N N   . ALA A 1 124 ? 10.860  13.967  4.601   1.00 8.52  ? 124 ALA A N   1 
ATOM   892  C CA  . ALA A 1 124 ? 10.794  15.400  4.843   1.00 8.64  ? 124 ALA A CA  1 
ATOM   893  C C   . ALA A 1 124 ? 10.056  15.730  6.142   1.00 8.56  ? 124 ALA A C   1 
ATOM   894  O O   . ALA A 1 124 ? 10.459  16.626  6.882   1.00 8.95  ? 124 ALA A O   1 
ATOM   895  C CB  . ALA A 1 124 ? 10.107  16.088  3.667   1.00 9.27  ? 124 ALA A CB  1 
ATOM   896  N N   . GLU A 1 125 ? 8.988   14.990  6.419   1.00 8.28  ? 125 GLU A N   1 
ATOM   897  C CA  . GLU A 1 125 ? 8.164   15.224  7.602   1.00 8.04  ? 125 GLU A CA  1 
ATOM   898  C C   . GLU A 1 125 ? 8.710   14.667  8.910   1.00 7.56  ? 125 GLU A C   1 
ATOM   899  O O   . GLU A 1 125 ? 8.263   15.054  9.991   1.00 7.48  ? 125 GLU A O   1 
ATOM   900  C CB  . GLU A 1 125 ? 6.762   14.658  7.359   1.00 8.61  ? 125 GLU A CB  1 
ATOM   901  C CG  . GLU A 1 125 ? 6.038   15.276  6.169   1.00 9.93  ? 125 GLU A CG  1 
ATOM   902  C CD  . GLU A 1 125 ? 6.341   14.576  4.854   1.00 10.43 ? 125 GLU A CD  1 
ATOM   903  O OE1 . GLU A 1 125 ? 7.269   13.745  4.809   1.00 10.53 ? 125 GLU A OE1 1 
ATOM   904  O OE2 . GLU A 1 125 ? 5.644   14.860  3.855   1.00 11.62 ? 125 GLU A OE2 1 
ATOM   905  N N   . GLY A 1 126 ? 9.675   13.760  8.808   1.00 7.07  ? 126 GLY A N   1 
ATOM   906  C CA  . GLY A 1 126 ? 10.257  13.149  9.988   1.00 7.02  ? 126 GLY A CA  1 
ATOM   907  C C   . GLY A 1 126 ? 10.605  11.705  9.695   1.00 6.88  ? 126 GLY A C   1 
ATOM   908  O O   . GLY A 1 126 ? 10.367  11.212  8.593   1.00 7.12  ? 126 GLY A O   1 
ATOM   909  N N   . ALA A 1 127 ? 11.168  11.017  10.678  1.00 6.87  ? 127 ALA A N   1 
ATOM   910  C CA  . ALA A 1 127 ? 11.543  9.625   10.494  1.00 6.74  ? 127 ALA A CA  1 
ATOM   911  C C   . ALA A 1 127 ? 10.349  8.683   10.584  1.00 6.48  ? 127 ALA A C   1 
ATOM   912  O O   . ALA A 1 127 ? 9.369   8.961   11.277  1.00 6.47  ? 127 ALA A O   1 
ATOM   913  C CB  . ALA A 1 127 ? 12.583  9.224   11.534  1.00 7.47  ? 127 ALA A CB  1 
ATOM   914  N N   . VAL A 1 128 ? 10.437  7.580   9.849   1.00 6.51  ? 128 VAL A N   1 
ATOM   915  C CA  . VAL A 1 128 ? 9.430   6.525   9.883   1.00 6.40  ? 128 VAL A CA  1 
ATOM   916  C C   . VAL A 1 128 ? 10.281  5.279   10.113  1.00 6.79  ? 128 VAL A C   1 
ATOM   917  O O   . VAL A 1 128 ? 11.171  4.970   9.320   1.00 6.93  ? 128 VAL A O   1 
ATOM   918  C CB  . VAL A 1 128 ? 8.645   6.394   8.555   1.00 6.24  ? 128 VAL A CB  1 
ATOM   919  C CG1 . VAL A 1 128 ? 7.804   5.116   8.576   1.00 6.41  ? 128 VAL A CG1 1 
ATOM   920  C CG2 . VAL A 1 128 ? 7.743   7.603   8.364   1.00 6.36  ? 128 VAL A CG2 1 
ATOM   921  N N   . ARG A 1 129 ? 10.022  4.583   11.212  1.00 7.31  ? 129 ARG A N   1 
ATOM   922  C CA  . ARG A 1 129 ? 10.803  3.398   11.547  1.00 8.29  ? 129 ARG A CA  1 
ATOM   923  C C   . ARG A 1 129 ? 10.081  2.088   11.273  1.00 7.79  ? 129 ARG A C   1 
ATOM   924  O O   . ARG A 1 129 ? 8.899   2.075   10.930  1.00 8.18  ? 129 ARG A O   1 
ATOM   925  C CB  . ARG A 1 129 ? 11.215  3.450   13.023  1.00 10.49 ? 129 ARG A CB  1 
ATOM   926  C CG  . ARG A 1 129 ? 11.588  4.843   13.512  1.00 13.43 ? 129 ARG A CG  1 
ATOM   927  C CD  . ARG A 1 129 ? 12.458  4.803   14.760  1.00 15.83 ? 129 ARG A CD  1 
ATOM   928  N NE  . ARG A 1 129 ? 13.442  5.882   14.762  1.00 18.25 ? 129 ARG A NE  1 
ATOM   929  C CZ  . ARG A 1 129 ? 13.146  7.164   14.953  1.00 19.17 ? 129 ARG A CZ  1 
ATOM   930  N NH1 . ARG A 1 129 ? 11.891  7.536   15.162  1.00 19.79 ? 129 ARG A NH1 1 
ATOM   931  N NH2 . ARG A 1 129 ? 14.107  8.077   14.929  1.00 19.91 ? 129 ARG A NH2 1 
ATOM   932  N N   . GLY A 1 130 ? 10.823  0.990   11.411  1.00 7.38  ? 130 GLY A N   1 
ATOM   933  C CA  . GLY A 1 130 ? 10.271  -0.343  11.232  1.00 6.90  ? 130 GLY A CA  1 
ATOM   934  C C   . GLY A 1 130 ? 9.822   -0.771  9.849   1.00 6.47  ? 130 GLY A C   1 
ATOM   935  O O   . GLY A 1 130 ? 9.038   -1.713  9.723   1.00 6.53  ? 130 GLY A O   1 
ATOM   936  N N   . LEU A 1 131 ? 10.320  -0.109  8.812   1.00 6.38  ? 131 LEU A N   1 
ATOM   937  C CA  . LEU A 1 131 ? 9.923   -0.448  7.450   1.00 6.23  ? 131 LEU A CA  1 
ATOM   938  C C   . LEU A 1 131 ? 10.683  -1.640  6.883   1.00 6.15  ? 131 LEU A C   1 
ATOM   939  O O   . LEU A 1 131 ? 11.832  -1.896  7.244   1.00 6.60  ? 131 LEU A O   1 
ATOM   940  C CB  . LEU A 1 131 ? 10.118  0.762   6.529   1.00 6.45  ? 131 LEU A CB  1 
ATOM   941  C CG  . LEU A 1 131 ? 9.353   2.036   6.903   1.00 6.36  ? 131 LEU A CG  1 
ATOM   942  C CD1 . LEU A 1 131 ? 9.852   3.199   6.055   1.00 7.06  ? 131 LEU A CD1 1 
ATOM   943  C CD2 . LEU A 1 131 ? 7.856   1.826   6.702   1.00 7.17  ? 131 LEU A CD2 1 
ATOM   944  N N   . THR A 1 132 ? 10.028  -2.373  5.992   1.00 5.91  ? 132 THR A N   1 
ATOM   945  C CA  . THR A 1 132 ? 10.659  -3.515  5.355   1.00 5.89  ? 132 THR A CA  1 
ATOM   946  C C   . THR A 1 132 ? 11.135  -3.058  3.981   1.00 5.88  ? 132 THR A C   1 
ATOM   947  O O   . THR A 1 132 ? 10.424  -2.350  3.261   1.00 5.82  ? 132 THR A O   1 
ATOM   948  C CB  . THR A 1 132 ? 9.684   -4.690  5.238   1.00 5.87  ? 132 THR A CB  1 
ATOM   949  O OG1 . THR A 1 132 ? 9.350   -5.140  6.557   1.00 5.99  ? 132 THR A OG1 1 
ATOM   950  C CG2 . THR A 1 132 ? 10.317  -5.838  4.461   1.00 6.21  ? 132 THR A CG2 1 
ATOM   951  N N   . GLN A 1 133 ? 12.352  -3.463  3.635   1.00 6.36  ? 133 GLN A N   1 
ATOM   952  C CA  . GLN A 1 133 ? 12.981  -3.077  2.383   1.00 6.85  ? 133 GLN A CA  1 
ATOM   953  C C   . GLN A 1 133 ? 13.012  -4.186  1.338   1.00 6.66  ? 133 GLN A C   1 
ATOM   954  O O   . GLN A 1 133 ? 13.196  -5.363  1.660   1.00 7.03  ? 133 GLN A O   1 
ATOM   955  C CB  . GLN A 1 133 ? 14.406  -2.603  2.674   1.00 7.92  ? 133 GLN A CB  1 
ATOM   956  C CG  . GLN A 1 133 ? 15.187  -2.127  1.470   1.00 9.89  ? 133 GLN A CG  1 
ATOM   957  C CD  . GLN A 1 133 ? 16.617  -1.794  1.830   1.00 11.28 ? 133 GLN A CD  1 
ATOM   958  O OE1 . GLN A 1 133 ? 16.954  -0.635  2.069   1.00 13.34 ? 133 GLN A OE1 1 
ATOM   959  N NE2 . GLN A 1 133 ? 17.469  -2.814  1.880   1.00 12.71 ? 133 GLN A NE2 1 
ATOM   960  N N   . SER A 1 134 ? 12.837  -3.787  0.082   1.00 6.59  ? 134 SER A N   1 
ATOM   961  C CA  . SER A 1 134 ? 12.857  -4.711  -1.045  1.00 6.65  ? 134 SER A CA  1 
ATOM   962  C C   . SER A 1 134 ? 13.615  -4.063  -2.198  1.00 6.80  ? 134 SER A C   1 
ATOM   963  O O   . SER A 1 134 ? 13.809  -2.842  -2.215  1.00 7.26  ? 134 SER A O   1 
ATOM   964  C CB  . SER A 1 134 ? 11.423  -5.031  -1.481  1.00 6.44  ? 134 SER A CB  1 
ATOM   965  O OG  . SER A 1 134 ? 11.394  -5.734  -2.712  1.00 6.88  ? 134 SER A OG  1 
ATOM   966  N N   . ASN A 1 135 ? 14.057  -4.876  -3.153  1.00 7.25  ? 135 ASN A N   1 
ATOM   967  C CA  . ASN A 1 135 ? 14.762  -4.340  -4.308  1.00 7.80  ? 135 ASN A CA  1 
ATOM   968  C C   . ASN A 1 135 ? 13.856  -4.281  -5.537  1.00 7.85  ? 135 ASN A C   1 
ATOM   969  O O   . ASN A 1 135 ? 14.324  -4.074  -6.654  1.00 8.14  ? 135 ASN A O   1 
ATOM   970  C CB  . ASN A 1 135 ? 16.044  -5.134  -4.603  1.00 8.24  ? 135 ASN A CB  1 
ATOM   971  C CG  . ASN A 1 135 ? 15.786  -6.598  -4.885  1.00 8.41  ? 135 ASN A CG  1 
ATOM   972  O OD1 . ASN A 1 135 ? 14.647  -7.022  -5.056  1.00 8.21  ? 135 ASN A OD1 1 
ATOM   973  N ND2 . ASN A 1 135 ? 16.858  -7.383  -4.938  1.00 9.31  ? 135 ASN A ND2 1 
ATOM   974  N N   . ALA A 1 136 ? 12.554  -4.477  -5.332  1.00 7.86  ? 136 ALA A N   1 
ATOM   975  C CA  . ALA A 1 136 ? 11.598  -4.354  -6.429  1.00 7.63  ? 136 ALA A CA  1 
ATOM   976  C C   . ALA A 1 136 ? 11.519  -2.842  -6.651  1.00 7.46  ? 136 ALA A C   1 
ATOM   977  O O   . ALA A 1 136 ? 11.567  -2.077  -5.683  1.00 8.28  ? 136 ALA A O   1 
ATOM   978  C CB  . ALA A 1 136 ? 10.235  -4.899  -6.014  1.00 7.93  ? 136 ALA A CB  1 
ATOM   979  N N   . CYS A 1 137 ? 11.411  -2.394  -7.898  1.00 7.12  ? 137 CYS A N   1 
ATOM   980  C CA  . CYS A 1 137 ? 11.357  -0.956  -8.132  1.00 6.74  ? 137 CYS A CA  1 
ATOM   981  C C   . CYS A 1 137 ? 9.977   -0.359  -7.883  1.00 6.53  ? 137 CYS A C   1 
ATOM   982  O O   . CYS A 1 137 ? 8.962   -1.066  -7.897  1.00 6.86  ? 137 CYS A O   1 
ATOM   983  C CB  . CYS A 1 137 ? 11.888  -0.609  -9.534  1.00 7.37  ? 137 CYS A CB  1 
ATOM   984  S SG  . CYS A 1 137 ? 10.780  -0.863  -10.954 1.00 8.01  ? 137 CYS A SG  1 
ATOM   985  N N   A MET A 1 138 ? 9.951   0.949   -7.643  0.70 6.30  ? 138 MET A N   1 
ATOM   986  N N   B MET A 1 138 ? 9.955   0.950   -7.648  0.30 6.33  ? 138 MET A N   1 
ATOM   987  C CA  A MET A 1 138 ? 8.718   1.678   -7.370  0.70 6.51  ? 138 MET A CA  1 
ATOM   988  C CA  B MET A 1 138 ? 8.725   1.678   -7.364  0.30 6.33  ? 138 MET A CA  1 
ATOM   989  C C   A MET A 1 138 ? 8.838   3.110   -7.877  0.70 6.25  ? 138 MET A C   1 
ATOM   990  C C   B MET A 1 138 ? 8.839   3.110   -7.876  0.30 6.27  ? 138 MET A C   1 
ATOM   991  O O   A MET A 1 138 ? 9.924   3.558   -8.259  0.70 6.20  ? 138 MET A O   1 
ATOM   992  O O   B MET A 1 138 ? 9.921   3.557   -8.264  0.30 6.25  ? 138 MET A O   1 
ATOM   993  C CB  A MET A 1 138 ? 8.441   1.700   -5.863  0.70 7.18  ? 138 MET A CB  1 
ATOM   994  C CB  B MET A 1 138 ? 8.483   1.704   -5.853  0.30 6.37  ? 138 MET A CB  1 
ATOM   995  C CG  A MET A 1 138 ? 9.539   2.364   -5.033  0.70 8.28  ? 138 MET A CG  1 
ATOM   996  C CG  B MET A 1 138 ? 9.773   1.788   -5.045  0.30 6.85  ? 138 MET A CG  1 
ATOM   997  S SD  A MET A 1 138 ? 9.388   4.161   -4.892  0.70 10.58 ? 138 MET A SD  1 
ATOM   998  S SD  B MET A 1 138 ? 9.693   2.819   -3.566  0.30 6.60  ? 138 MET A SD  1 
ATOM   999  C CE  A MET A 1 138 ? 7.992   4.300   -3.772  0.70 10.18 ? 138 MET A CE  1 
ATOM   1000 C CE  B MET A 1 138 ? 8.760   4.235   -4.174  0.30 6.96  ? 138 MET A CE  1 
ATOM   1001 N N   . GLY A 1 139 ? 7.720   3.827   -7.871  1.00 6.27  ? 139 GLY A N   1 
ATOM   1002 C CA  . GLY A 1 139 ? 7.720   5.204   -8.325  1.00 6.83  ? 139 GLY A CA  1 
ATOM   1003 C C   . GLY A 1 139 ? 6.703   6.033   -7.563  1.00 7.15  ? 139 GLY A C   1 
ATOM   1004 O O   . GLY A 1 139 ? 5.790   5.485   -6.938  1.00 7.28  ? 139 GLY A O   1 
ATOM   1005 N N   A ARG A 1 140 ? 6.856   7.352   -7.620  0.50 7.50  ? 140 ARG A N   1 
ATOM   1006 N N   B ARG A 1 140 ? 6.865   7.352   -7.595  0.50 7.39  ? 140 ARG A N   1 
ATOM   1007 C CA  A ARG A 1 140 ? 5.942   8.268   -6.948  0.50 8.01  ? 140 ARG A CA  1 
ATOM   1008 C CA  B ARG A 1 140 ? 5.949   8.252   -6.905  0.50 7.89  ? 140 ARG A CA  1 
ATOM   1009 C C   A ARG A 1 140 ? 4.517   7.958   -7.386  0.50 7.70  ? 140 ARG A C   1 
ATOM   1010 C C   B ARG A 1 140 ? 4.525   7.979   -7.375  0.50 7.63  ? 140 ARG A C   1 
ATOM   1011 O O   A ARG A 1 140 ? 4.235   7.868   -8.581  0.50 7.90  ? 140 ARG A O   1 
ATOM   1012 O O   B ARG A 1 140 ? 4.255   7.934   -8.574  0.50 7.82  ? 140 ARG A O   1 
ATOM   1013 C CB  A ARG A 1 140 ? 6.268   9.718   -7.314  0.50 9.40  ? 140 ARG A CB  1 
ATOM   1014 C CB  B ARG A 1 140 ? 6.330   9.708   -7.186  0.50 9.10  ? 140 ARG A CB  1 
ATOM   1015 C CG  A ARG A 1 140 ? 7.672   10.174  -6.954  0.50 11.02 ? 140 ARG A CG  1 
ATOM   1016 C CG  B ARG A 1 140 ? 7.771   10.048  -6.829  0.50 10.50 ? 140 ARG A CG  1 
ATOM   1017 C CD  A ARG A 1 140 ? 7.838   11.665  -7.215  0.50 12.58 ? 140 ARG A CD  1 
ATOM   1018 C CD  B ARG A 1 140 ? 7.983   11.550  -6.704  0.50 11.74 ? 140 ARG A CD  1 
ATOM   1019 N NE  A ARG A 1 140 ? 9.204   12.020  -7.593  0.50 14.07 ? 140 ARG A NE  1 
ATOM   1020 N NE  B ARG A 1 140 ? 8.240   12.181  -7.998  0.50 13.12 ? 140 ARG A NE  1 
ATOM   1021 C CZ  A ARG A 1 140 ? 9.515   12.903  -8.538  0.50 14.88 ? 140 ARG A CZ  1 
ATOM   1022 C CZ  B ARG A 1 140 ? 9.452   12.470  -8.465  0.50 13.86 ? 140 ARG A CZ  1 
ATOM   1023 N NH1 A ARG A 1 140 ? 10.787  13.161  -8.812  0.50 15.50 ? 140 ARG A NH1 1 
ATOM   1024 N NH1 B ARG A 1 140 ? 9.585   13.045  -9.654  0.50 14.20 ? 140 ARG A NH1 1 
ATOM   1025 N NH2 A ARG A 1 140 ? 8.558   13.526  -9.211  0.50 15.50 ? 140 ARG A NH2 1 
ATOM   1026 N NH2 B ARG A 1 140 ? 10.530  12.184  -7.747  0.50 14.44 ? 140 ARG A NH2 1 
ATOM   1027 N N   . GLY A 1 141 ? 3.621   7.800   -6.418  1.00 7.36  ? 141 GLY A N   1 
ATOM   1028 C CA  . GLY A 1 141 ? 2.237   7.505   -6.744  1.00 6.65  ? 141 GLY A CA  1 
ATOM   1029 C C   . GLY A 1 141 ? 1.879   6.084   -6.348  1.00 5.97  ? 141 GLY A C   1 
ATOM   1030 O O   . GLY A 1 141 ? 0.706   5.770   -6.145  1.00 6.24  ? 141 GLY A O   1 
ATOM   1031 N N   . ASP A 1 142 ? 2.890   5.223   -6.249  1.00 5.64  ? 142 ASP A N   1 
ATOM   1032 C CA  . ASP A 1 142 ? 2.686   3.832   -5.848  1.00 5.13  ? 142 ASP A CA  1 
ATOM   1033 C C   . ASP A 1 142 ? 2.352   3.783   -4.351  1.00 5.13  ? 142 ASP A C   1 
ATOM   1034 O O   . ASP A 1 142 ? 1.858   2.771   -3.849  1.00 5.14  ? 142 ASP A O   1 
ATOM   1035 C CB  . ASP A 1 142 ? 3.955   3.004   -6.077  1.00 5.20  ? 142 ASP A CB  1 
ATOM   1036 C CG  . ASP A 1 142 ? 4.189   2.640   -7.539  1.00 5.15  ? 142 ASP A CG  1 
ATOM   1037 O OD1 . ASP A 1 142 ? 3.269   2.764   -8.383  1.00 5.68  ? 142 ASP A OD1 1 
ATOM   1038 O OD2 . ASP A 1 142 ? 5.326   2.212   -7.835  1.00 5.53  ? 142 ASP A OD2 1 
ATOM   1039 N N   . SER A 1 143 ? 2.646   4.874   -3.644  1.00 5.17  ? 143 SER A N   1 
ATOM   1040 C CA  . SER A 1 143 ? 2.398   4.968   -2.204  1.00 5.53  ? 143 SER A CA  1 
ATOM   1041 C C   . SER A 1 143 ? 1.021   4.457   -1.802  1.00 5.16  ? 143 SER A C   1 
ATOM   1042 O O   . SER A 1 143 ? 0.019   4.773   -2.446  1.00 5.30  ? 143 SER A O   1 
ATOM   1043 C CB  . SER A 1 143 ? 2.557   6.414   -1.732  1.00 6.42  ? 143 SER A CB  1 
ATOM   1044 O OG  . SER A 1 143 ? 3.927   6.762   -1.619  1.00 7.77  ? 143 SER A OG  1 
ATOM   1045 N N   . GLY A 1 144 ? 0.993   3.674   -0.727  1.00 5.01  ? 144 GLY A N   1 
ATOM   1046 C CA  . GLY A 1 144 ? -0.247  3.111   -0.226  1.00 4.95  ? 144 GLY A CA  1 
ATOM   1047 C C   . GLY A 1 144 ? -0.599  1.773   -0.850  1.00 4.94  ? 144 GLY A C   1 
ATOM   1048 O O   . GLY A 1 144 ? -1.415  1.026   -0.304  1.00 5.16  ? 144 GLY A O   1 
ATOM   1049 N N   . GLY A 1 145 ? 0.032   1.470   -1.982  1.00 4.65  ? 145 GLY A N   1 
ATOM   1050 C CA  . GLY A 1 145 ? -0.236  0.243   -2.713  1.00 4.61  ? 145 GLY A CA  1 
ATOM   1051 C C   . GLY A 1 145 ? 0.175   -1.065  -2.065  1.00 4.49  ? 145 GLY A C   1 
ATOM   1052 O O   . GLY A 1 145 ? 1.050   -1.121  -1.197  1.00 4.82  ? 145 GLY A O   1 
ATOM   1053 N N   . SER A 1 146 ? -0.456  -2.134  -2.537  1.00 4.70  ? 146 SER A N   1 
ATOM   1054 C CA  . SER A 1 146 ? -0.242  -3.481  -2.025  1.00 4.84  ? 146 SER A CA  1 
ATOM   1055 C C   . SER A 1 146 ? 1.123   -4.110  -2.244  1.00 4.85  ? 146 SER A C   1 
ATOM   1056 O O   . SER A 1 146 ? 1.672   -4.039  -3.341  1.00 5.27  ? 146 SER A O   1 
ATOM   1057 C CB  . SER A 1 146 ? -1.270  -4.445  -2.637  1.00 5.11  ? 146 SER A CB  1 
ATOM   1058 O OG  . SER A 1 146 ? -2.403  -3.781  -3.160  1.00 4.92  ? 146 SER A OG  1 
ATOM   1059 N N   . TRP A 1 147 ? 1.656   -4.729  -1.191  1.00 4.78  ? 147 TRP A N   1 
ATOM   1060 C CA  . TRP A 1 147 ? 2.891   -5.507  -1.279  1.00 4.70  ? 147 TRP A CA  1 
ATOM   1061 C C   . TRP A 1 147 ? 2.356   -6.892  -0.920  1.00 4.78  ? 147 TRP A C   1 
ATOM   1062 O O   . TRP A 1 147 ? 1.735   -7.079  0.131   1.00 5.05  ? 147 TRP A O   1 
ATOM   1063 C CB  . TRP A 1 147 ? 3.953   -5.034  -0.287  1.00 4.81  ? 147 TRP A CB  1 
ATOM   1064 C CG  . TRP A 1 147 ? 4.740   -3.880  -0.840  1.00 4.82  ? 147 TRP A CG  1 
ATOM   1065 C CD1 . TRP A 1 147 ? 4.332   -2.581  -0.914  1.00 4.82  ? 147 TRP A CD1 1 
ATOM   1066 C CD2 . TRP A 1 147 ? 6.036   -3.931  -1.461  1.00 4.97  ? 147 TRP A CD2 1 
ATOM   1067 N NE1 . TRP A 1 147 ? 5.287   -1.817  -1.542  1.00 5.10  ? 147 TRP A NE1 1 
ATOM   1068 C CE2 . TRP A 1 147 ? 6.342   -2.619  -1.887  1.00 4.97  ? 147 TRP A CE2 1 
ATOM   1069 C CE3 . TRP A 1 147 ? 6.963   -4.955  -1.697  1.00 5.17  ? 147 TRP A CE3 1 
ATOM   1070 C CZ2 . TRP A 1 147 ? 7.541   -2.302  -2.540  1.00 5.46  ? 147 TRP A CZ2 1 
ATOM   1071 C CZ3 . TRP A 1 147 ? 8.154   -4.640  -2.348  1.00 5.83  ? 147 TRP A CZ3 1 
ATOM   1072 C CH2 . TRP A 1 147 ? 8.430   -3.323  -2.760  1.00 5.71  ? 147 TRP A CH2 1 
ATOM   1073 N N   . ILE A 1 148 ? 2.584   -7.856  -1.805  1.00 5.02  ? 148 ILE A N   1 
ATOM   1074 C CA  . ILE A 1 148 ? 2.032   -9.191  -1.627  1.00 5.52  ? 148 ILE A CA  1 
ATOM   1075 C C   . ILE A 1 148 ? 2.926   -10.236 -2.285  1.00 5.98  ? 148 ILE A C   1 
ATOM   1076 O O   . ILE A 1 148 ? 3.649   -9.931  -3.235  1.00 6.13  ? 148 ILE A O   1 
ATOM   1077 C CB  . ILE A 1 148 ? 0.612   -9.218  -2.275  1.00 5.74  ? 148 ILE A CB  1 
ATOM   1078 C CG1 . ILE A 1 148 ? -0.127  -10.516 -1.959  1.00 5.99  ? 148 ILE A CG1 1 
ATOM   1079 C CG2 . ILE A 1 148 ? 0.731   -8.994  -3.784  1.00 6.23  ? 148 ILE A CG2 1 
ATOM   1080 C CD1 . ILE A 1 148 ? -1.625  -10.429 -2.237  1.00 6.92  ? 148 ILE A CD1 1 
ATOM   1081 N N   . THR A 1 149 ? 2.892   -11.462 -1.771  1.00 6.56  ? 149 THR A N   1 
ATOM   1082 C CA  . THR A 1 149 ? 3.679   -12.539 -2.361  1.00 7.53  ? 149 THR A CA  1 
ATOM   1083 C C   . THR A 1 149 ? 2.838   -13.190 -3.455  1.00 8.37  ? 149 THR A C   1 
ATOM   1084 O O   . THR A 1 149 ? 1.619   -13.018 -3.502  1.00 8.21  ? 149 THR A O   1 
ATOM   1085 C CB  . THR A 1 149 ? 4.044   -13.622 -1.328  1.00 7.69  ? 149 THR A CB  1 
ATOM   1086 O OG1 . THR A 1 149 ? 2.844   -14.215 -0.818  1.00 7.65  ? 149 THR A OG1 1 
ATOM   1087 C CG2 . THR A 1 149 ? 4.857   -13.029 -0.186  1.00 7.66  ? 149 THR A CG2 1 
ATOM   1088 N N   . SER A 1 150 ? 3.491   -13.941 -4.333  1.00 9.67  ? 150 SER A N   1 
ATOM   1089 C CA  . SER A 1 150 ? 2.788   -14.613 -5.419  1.00 10.94 ? 150 SER A CA  1 
ATOM   1090 C C   . SER A 1 150 ? 1.755   -15.593 -4.870  1.00 10.95 ? 150 SER A C   1 
ATOM   1091 O O   . SER A 1 150 ? 0.759   -15.887 -5.529  1.00 11.71 ? 150 SER A O   1 
ATOM   1092 C CB  . SER A 1 150 ? 3.785   -15.356 -6.313  1.00 11.98 ? 150 SER A CB  1 
ATOM   1093 O OG  . SER A 1 150 ? 4.562   -16.270 -5.563  1.00 13.55 ? 150 SER A OG  1 
ATOM   1094 N N   . ALA A 1 151 ? 1.996   -16.085 -3.656  1.00 10.50 ? 151 ALA A N   1 
ATOM   1095 C CA  . ALA A 1 151 ? 1.094   -17.030 -3.006  1.00 10.22 ? 151 ALA A CA  1 
ATOM   1096 C C   . ALA A 1 151 ? -0.100  -16.335 -2.354  1.00 9.61  ? 151 ALA A C   1 
ATOM   1097 O O   . ALA A 1 151 ? -0.928  -16.981 -1.708  1.00 10.46 ? 151 ALA A O   1 
ATOM   1098 C CB  . ALA A 1 151 ? 1.856   -17.850 -1.970  1.00 10.68 ? 151 ALA A CB  1 
ATOM   1099 N N   . GLY A 1 152 ? -0.179  -15.017 -2.504  1.00 8.53  ? 152 GLY A N   1 
ATOM   1100 C CA  . GLY A 1 152 ? -1.308  -14.287 -1.957  1.00 7.60  ? 152 GLY A CA  1 
ATOM   1101 C C   . GLY A 1 152 ? -1.223  -13.812 -0.520  1.00 6.58  ? 152 GLY A C   1 
ATOM   1102 O O   . GLY A 1 152 ? -2.240  -13.437 0.058   1.00 6.73  ? 152 GLY A O   1 
ATOM   1103 N N   . GLN A 1 153 ? -0.035  -13.823 0.071   1.00 6.06  ? 153 GLN A N   1 
ATOM   1104 C CA  . GLN A 1 153 ? 0.095   -13.360 1.447   1.00 5.78  ? 153 GLN A CA  1 
ATOM   1105 C C   . GLN A 1 153 ? 0.419   -11.866 1.448   1.00 5.27  ? 153 GLN A C   1 
ATOM   1106 O O   . GLN A 1 153 ? 1.485   -11.443 0.991   1.00 5.42  ? 153 GLN A O   1 
ATOM   1107 C CB  . GLN A 1 153 ? 1.179   -14.154 2.179   1.00 5.87  ? 153 GLN A CB  1 
ATOM   1108 C CG  . GLN A 1 153 ? 0.888   -15.653 2.272   1.00 6.18  ? 153 GLN A CG  1 
ATOM   1109 C CD  . GLN A 1 153 ? -0.442  -15.966 2.945   1.00 6.23  ? 153 GLN A CD  1 
ATOM   1110 O OE1 . GLN A 1 153 ? -0.791  -15.378 3.970   1.00 7.03  ? 153 GLN A OE1 1 
ATOM   1111 N NE2 . GLN A 1 153 ? -1.190  -16.902 2.370   1.00 7.51  ? 153 GLN A NE2 1 
ATOM   1112 N N   . ALA A 1 154 ? -0.529  -11.078 1.947   1.00 5.16  ? 154 ALA A N   1 
ATOM   1113 C CA  . ALA A 1 154 ? -0.396  -9.623  2.021   1.00 5.35  ? 154 ALA A CA  1 
ATOM   1114 C C   . ALA A 1 154 ? 0.698   -9.242  3.014   1.00 5.10  ? 154 ALA A C   1 
ATOM   1115 O O   . ALA A 1 154 ? 0.659   -9.647  4.176   1.00 5.93  ? 154 ALA A O   1 
ATOM   1116 C CB  . ALA A 1 154 ? -1.724  -9.011  2.432   1.00 5.24  ? 154 ALA A CB  1 
ATOM   1117 N N   . GLN A 1 155 ? 1.659   -8.448  2.544   1.00 4.93  ? 155 GLN A N   1 
ATOM   1118 C CA  . GLN A 1 155 ? 2.808   -8.035  3.347   1.00 4.87  ? 155 GLN A CA  1 
ATOM   1119 C C   . GLN A 1 155 ? 2.756   -6.643  3.963   1.00 4.86  ? 155 GLN A C   1 
ATOM   1120 O O   . GLN A 1 155 ? 3.241   -6.438  5.076   1.00 5.15  ? 155 GLN A O   1 
ATOM   1121 C CB  . GLN A 1 155 ? 4.080   -8.133  2.502   1.00 4.88  ? 155 GLN A CB  1 
ATOM   1122 C CG  . GLN A 1 155 ? 4.357   -9.520  1.967   1.00 5.24  ? 155 GLN A CG  1 
ATOM   1123 C CD  . GLN A 1 155 ? 4.448   -10.530 3.080   1.00 5.39  ? 155 GLN A CD  1 
ATOM   1124 O OE1 . GLN A 1 155 ? 5.298   -10.417 3.958   1.00 5.91  ? 155 GLN A OE1 1 
ATOM   1125 N NE2 . GLN A 1 155 ? 3.565   -11.519 3.061   1.00 5.87  ? 155 GLN A NE2 1 
ATOM   1126 N N   . GLY A 1 156 ? 2.200   -5.681  3.234   1.00 4.73  ? 156 GLY A N   1 
ATOM   1127 C CA  . GLY A 1 156 ? 2.151   -4.323  3.741   1.00 4.94  ? 156 GLY A CA  1 
ATOM   1128 C C   . GLY A 1 156 ? 1.760   -3.336  2.664   1.00 4.73  ? 156 GLY A C   1 
ATOM   1129 O O   . GLY A 1 156 ? 1.283   -3.738  1.601   1.00 4.90  ? 156 GLY A O   1 
ATOM   1130 N N   . VAL A 1 157 ? 1.960   -2.049  2.940   1.00 4.72  ? 157 VAL A N   1 
ATOM   1131 C CA  . VAL A 1 157 ? 1.615   -0.996  1.993   1.00 4.88  ? 157 VAL A CA  1 
ATOM   1132 C C   . VAL A 1 157 ? 2.822   -0.113  1.684   1.00 4.73  ? 157 VAL A C   1 
ATOM   1133 O O   . VAL A 1 157 ? 3.656   0.161   2.548   1.00 4.86  ? 157 VAL A O   1 
ATOM   1134 C CB  . VAL A 1 157 ? 0.437   -0.126  2.521   1.00 5.05  ? 157 VAL A CB  1 
ATOM   1135 C CG1 . VAL A 1 157 ? -0.792  -1.005  2.732   1.00 5.73  ? 157 VAL A CG1 1 
ATOM   1136 C CG2 . VAL A 1 157 ? 0.821   0.576   3.815   1.00 5.77  ? 157 VAL A CG2 1 
ATOM   1137 N N   . MET A 1 158 ? 2.905   0.326   0.435   1.00 4.90  ? 158 MET A N   1 
ATOM   1138 C CA  . MET A 1 158 ? 4.013   1.148   -0.035  1.00 4.88  ? 158 MET A CA  1 
ATOM   1139 C C   . MET A 1 158 ? 4.202   2.443   0.753   1.00 4.74  ? 158 MET A C   1 
ATOM   1140 O O   . MET A 1 158 ? 3.275   3.245   0.866   1.00 5.13  ? 158 MET A O   1 
ATOM   1141 C CB  . MET A 1 158 ? 3.800   1.474   -1.517  1.00 5.14  ? 158 MET A CB  1 
ATOM   1142 C CG  . MET A 1 158 ? 4.940   2.234   -2.174  1.00 5.70  ? 158 MET A CG  1 
ATOM   1143 S SD  . MET A 1 158 ? 6.205   1.164   -2.893  1.00 6.14  ? 158 MET A SD  1 
ATOM   1144 C CE  . MET A 1 158 ? 7.397   1.120   -1.578  1.00 7.42  ? 158 MET A CE  1 
ATOM   1145 N N   . SER A 1 159 ? 5.405   2.649   1.289   1.00 4.96  ? 159 SER A N   1 
ATOM   1146 C CA  . SER A 1 159 ? 5.693   3.869   2.040   1.00 5.02  ? 159 SER A CA  1 
ATOM   1147 C C   . SER A 1 159 ? 6.589   4.835   1.262   1.00 5.11  ? 159 SER A C   1 
ATOM   1148 O O   . SER A 1 159 ? 6.260   6.013   1.129   1.00 5.88  ? 159 SER A O   1 
ATOM   1149 C CB  . SER A 1 159 ? 6.348   3.534   3.386   1.00 4.99  ? 159 SER A CB  1 
ATOM   1150 O OG  . SER A 1 159 ? 6.712   4.721   4.078   1.00 5.99  ? 159 SER A OG  1 
ATOM   1151 N N   . GLY A 1 160 ? 7.714   4.351   0.743   1.00 5.61  ? 160 GLY A N   1 
ATOM   1152 C CA  . GLY A 1 160 ? 8.603   5.233   0.004   1.00 6.41  ? 160 GLY A CA  1 
ATOM   1153 C C   . GLY A 1 160 ? 9.773   4.490   -0.607  1.00 6.91  ? 160 GLY A C   1 
ATOM   1154 O O   . GLY A 1 160 ? 9.811   3.261   -0.585  1.00 7.59  ? 160 GLY A O   1 
ATOM   1155 N N   . GLY A 1 161 ? 10.731  5.232   -1.157  1.00 7.34  ? 161 GLY A N   1 
ATOM   1156 C CA  . GLY A 1 161 ? 11.889  4.607   -1.771  1.00 7.81  ? 161 GLY A CA  1 
ATOM   1157 C C   . GLY A 1 161 ? 12.843  5.634   -2.347  1.00 7.68  ? 161 GLY A C   1 
ATOM   1158 O O   . GLY A 1 161 ? 12.506  6.818   -2.432  1.00 8.05  ? 161 GLY A O   1 
ATOM   1159 N N   . ASN A 1 162 ? 14.030  5.190   -2.753  1.00 7.70  ? 162 ASN A N   1 
ATOM   1160 C CA  . ASN A 1 162 ? 15.019  6.107   -3.310  1.00 7.99  ? 162 ASN A CA  1 
ATOM   1161 C C   . ASN A 1 162 ? 14.787  6.388   -4.790  1.00 8.35  ? 162 ASN A C   1 
ATOM   1162 O O   . ASN A 1 162 ? 15.575  5.992   -5.649  1.00 8.46  ? 162 ASN A O   1 
ATOM   1163 C CB  . ASN A 1 162 ? 16.449  5.581   -3.066  1.00 7.99  ? 162 ASN A CB  1 
ATOM   1164 C CG  . ASN A 1 162 ? 16.757  4.288   -3.814  1.00 8.23  ? 162 ASN A CG  1 
ATOM   1165 O OD1 . ASN A 1 162 ? 15.878  3.463   -4.062  1.00 7.81  ? 162 ASN A OD1 1 
ATOM   1166 N ND2 . ASN A 1 162 ? 18.026  4.106   -4.165  1.00 8.82  ? 162 ASN A ND2 1 
ATOM   1167 N N   . VAL A 1 163 ? 13.694  7.090   -5.081  1.00 9.13  ? 163 VAL A N   1 
ATOM   1168 C CA  . VAL A 1 163 ? 13.357  7.426   -6.457  1.00 10.11 ? 163 VAL A CA  1 
ATOM   1169 C C   . VAL A 1 163 ? 14.377  8.389   -7.047  1.00 10.05 ? 163 VAL A C   1 
ATOM   1170 O O   . VAL A 1 163 ? 14.944  9.230   -6.343  1.00 10.54 ? 163 VAL A O   1 
ATOM   1171 C CB  . VAL A 1 163 ? 11.948  8.056   -6.562  1.00 10.82 ? 163 VAL A CB  1 
ATOM   1172 C CG1 . VAL A 1 163 ? 10.905  7.060   -6.087  1.00 11.30 ? 163 VAL A CG1 1 
ATOM   1173 C CG2 . VAL A 1 163 ? 11.882  9.340   -5.747  1.00 11.68 ? 163 VAL A CG2 1 
ATOM   1174 N N   . GLN A 1 164 ? 14.604  8.255   -8.348  1.00 10.27 ? 164 GLN A N   1 
ATOM   1175 C CA  . GLN A 1 164 ? 15.557  9.091   -9.060  1.00 10.50 ? 164 GLN A CA  1 
ATOM   1176 C C   . GLN A 1 164 ? 14.847  10.267  -9.728  1.00 10.68 ? 164 GLN A C   1 
ATOM   1177 O O   . GLN A 1 164 ? 13.666  10.508  -9.473  1.00 10.39 ? 164 GLN A O   1 
ATOM   1178 C CB  . GLN A 1 164 ? 16.301  8.240   -10.090 1.00 10.92 ? 164 GLN A CB  1 
ATOM   1179 C CG  . GLN A 1 164 ? 16.885  6.956   -9.505  1.00 11.57 ? 164 GLN A CG  1 
ATOM   1180 C CD  . GLN A 1 164 ? 18.009  7.227   -8.522  1.00 11.94 ? 164 GLN A CD  1 
ATOM   1181 O OE1 . GLN A 1 164 ? 19.096  7.656   -8.912  1.00 12.55 ? 164 GLN A OE1 1 
ATOM   1182 N NE2 . GLN A 1 164 ? 17.754  6.980   -7.242  1.00 11.85 ? 164 GLN A NE2 1 
ATOM   1183 N N   . SER A 1 165 ? 15.561  10.997  -10.582 1.00 10.92 ? 165 SER A N   1 
ATOM   1184 C CA  . SER A 1 165 ? 14.982  12.158  -11.249 1.00 10.93 ? 165 SER A CA  1 
ATOM   1185 C C   . SER A 1 165 ? 13.752  11.840  -12.095 1.00 10.40 ? 165 SER A C   1 
ATOM   1186 O O   . SER A 1 165 ? 12.909  12.710  -12.317 1.00 10.99 ? 165 SER A O   1 
ATOM   1187 C CB  . SER A 1 165 ? 16.040  12.863  -12.111 1.00 11.62 ? 165 SER A CB  1 
ATOM   1188 O OG  . SER A 1 165 ? 16.467  12.052  -13.188 1.00 13.15 ? 165 SER A OG  1 
ATOM   1189 N N   . ASN A 1 166 ? 13.641  10.600  -12.562 1.00 9.41  ? 166 ASN A N   1 
ATOM   1190 C CA  . ASN A 1 166 ? 12.492  10.213  -13.372 1.00 8.74  ? 166 ASN A CA  1 
ATOM   1191 C C   . ASN A 1 166 ? 11.285  9.795   -12.529 1.00 8.12  ? 166 ASN A C   1 
ATOM   1192 O O   . ASN A 1 166 ? 10.281  9.321   -13.061 1.00 7.99  ? 166 ASN A O   1 
ATOM   1193 C CB  . ASN A 1 166 ? 12.875  9.091   -14.345 1.00 8.63  ? 166 ASN A CB  1 
ATOM   1194 C CG  . ASN A 1 166 ? 13.156  7.778   -13.646 1.00 8.37  ? 166 ASN A CG  1 
ATOM   1195 O OD1 . ASN A 1 166 ? 13.307  7.729   -12.426 1.00 7.86  ? 166 ASN A OD1 1 
ATOM   1196 N ND2 . ASN A 1 166 ? 13.227  6.702   -14.422 1.00 8.51  ? 166 ASN A ND2 1 
ATOM   1197 N N   . GLY A 1 167 ? 11.386  9.970   -11.214 1.00 7.61  ? 167 GLY A N   1 
ATOM   1198 C CA  . GLY A 1 167 ? 10.275  9.632   -10.339 1.00 7.06  ? 167 GLY A CA  1 
ATOM   1199 C C   . GLY A 1 167 ? 10.173  8.196   -9.855  1.00 6.61  ? 167 GLY A C   1 
ATOM   1200 O O   . GLY A 1 167 ? 9.237   7.856   -9.131  1.00 6.90  ? 167 GLY A O   1 
ATOM   1201 N N   . ASN A 1 168 ? 11.111  7.345   -10.251 1.00 6.25  ? 168 ASN A N   1 
ATOM   1202 C CA  . ASN A 1 168 ? 11.087  5.955   -9.812  1.00 6.31  ? 168 ASN A CA  1 
ATOM   1203 C C   . ASN A 1 168 ? 12.519  5.455   -9.640  1.00 6.13  ? 168 ASN A C   1 
ATOM   1204 O O   . ASN A 1 168 ? 13.470  6.209   -9.869  1.00 6.51  ? 168 ASN A O   1 
ATOM   1205 C CB  . ASN A 1 168 ? 10.314  5.085   -10.827 1.00 6.44  ? 168 ASN A CB  1 
ATOM   1206 C CG  . ASN A 1 168 ? 10.980  5.019   -12.197 1.00 6.36  ? 168 ASN A CG  1 
ATOM   1207 O OD1 . ASN A 1 168 ? 12.106  4.551   -12.333 1.00 7.30  ? 168 ASN A OD1 1 
ATOM   1208 N ND2 . ASN A 1 168 ? 10.269  5.476   -13.225 1.00 6.99  ? 168 ASN A ND2 1 
ATOM   1209 N N   . ASN A 1 169 ? 12.685  4.214   -9.190  1.00 6.29  ? 169 ASN A N   1 
ATOM   1210 C CA  . ASN A 1 169 ? 14.031  3.669   -9.064  1.00 6.30  ? 169 ASN A CA  1 
ATOM   1211 C C   . ASN A 1 169 ? 14.166  2.428   -9.941  1.00 6.49  ? 169 ASN A C   1 
ATOM   1212 O O   . ASN A 1 169 ? 14.986  1.547   -9.681  1.00 7.07  ? 169 ASN A O   1 
ATOM   1213 C CB  . ASN A 1 169 ? 14.413  3.373   -7.595  1.00 5.92  ? 169 ASN A CB  1 
ATOM   1214 C CG  . ASN A 1 169 ? 13.462  2.415   -6.895  1.00 5.63  ? 169 ASN A CG  1 
ATOM   1215 O OD1 . ASN A 1 169 ? 12.602  1.795   -7.518  1.00 5.92  ? 169 ASN A OD1 1 
ATOM   1216 N ND2 . ASN A 1 169 ? 13.626  2.285   -5.580  1.00 5.80  ? 169 ASN A ND2 1 
ATOM   1217 N N   . CYS A 1 170 ? 13.363  2.391   -11.003 1.00 7.09  ? 170 CYS A N   1 
ATOM   1218 C CA  . CYS A 1 170 ? 13.378  1.283   -11.953 1.00 7.79  ? 170 CYS A CA  1 
ATOM   1219 C C   . CYS A 1 170 ? 14.538  1.410   -12.936 1.00 8.15  ? 170 CYS A C   1 
ATOM   1220 O O   . CYS A 1 170 ? 14.915  0.433   -13.584 1.00 8.83  ? 170 CYS A O   1 
ATOM   1221 C CB  . CYS A 1 170 ? 12.067  1.237   -12.742 1.00 7.91  ? 170 CYS A CB  1 
ATOM   1222 S SG  . CYS A 1 170 ? 10.575  1.015   -11.727 1.00 8.24  ? 170 CYS A SG  1 
ATOM   1223 N N   . GLY A 1 171 ? 15.097  2.614   -13.035 1.00 8.53  ? 171 GLY A N   1 
ATOM   1224 C CA  . GLY A 1 171 ? 16.198  2.869   -13.951 1.00 9.60  ? 171 GLY A CA  1 
ATOM   1225 C C   . GLY A 1 171 ? 17.587  2.571   -13.419 1.00 10.17 ? 171 GLY A C   1 
ATOM   1226 O O   . GLY A 1 171 ? 18.581  2.801   -14.113 1.00 10.82 ? 171 GLY A O   1 
ATOM   1227 N N   . ILE A 1 172 ? 17.667  2.079   -12.187 1.00 10.40 ? 172 ILE A N   1 
ATOM   1228 C CA  . ILE A 1 172 ? 18.950  1.730   -11.592 1.00 10.70 ? 172 ILE A CA  1 
ATOM   1229 C C   . ILE A 1 172 ? 18.905  0.249   -11.225 1.00 10.85 ? 172 ILE A C   1 
ATOM   1230 O O   . ILE A 1 172 ? 17.825  -0.328  -11.087 1.00 10.78 ? 172 ILE A O   1 
ATOM   1231 C CB  . ILE A 1 172 ? 19.255  2.581   -10.330 1.00 10.75 ? 172 ILE A CB  1 
ATOM   1232 C CG1 . ILE A 1 172 ? 18.173  2.372   -9.267  1.00 10.94 ? 172 ILE A CG1 1 
ATOM   1233 C CG2 . ILE A 1 172 ? 19.354  4.051   -10.714 1.00 11.19 ? 172 ILE A CG2 1 
ATOM   1234 C CD1 . ILE A 1 172 ? 18.444  3.108   -7.965  1.00 10.92 ? 172 ILE A CD1 1 
ATOM   1235 N N   . PRO A 1 173 ? 20.076  -0.391  -11.084 1.00 11.30 ? 173 PRO A N   1 
ATOM   1236 C CA  . PRO A 1 173 ? 20.126  -1.815  -10.734 1.00 11.39 ? 173 PRO A CA  1 
ATOM   1237 C C   . PRO A 1 173 ? 19.441  -2.147  -9.412  1.00 11.22 ? 173 PRO A C   1 
ATOM   1238 O O   . PRO A 1 173 ? 19.405  -1.328  -8.495  1.00 10.93 ? 173 PRO A O   1 
ATOM   1239 C CB  . PRO A 1 173 ? 21.623  -2.130  -10.697 1.00 11.68 ? 173 PRO A CB  1 
ATOM   1240 C CG  . PRO A 1 173 ? 22.270  -1.037  -11.483 1.00 12.02 ? 173 PRO A CG  1 
ATOM   1241 C CD  . PRO A 1 173 ? 21.424  0.177   -11.261 1.00 11.59 ? 173 PRO A CD  1 
ATOM   1242 N N   . ALA A 1 174 ? 18.907  -3.362  -9.326  1.00 11.39 ? 174 ALA A N   1 
ATOM   1243 C CA  . ALA A 1 174 ? 18.223  -3.821  -8.123  1.00 11.47 ? 174 ALA A CA  1 
ATOM   1244 C C   . ALA A 1 174 ? 19.108  -3.666  -6.889  1.00 11.58 ? 174 ALA A C   1 
ATOM   1245 O O   . ALA A 1 174 ? 18.627  -3.328  -5.808  1.00 11.41 ? 174 ALA A O   1 
ATOM   1246 C CB  . ALA A 1 174 ? 17.808  -5.279  -8.290  1.00 11.59 ? 174 ALA A CB  1 
ATOM   1247 N N   . SER A 1 175 ? 20.404  -3.906  -7.057  1.00 12.02 ? 175 SER A N   1 
ATOM   1248 C CA  . SER A 1 175 ? 21.354  -3.804  -5.954  1.00 12.62 ? 175 SER A CA  1 
ATOM   1249 C C   . SER A 1 175 ? 21.450  -2.397  -5.365  1.00 12.41 ? 175 SER A C   1 
ATOM   1250 O O   . SER A 1 175 ? 21.956  -2.219  -4.257  1.00 12.98 ? 175 SER A O   1 
ATOM   1251 C CB  . SER A 1 175 ? 22.742  -4.256  -6.419  1.00 13.14 ? 175 SER A CB  1 
ATOM   1252 O OG  . SER A 1 175 ? 23.206  -3.450  -7.487  1.00 13.98 ? 175 SER A OG  1 
ATOM   1253 N N   . GLN A 1 176 ? 20.961  -1.402  -6.099  1.00 12.06 ? 176 GLN A N   1 
ATOM   1254 C CA  . GLN A 1 176 ? 21.015  -0.019  -5.634  1.00 11.88 ? 176 GLN A CA  1 
ATOM   1255 C C   . GLN A 1 176 ? 19.653  0.517   -5.208  1.00 11.14 ? 176 GLN A C   1 
ATOM   1256 O O   . GLN A 1 176 ? 19.530  1.677   -4.818  1.00 11.21 ? 176 GLN A O   1 
ATOM   1257 C CB  . GLN A 1 176 ? 21.582  0.880   -6.734  1.00 12.78 ? 176 GLN A CB  1 
ATOM   1258 C CG  . GLN A 1 176 ? 23.003  0.538   -7.154  1.00 14.12 ? 176 GLN A CG  1 
ATOM   1259 C CD  . GLN A 1 176 ? 23.448  1.306   -8.385  1.00 15.06 ? 176 GLN A CD  1 
ATOM   1260 O OE1 . GLN A 1 176 ? 22.885  2.349   -8.720  1.00 15.96 ? 176 GLN A OE1 1 
ATOM   1261 N NE2 . GLN A 1 176 ? 24.464  0.789   -9.068  1.00 15.78 ? 176 GLN A NE2 1 
ATOM   1262 N N   . ARG A 1 177 ? 18.636  -0.333  -5.274  1.00 10.26 ? 177 ARG A N   1 
ATOM   1263 C CA  . ARG A 1 177 ? 17.283  0.075   -4.920  1.00 9.64  ? 177 ARG A CA  1 
ATOM   1264 C C   . ARG A 1 177 ? 16.906  -0.140  -3.466  1.00 9.36  ? 177 ARG A C   1 
ATOM   1265 O O   . ARG A 1 177 ? 17.281  -1.137  -2.851  1.00 9.55  ? 177 ARG A O   1 
ATOM   1266 C CB  . ARG A 1 177 ? 16.263  -0.677  -5.772  1.00 9.51  ? 177 ARG A CB  1 
ATOM   1267 C CG  . ARG A 1 177 ? 16.354  -0.406  -7.249  1.00 9.53  ? 177 ARG A CG  1 
ATOM   1268 C CD  . ARG A 1 177 ? 15.265  -1.153  -7.993  1.00 9.50  ? 177 ARG A CD  1 
ATOM   1269 N NE  . ARG A 1 177 ? 15.620  -1.334  -9.394  1.00 9.60  ? 177 ARG A NE  1 
ATOM   1270 C CZ  . ARG A 1 177 ? 15.400  -2.444  -10.088 1.00 9.90  ? 177 ARG A CZ  1 
ATOM   1271 N NH1 . ARG A 1 177 ? 14.819  -3.488  -9.515  1.00 10.39 ? 177 ARG A NH1 1 
ATOM   1272 N NH2 . ARG A 1 177 ? 15.772  -2.510  -11.359 1.00 10.58 ? 177 ARG A NH2 1 
ATOM   1273 N N   . SER A 1 178 ? 16.156  0.815   -2.930  1.00 8.84  ? 178 SER A N   1 
ATOM   1274 C CA  . SER A 1 178 ? 15.634  0.727   -1.577  1.00 8.71  ? 178 SER A CA  1 
ATOM   1275 C C   . SER A 1 178 ? 14.172  1.136   -1.681  1.00 8.13  ? 178 SER A C   1 
ATOM   1276 O O   . SER A 1 178 ? 13.853  2.322   -1.779  1.00 8.97  ? 178 SER A O   1 
ATOM   1277 C CB  . SER A 1 178 ? 16.353  1.667   -0.611  1.00 9.12  ? 178 SER A CB  1 
ATOM   1278 O OG  . SER A 1 178 ? 15.763  1.571   0.678   1.00 10.37 ? 178 SER A OG  1 
ATOM   1279 N N   . SER A 1 179 ? 13.294  0.140   -1.706  1.00 7.30  ? 179 SER A N   1 
ATOM   1280 C CA  . SER A 1 179 ? 11.858  0.365   -1.784  1.00 6.60  ? 179 SER A CA  1 
ATOM   1281 C C   . SER A 1 179 ? 11.327  -0.120  -0.442  1.00 6.32  ? 179 SER A C   1 
ATOM   1282 O O   . SER A 1 179 ? 11.529  -1.277  -0.059  1.00 6.70  ? 179 SER A O   1 
ATOM   1283 C CB  . SER A 1 179 ? 11.277  -0.422  -2.956  1.00 6.75  ? 179 SER A CB  1 
ATOM   1284 O OG  . SER A 1 179 ? 11.845  0.054   -4.171  1.00 6.89  ? 179 SER A OG  1 
ATOM   1285 N N   . LEU A 1 180 ? 10.653  0.776   0.269   1.00 6.11  ? 180 LEU A N   1 
ATOM   1286 C CA  . LEU A 1 180 ? 10.182  0.489   1.617   1.00 5.90  ? 180 LEU A CA  1 
ATOM   1287 C C   . LEU A 1 180 ? 8.683   0.408   1.836   1.00 5.63  ? 180 LEU A C   1 
ATOM   1288 O O   . LEU A 1 180 ? 7.933   1.280   1.391   1.00 5.69  ? 180 LEU A O   1 
ATOM   1289 C CB  . LEU A 1 180 ? 10.752  1.542   2.575   1.00 6.59  ? 180 LEU A CB  1 
ATOM   1290 C CG  . LEU A 1 180 ? 12.241  1.865   2.439   1.00 7.05  ? 180 LEU A CG  1 
ATOM   1291 C CD1 . LEU A 1 180 ? 12.571  3.121   3.231   1.00 8.02  ? 180 LEU A CD1 1 
ATOM   1292 C CD2 . LEU A 1 180 ? 13.063  0.685   2.936   1.00 7.91  ? 180 LEU A CD2 1 
ATOM   1293 N N   . PHE A 1 181 ? 8.250   -0.636  2.542   1.00 5.39  ? 181 PHE A N   1 
ATOM   1294 C CA  . PHE A 1 181 ? 6.839   -0.776  2.847   1.00 5.33  ? 181 PHE A CA  1 
ATOM   1295 C C   . PHE A 1 181 ? 6.568   -0.908  4.338   1.00 4.94  ? 181 PHE A C   1 
ATOM   1296 O O   . PHE A 1 181 ? 7.410   -1.373  5.117   1.00 5.44  ? 181 PHE A O   1 
ATOM   1297 C CB  . PHE A 1 181 ? 6.190   -1.937  2.058   1.00 5.61  ? 181 PHE A CB  1 
ATOM   1298 C CG  . PHE A 1 181 ? 6.641   -3.325  2.458   1.00 5.78  ? 181 PHE A CG  1 
ATOM   1299 C CD1 . PHE A 1 181 ? 6.064   -3.986  3.542   1.00 5.90  ? 181 PHE A CD1 1 
ATOM   1300 C CD2 . PHE A 1 181 ? 7.558   -4.017  1.672   1.00 5.69  ? 181 PHE A CD2 1 
ATOM   1301 C CE1 . PHE A 1 181 ? 6.387   -5.316  3.829   1.00 6.26  ? 181 PHE A CE1 1 
ATOM   1302 C CE2 . PHE A 1 181 ? 7.886   -5.346  1.951   1.00 5.93  ? 181 PHE A CE2 1 
ATOM   1303 C CZ  . PHE A 1 181 ? 7.296   -5.995  3.029   1.00 6.11  ? 181 PHE A CZ  1 
ATOM   1304 N N   . GLU A 1 182 ? 5.390   -0.431  4.725   1.00 4.95  ? 182 GLU A N   1 
ATOM   1305 C CA  . GLU A 1 182 ? 4.921   -0.482  6.099   1.00 5.05  ? 182 GLU A CA  1 
ATOM   1306 C C   . GLU A 1 182 ? 4.256   -1.844  6.279   1.00 4.99  ? 182 GLU A C   1 
ATOM   1307 O O   . GLU A 1 182 ? 3.378   -2.218  5.503   1.00 5.24  ? 182 GLU A O   1 
ATOM   1308 C CB  . GLU A 1 182 ? 3.906   0.643   6.332   1.00 5.06  ? 182 GLU A CB  1 
ATOM   1309 C CG  . GLU A 1 182 ? 3.117   0.547   7.631   1.00 5.36  ? 182 GLU A CG  1 
ATOM   1310 C CD  . GLU A 1 182 ? 3.843   1.175   8.809   1.00 5.19  ? 182 GLU A CD  1 
ATOM   1311 O OE1 . GLU A 1 182 ? 5.061   0.938   8.951   1.00 6.56  ? 182 GLU A OE1 1 
ATOM   1312 O OE2 . GLU A 1 182 ? 3.199   1.903   9.595   1.00 5.62  ? 182 GLU A OE2 1 
ATOM   1313 N N   . ARG A 1 183 ? 4.685   -2.585  7.298   1.00 5.08  ? 183 ARG A N   1 
ATOM   1314 C CA  . ARG A 1 183 ? 4.135   -3.910  7.573   1.00 5.35  ? 183 ARG A CA  1 
ATOM   1315 C C   . ARG A 1 183 ? 2.625   -3.866  7.786   1.00 5.22  ? 183 ARG A C   1 
ATOM   1316 O O   . ARG A 1 183 ? 2.102   -2.975  8.457   1.00 5.40  ? 183 ARG A O   1 
ATOM   1317 C CB  . ARG A 1 183 ? 4.808   -4.513  8.804   1.00 5.92  ? 183 ARG A CB  1 
ATOM   1318 C CG  . ARG A 1 183 ? 6.271   -4.872  8.595   1.00 6.50  ? 183 ARG A CG  1 
ATOM   1319 C CD  . ARG A 1 183 ? 6.944   -5.240  9.911   1.00 7.17  ? 183 ARG A CD  1 
ATOM   1320 N NE  . ARG A 1 183 ? 6.242   -6.327  10.589  1.00 7.26  ? 183 ARG A NE  1 
ATOM   1321 C CZ  . ARG A 1 183 ? 5.666   -6.226  11.784  1.00 7.77  ? 183 ARG A CZ  1 
ATOM   1322 N NH1 . ARG A 1 183 ? 5.702   -5.081  12.453  1.00 8.35  ? 183 ARG A NH1 1 
ATOM   1323 N NH2 . ARG A 1 183 ? 5.039   -7.273  12.304  1.00 8.27  ? 183 ARG A NH2 1 
ATOM   1324 N N   . LEU A 1 184 ? 1.930   -4.849  7.225   1.00 5.43  ? 184 LEU A N   1 
ATOM   1325 C CA  . LEU A 1 184 ? 0.479   -4.914  7.333   1.00 5.33  ? 184 LEU A CA  1 
ATOM   1326 C C   . LEU A 1 184 ? -0.057  -5.298  8.712   1.00 5.61  ? 184 LEU A C   1 
ATOM   1327 O O   . LEU A 1 184 ? -1.037  -4.721  9.174   1.00 5.58  ? 184 LEU A O   1 
ATOM   1328 C CB  . LEU A 1 184 ? -0.076  -5.891  6.293   1.00 5.53  ? 184 LEU A CB  1 
ATOM   1329 C CG  . LEU A 1 184 ? -1.596  -6.087  6.296   1.00 5.77  ? 184 LEU A CG  1 
ATOM   1330 C CD1 . LEU A 1 184 ? -2.298  -4.768  5.985   1.00 6.18  ? 184 LEU A CD1 1 
ATOM   1331 C CD2 . LEU A 1 184 ? -1.970  -7.145  5.272   1.00 6.09  ? 184 LEU A CD2 1 
ATOM   1332 N N   . GLN A 1 185 ? 0.580   -6.261  9.371   1.00 5.68  ? 185 GLN A N   1 
ATOM   1333 C CA  . GLN A 1 185 ? 0.093   -6.718  10.666  1.00 6.33  ? 185 GLN A CA  1 
ATOM   1334 C C   . GLN A 1 185 ? -0.180  -5.611  11.690  1.00 6.04  ? 185 GLN A C   1 
ATOM   1335 O O   . GLN A 1 185 ? -1.260  -5.577  12.280  1.00 6.10  ? 185 GLN A O   1 
ATOM   1336 C CB  . GLN A 1 185 ? 1.028   -7.796  11.224  1.00 7.48  ? 185 GLN A CB  1 
ATOM   1337 C CG  . GLN A 1 185 ? 0.789   -9.148  10.546  1.00 9.60  ? 185 GLN A CG  1 
ATOM   1338 C CD  . GLN A 1 185 ? 1.803   -10.211 10.923  1.00 10.45 ? 185 GLN A CD  1 
ATOM   1339 O OE1 . GLN A 1 185 ? 2.622   -10.016 11.817  1.00 11.85 ? 185 GLN A OE1 1 
ATOM   1340 N NE2 . GLN A 1 185 ? 1.746   -11.349 10.238  1.00 11.21 ? 185 GLN A NE2 1 
ATOM   1341 N N   . PRO A 1 186 ? 0.781   -4.697  11.922  1.00 5.81  ? 186 PRO A N   1 
ATOM   1342 C CA  . PRO A 1 186 ? 0.501   -3.637  12.899  1.00 5.83  ? 186 PRO A CA  1 
ATOM   1343 C C   . PRO A 1 186 ? -0.651  -2.716  12.482  1.00 5.56  ? 186 PRO A C   1 
ATOM   1344 O O   . PRO A 1 186 ? -1.309  -2.124  13.333  1.00 5.78  ? 186 PRO A O   1 
ATOM   1345 C CB  . PRO A 1 186 ? 1.829   -2.888  13.019  1.00 6.13  ? 186 PRO A CB  1 
ATOM   1346 C CG  . PRO A 1 186 ? 2.561   -3.205  11.767  1.00 6.23  ? 186 PRO A CG  1 
ATOM   1347 C CD  . PRO A 1 186 ? 2.148   -4.599  11.383  1.00 6.22  ? 186 PRO A CD  1 
ATOM   1348 N N   . ILE A 1 187 ? -0.892  -2.577  11.180  1.00 5.41  ? 187 ILE A N   1 
ATOM   1349 C CA  . ILE A 1 187 ? -1.996  -1.732  10.729  1.00 5.52  ? 187 ILE A CA  1 
ATOM   1350 C C   . ILE A 1 187 ? -3.320  -2.410  11.077  1.00 5.27  ? 187 ILE A C   1 
ATOM   1351 O O   . ILE A 1 187 ? -4.249  -1.774  11.575  1.00 5.36  ? 187 ILE A O   1 
ATOM   1352 C CB  . ILE A 1 187 ? -1.965  -1.484  9.199   1.00 5.62  ? 187 ILE A CB  1 
ATOM   1353 C CG1 . ILE A 1 187 ? -0.599  -0.949  8.767   1.00 5.82  ? 187 ILE A CG1 1 
ATOM   1354 C CG2 . ILE A 1 187 ? -3.066  -0.492  8.819   1.00 6.35  ? 187 ILE A CG2 1 
ATOM   1355 C CD1 . ILE A 1 187 ? -0.496  -0.682  7.278   1.00 6.35  ? 187 ILE A CD1 1 
ATOM   1356 N N   . LEU A 1 188 ? -3.399  -3.711  10.814  1.00 5.14  ? 188 LEU A N   1 
ATOM   1357 C CA  . LEU A 1 188 ? -4.616  -4.462  11.099  1.00 5.28  ? 188 LEU A CA  1 
ATOM   1358 C C   . LEU A 1 188 ? -4.968  -4.430  12.588  1.00 5.23  ? 188 LEU A C   1 
ATOM   1359 O O   . LEU A 1 188 ? -6.113  -4.172  12.953  1.00 5.44  ? 188 LEU A O   1 
ATOM   1360 C CB  . LEU A 1 188 ? -4.475  -5.915  10.619  1.00 5.53  ? 188 LEU A CB  1 
ATOM   1361 C CG  . LEU A 1 188 ? -4.285  -6.117  9.109   1.00 5.91  ? 188 LEU A CG  1 
ATOM   1362 C CD1 . LEU A 1 188 ? -4.051  -7.594  8.817   1.00 6.67  ? 188 LEU A CD1 1 
ATOM   1363 C CD2 . LEU A 1 188 ? -5.506  -5.612  8.346   1.00 6.54  ? 188 LEU A CD2 1 
ATOM   1364 N N   . SER A 1 189 ? -3.992  -4.674  13.457  1.00 5.34  ? 189 SER A N   1 
ATOM   1365 C CA  . SER A 1 189 ? -4.290  -4.658  14.884  1.00 5.66  ? 189 SER A CA  1 
ATOM   1366 C C   . SER A 1 189 ? -4.508  -3.244  15.416  1.00 5.92  ? 189 SER A C   1 
ATOM   1367 O O   . SER A 1 189 ? -5.349  -3.031  16.284  1.00 6.13  ? 189 SER A O   1 
ATOM   1368 C CB  . SER A 1 189 ? -3.194  -5.367  15.688  1.00 5.75  ? 189 SER A CB  1 
ATOM   1369 O OG  . SER A 1 189 ? -1.921  -4.791  15.468  1.00 6.15  ? 189 SER A OG  1 
ATOM   1370 N N   . GLN A 1 190 ? -3.768  -2.273  14.891  1.00 6.30  ? 190 GLN A N   1 
ATOM   1371 C CA  . GLN A 1 190 ? -3.929  -0.895  15.343  1.00 6.79  ? 190 GLN A CA  1 
ATOM   1372 C C   . GLN A 1 190 ? -5.377  -0.428  15.200  1.00 6.33  ? 190 GLN A C   1 
ATOM   1373 O O   . GLN A 1 190 ? -5.921  0.224   16.092  1.00 6.85  ? 190 GLN A O   1 
ATOM   1374 C CB  . GLN A 1 190 ? -3.019  0.040   14.537  1.00 8.13  ? 190 GLN A CB  1 
ATOM   1375 C CG  . GLN A 1 190 ? -3.268  1.523   14.775  1.00 10.26 ? 190 GLN A CG  1 
ATOM   1376 C CD  . GLN A 1 190 ? -2.145  2.180   15.542  1.00 10.55 ? 190 GLN A CD  1 
ATOM   1377 O OE1 . GLN A 1 190 ? -0.972  2.016   15.204  1.00 11.43 ? 190 GLN A OE1 1 
ATOM   1378 N NE2 . GLN A 1 190 ? -2.493  2.924   16.586  1.00 11.86 ? 190 GLN A NE2 1 
ATOM   1379 N N   . TYR A 1 191 ? -6.011  -0.787  14.088  1.00 5.90  ? 191 TYR A N   1 
ATOM   1380 C CA  . TYR A 1 191 ? -7.371  -0.343  13.823  1.00 6.01  ? 191 TYR A CA  1 
ATOM   1381 C C   . TYR A 1 191 ? -8.458  -1.415  13.897  1.00 6.10  ? 191 TYR A C   1 
ATOM   1382 O O   . TYR A 1 191 ? -9.602  -1.160  13.527  1.00 6.48  ? 191 TYR A O   1 
ATOM   1383 C CB  . TYR A 1 191 ? -7.391  0.363   12.463  1.00 5.99  ? 191 TYR A CB  1 
ATOM   1384 C CG  . TYR A 1 191 ? -6.454  1.555   12.414  1.00 6.19  ? 191 TYR A CG  1 
ATOM   1385 C CD1 . TYR A 1 191 ? -5.454  1.650   11.445  1.00 6.51  ? 191 TYR A CD1 1 
ATOM   1386 C CD2 . TYR A 1 191 ? -6.568  2.588   13.343  1.00 6.41  ? 191 TYR A CD2 1 
ATOM   1387 C CE1 . TYR A 1 191 ? -4.593  2.750   11.403  1.00 6.74  ? 191 TYR A CE1 1 
ATOM   1388 C CE2 . TYR A 1 191 ? -5.713  3.688   13.310  1.00 6.48  ? 191 TYR A CE2 1 
ATOM   1389 C CZ  . TYR A 1 191 ? -4.730  3.765   12.339  1.00 6.63  ? 191 TYR A CZ  1 
ATOM   1390 O OH  . TYR A 1 191 ? -3.897  4.865   12.304  1.00 7.75  ? 191 TYR A OH  1 
ATOM   1391 N N   . GLY A 1 192 ? -8.100  -2.598  14.396  1.00 5.80  ? 192 GLY A N   1 
ATOM   1392 C CA  . GLY A 1 192 ? -9.058  -3.689  14.527  1.00 6.16  ? 192 GLY A CA  1 
ATOM   1393 C C   . GLY A 1 192 ? -9.660  -4.130  13.209  1.00 5.96  ? 192 GLY A C   1 
ATOM   1394 O O   . GLY A 1 192 ? -10.849 -4.451  13.133  1.00 6.78  ? 192 GLY A O   1 
ATOM   1395 N N   . LEU A 1 193 ? -8.827  -4.174  12.175  1.00 5.95  ? 193 LEU A N   1 
ATOM   1396 C CA  . LEU A 1 193 ? -9.272  -4.540  10.838  1.00 6.12  ? 193 LEU A CA  1 
ATOM   1397 C C   . LEU A 1 193 ? -9.045  -5.996  10.475  1.00 6.04  ? 193 LEU A C   1 
ATOM   1398 O O   . LEU A 1 193 ? -8.080  -6.617  10.919  1.00 6.60  ? 193 LEU A O   1 
ATOM   1399 C CB  . LEU A 1 193 ? -8.560  -3.667  9.803   1.00 6.28  ? 193 LEU A CB  1 
ATOM   1400 C CG  . LEU A 1 193 ? -8.532  -2.166  10.092  1.00 6.24  ? 193 LEU A CG  1 
ATOM   1401 C CD1 . LEU A 1 193 ? -7.557  -1.477  9.147   1.00 6.46  ? 193 LEU A CD1 1 
ATOM   1402 C CD2 . LEU A 1 193 ? -9.931  -1.596  9.938   1.00 6.51  ? 193 LEU A CD2 1 
ATOM   1403 N N   . SER A 1 194 ? -9.943  -6.520  9.645   1.00 6.58  ? 194 SER A N   1 
ATOM   1404 C CA  . SER A 1 194 ? -9.852  -7.886  9.153   1.00 6.89  ? 194 SER A CA  1 
ATOM   1405 C C   . SER A 1 194 ? -9.693  -7.825  7.638   1.00 6.67  ? 194 SER A C   1 
ATOM   1406 O O   . SER A 1 194 ? -10.440 -7.139  6.942   1.00 6.46  ? 194 SER A O   1 
ATOM   1407 C CB  . SER A 1 194 ? -11.111 -8.675  9.509   1.00 7.56  ? 194 SER A CB  1 
ATOM   1408 O OG  . SER A 1 194 ? -11.088 -9.065  10.872  1.00 9.22  ? 194 SER A OG  1 
ATOM   1409 N N   . LEU A 1 195 ? -8.702  -8.546  7.139   1.00 6.75  ? 195 LEU A N   1 
ATOM   1410 C CA  . LEU A 1 195 ? -8.415  -8.591  5.717   1.00 7.16  ? 195 LEU A CA  1 
ATOM   1411 C C   . LEU A 1 195 ? -9.496  -9.362  4.958   1.00 7.16  ? 195 LEU A C   1 
ATOM   1412 O O   . LEU A 1 195 ? -9.959  -10.407 5.418   1.00 7.73  ? 195 LEU A O   1 
ATOM   1413 C CB  . LEU A 1 195 ? -7.058  -9.266  5.520   1.00 7.70  ? 195 LEU A CB  1 
ATOM   1414 C CG  . LEU A 1 195 ? -6.324  -9.152  4.189   1.00 7.87  ? 195 LEU A CG  1 
ATOM   1415 C CD1 . LEU A 1 195 ? -5.987  -7.698  3.894   1.00 7.41  ? 195 LEU A CD1 1 
ATOM   1416 C CD2 . LEU A 1 195 ? -5.057  -9.987  4.263   1.00 7.93  ? 195 LEU A CD2 1 
ATOM   1417 N N   . VAL A 1 196 ? -9.911  -8.839  3.808   1.00 7.17  ? 196 VAL A N   1 
ATOM   1418 C CA  . VAL A 1 196 ? -10.900 -9.523  2.981   1.00 7.07  ? 196 VAL A CA  1 
ATOM   1419 C C   . VAL A 1 196 ? -10.088 -10.514 2.148   1.00 6.96  ? 196 VAL A C   1 
ATOM   1420 O O   . VAL A 1 196 ? -9.181  -10.120 1.409   1.00 6.71  ? 196 VAL A O   1 
ATOM   1421 C CB  . VAL A 1 196 ? -11.648 -8.532  2.062   1.00 7.20  ? 196 VAL A CB  1 
ATOM   1422 C CG1 . VAL A 1 196 ? -12.499 -9.287  1.052   1.00 7.86  ? 196 VAL A CG1 1 
ATOM   1423 C CG2 . VAL A 1 196 ? -12.519 -7.610  2.905   1.00 7.55  ? 196 VAL A CG2 1 
ATOM   1424 N N   . THR A 1 197 ? -10.398 -11.801 2.281   1.00 7.45  ? 197 THR A N   1 
ATOM   1425 C CA  . THR A 1 197 ? -9.655  -12.835 1.571   1.00 7.58  ? 197 THR A CA  1 
ATOM   1426 C C   . THR A 1 197 ? -10.500 -13.706 0.652   1.00 7.63  ? 197 THR A C   1 
ATOM   1427 O O   . THR A 1 197 ? -11.731 -13.693 0.710   1.00 8.11  ? 197 THR A O   1 
ATOM   1428 C CB  . THR A 1 197 ? -8.925  -13.760 2.564   1.00 8.00  ? 197 THR A CB  1 
ATOM   1429 O OG1 . THR A 1 197 ? -9.889  -14.434 3.384   1.00 9.10  ? 197 THR A OG1 1 
ATOM   1430 C CG2 . THR A 1 197 ? -7.985  -12.958 3.452   1.00 8.56  ? 197 THR A CG2 1 
ATOM   1431 N N   . GLY A 1 198 ? -9.812  -14.465 -0.196  1.00 7.73  ? 198 GLY A N   1 
ATOM   1432 C CA  . GLY A 1 198 ? -10.477 -15.355 -1.130  1.00 8.30  ? 198 GLY A CA  1 
ATOM   1433 C C   . GLY A 1 198 ? -9.650  -16.603 -1.374  1.00 8.57  ? 198 GLY A C   1 
ATOM   1434 O O   . GLY A 1 198 ? -9.935  -17.326 -2.351  1.00 9.32  ? 198 GLY A O   1 
ATOM   1435 O OXT . GLY A 1 198 ? -8.718  -16.863 -0.586  1.00 9.68  ? 198 GLY A OXT 1 
HETATM 1436 S S   . SO4 B 2 .   ? -15.713 -14.147 -5.890  0.97 14.74 ? 203 SO4 A S   1 
HETATM 1437 O O1  . SO4 B 2 .   ? -17.064 -13.669 -5.803  0.97 15.67 ? 203 SO4 A O1  1 
HETATM 1438 O O2  . SO4 B 2 .   ? -15.553 -15.284 -5.033  0.97 15.86 ? 203 SO4 A O2  1 
HETATM 1439 O O3  . SO4 B 2 .   ? -15.422 -14.523 -7.245  0.97 14.98 ? 203 SO4 A O3  1 
HETATM 1440 O O4  . SO4 B 2 .   ? -14.817 -13.110 -5.476  0.97 15.48 ? 203 SO4 A O4  1 
HETATM 1441 S S   . SO4 C 2 .   ? 3.504   -5.812  15.547  0.93 8.86  ? 204 SO4 A S   1 
HETATM 1442 O O1  . SO4 C 2 .   ? 3.742   -6.036  16.949  0.93 9.96  ? 204 SO4 A O1  1 
HETATM 1443 O O2  . SO4 C 2 .   ? 4.416   -4.819  15.058  0.93 9.56  ? 204 SO4 A O2  1 
HETATM 1444 O O3  . SO4 C 2 .   ? 3.694   -7.032  14.815  0.93 10.38 ? 204 SO4 A O3  1 
HETATM 1445 O O4  . SO4 C 2 .   ? 2.166   -5.347  15.368  0.93 10.68 ? 204 SO4 A O4  1 
HETATM 1446 S S   . SO4 D 2 .   ? 4.293   9.653   -3.364  1.00 13.69 ? 205 SO4 A S   1 
HETATM 1447 O O1  . SO4 D 2 .   ? 3.526   10.347  -4.353  1.00 14.66 ? 205 SO4 A O1  1 
HETATM 1448 O O2  . SO4 D 2 .   ? 3.675   9.827   -2.080  1.00 14.48 ? 205 SO4 A O2  1 
HETATM 1449 O O3  . SO4 D 2 .   ? 5.625   10.177  -3.346  1.00 15.50 ? 205 SO4 A O3  1 
HETATM 1450 O O4  . SO4 D 2 .   ? 4.332   8.259   -3.690  1.00 13.97 ? 205 SO4 A O4  1 
HETATM 1451 S S   . SO4 E 2 .   ? 0.792   11.697  -11.825 0.38 18.21 ? 206 SO4 A S   1 
HETATM 1452 O O1  . SO4 E 2 .   ? 0.583   12.951  -12.482 0.38 18.38 ? 206 SO4 A O1  1 
HETATM 1453 O O2  . SO4 E 2 .   ? 0.837   11.904  -10.412 0.38 17.39 ? 206 SO4 A O2  1 
HETATM 1454 O O3  . SO4 E 2 .   ? -0.282  10.806  -12.140 0.38 18.17 ? 206 SO4 A O3  1 
HETATM 1455 O O4  . SO4 E 2 .   ? 2.029   11.130  -12.263 0.38 18.42 ? 206 SO4 A O4  1 
HETATM 1456 C C1  . GOL F 3 .   ? 6.984   11.553  2.349   1.00 19.66 ? 201 GOL A C1  1 
HETATM 1457 O O1  . GOL F 3 .   ? 7.438   12.867  2.068   1.00 19.12 ? 201 GOL A O1  1 
HETATM 1458 C C2  . GOL F 3 .   ? 7.493   10.585  1.279   1.00 19.55 ? 201 GOL A C2  1 
HETATM 1459 O O2  . GOL F 3 .   ? 7.027   10.982  -0.017  1.00 19.48 ? 201 GOL A O2  1 
HETATM 1460 C C3  . GOL F 3 .   ? 7.035   9.158   1.582   1.00 19.53 ? 201 GOL A C3  1 
HETATM 1461 O O3  . GOL F 3 .   ? 7.510   8.279   0.575   1.00 19.18 ? 201 GOL A O3  1 
HETATM 1462 C C1  . GOL G 3 .   ? 3.981   -2.292  -15.656 0.91 20.23 ? 202 GOL A C1  1 
HETATM 1463 O O1  . GOL G 3 .   ? 2.779   -1.904  -16.296 0.91 21.10 ? 202 GOL A O1  1 
HETATM 1464 C C2  . GOL G 3 .   ? 4.015   -3.808  -15.448 0.91 20.10 ? 202 GOL A C2  1 
HETATM 1465 O O2  . GOL G 3 .   ? 2.935   -4.227  -14.604 0.91 19.25 ? 202 GOL A O2  1 
HETATM 1466 C C3  . GOL G 3 .   ? 5.368   -4.202  -14.851 0.91 20.19 ? 202 GOL A C3  1 
HETATM 1467 O O3  . GOL G 3 .   ? 5.470   -5.604  -14.675 0.91 20.72 ? 202 GOL A O3  1 
HETATM 1468 O O   . HOH H 4 .   ? -13.235 17.441  0.435   1.00 34.22 ? 207 HOH A O   1 
HETATM 1469 O O   . HOH H 4 .   ? -14.671 3.358   -10.623 0.78 14.68 ? 208 HOH A O   1 
HETATM 1470 O O   . HOH H 4 .   ? -12.383 3.641   -11.976 0.89 20.58 ? 209 HOH A O   1 
HETATM 1471 O O   . HOH H 4 .   ? -10.620 2.050   -10.627 0.99 12.30 ? 210 HOH A O   1 
HETATM 1472 O O   . HOH H 4 .   ? -8.730  3.865   -9.953  1.00 10.26 ? 211 HOH A O   1 
HETATM 1473 O O   . HOH H 4 .   ? -9.820  6.480   -10.269 0.94 16.15 ? 212 HOH A O   1 
HETATM 1474 O O   . HOH H 4 .   ? -8.438  8.850   -9.660  1.00 26.83 ? 213 HOH A O   1 
HETATM 1475 O O   . HOH H 4 .   ? -11.025 9.926   -8.801  1.00 32.95 ? 214 HOH A O   1 
HETATM 1476 O O   . HOH H 4 .   ? -10.154 13.673  -7.857  0.91 11.63 ? 215 HOH A O   1 
HETATM 1477 O O   . HOH H 4 .   ? -13.230 15.712  -9.037  0.82 20.21 ? 216 HOH A O   1 
HETATM 1478 O O   . HOH H 4 .   ? -15.312 17.103  -7.084  1.00 30.62 ? 217 HOH A O   1 
HETATM 1479 O O   . HOH H 4 .   ? -17.623 15.757  -5.318  1.00 35.34 ? 218 HOH A O   1 
HETATM 1480 O O   . HOH H 4 .   ? -16.745 13.743  -6.740  1.00 26.48 ? 219 HOH A O   1 
HETATM 1481 O O   . HOH H 4 .   ? -19.327 11.421  -5.685  0.81 15.22 ? 220 HOH A O   1 
HETATM 1482 O O   . HOH H 4 .   ? -20.263 8.370   -2.247  1.00 16.06 ? 221 HOH A O   1 
HETATM 1483 O O   . HOH H 4 .   ? -21.572 5.887   -2.000  0.90 13.51 ? 222 HOH A O   1 
HETATM 1484 O O   . HOH H 4 .   ? -23.599 3.812   0.428   0.77 15.69 ? 223 HOH A O   1 
HETATM 1485 O O   . HOH H 4 .   ? -22.607 4.184   4.022   1.00 25.29 ? 224 HOH A O   1 
HETATM 1486 O O   . HOH H 4 .   ? -24.914 -1.543  9.691   0.92 15.92 ? 225 HOH A O   1 
HETATM 1487 O O   . HOH H 4 .   ? -19.061 0.742   5.215   1.00 9.20  ? 226 HOH A O   1 
HETATM 1488 O O   . HOH H 4 .   ? -18.092 -6.571  2.143   0.84 20.16 ? 227 HOH A O   1 
HETATM 1489 O O   . HOH H 4 .   ? -18.407 -5.206  -0.327  1.00 9.75  ? 228 HOH A O   1 
HETATM 1490 O O   . HOH H 4 .   ? -17.390 -8.590  -3.080  0.91 23.30 ? 229 HOH A O   1 
HETATM 1491 O O   . HOH H 4 .   ? -17.370 -11.055 -5.596  1.00 21.44 ? 230 HOH A O   1 
HETATM 1492 O O   . HOH H 4 .   ? -15.272 -11.605 -3.239  0.93 26.39 ? 231 HOH A O   1 
HETATM 1493 O O   . HOH H 4 .   ? -13.629 -15.478 -3.202  0.96 23.27 ? 232 HOH A O   1 
HETATM 1494 O O   . HOH H 4 .   ? -11.510 -16.712 -4.360  0.88 12.29 ? 233 HOH A O   1 
HETATM 1495 O O   . HOH H 4 .   ? -10.127 -15.219 -6.263  0.94 11.11 ? 234 HOH A O   1 
HETATM 1496 O O   . HOH H 4 .   ? -8.313  -12.820 -7.902  1.00 8.85  ? 235 HOH A O   1 
HETATM 1497 O O   . HOH H 4 .   ? -6.281  -13.923 -11.771 0.88 13.17 ? 236 HOH A O   1 
HETATM 1498 O O   . HOH H 4 .   ? -3.662  -15.156 -7.396  0.88 14.33 ? 237 HOH A O   1 
HETATM 1499 O O   . HOH H 4 .   ? 2.807   -12.580 -8.398  1.00 17.77 ? 238 HOH A O   1 
HETATM 1500 O O   . HOH H 4 .   ? 2.037   -6.873  -14.633 1.00 9.81  ? 239 HOH A O   1 
HETATM 1501 O O   . HOH H 4 .   ? -3.126  -2.628  -16.933 1.00 27.03 ? 240 HOH A O   1 
HETATM 1502 O O   . HOH H 4 .   ? -0.814  -3.448  -12.704 1.00 11.77 ? 241 HOH A O   1 
HETATM 1503 O O   . HOH H 4 .   ? -0.993  -1.893  -10.488 0.97 10.83 ? 242 HOH A O   1 
HETATM 1504 O O   . HOH H 4 .   ? -2.803  0.133   -10.593 0.81 16.26 ? 243 HOH A O   1 
HETATM 1505 O O   . HOH H 4 .   ? -5.704  -1.669  -12.165 0.87 18.32 ? 244 HOH A O   1 
HETATM 1506 O O   . HOH H 4 .   ? -7.005  0.636   -12.568 0.68 16.64 ? 245 HOH A O   1 
HETATM 1507 O O   . HOH H 4 .   ? -6.164  2.813   -11.275 0.96 16.66 ? 246 HOH A O   1 
HETATM 1508 O O   . HOH H 4 .   ? -7.501  -3.760  -11.392 0.99 12.68 ? 247 HOH A O   1 
HETATM 1509 O O   . HOH H 4 .   ? -2.339  -8.608  16.218  1.00 15.96 ? 248 HOH A O   1 
HETATM 1510 O O   . HOH H 4 .   ? -8.021  -4.584  -14.816 0.91 18.26 ? 249 HOH A O   1 
HETATM 1511 O O   . HOH H 4 .   ? -6.272  -5.695  -12.934 0.98 9.73  ? 250 HOH A O   1 
HETATM 1512 O O   . HOH H 4 .   ? -9.561  -8.726  -16.076 1.00 8.02  ? 251 HOH A O   1 
HETATM 1513 O O   . HOH H 4 .   ? 9.196   -7.065  -11.792 0.96 16.31 ? 252 HOH A O   1 
HETATM 1514 O O   . HOH H 4 .   ? 10.935  -4.353  -9.991  1.00 11.46 ? 253 HOH A O   1 
HETATM 1515 O O   . HOH H 4 .   ? 13.775  -6.644  -8.972  1.00 27.58 ? 254 HOH A O   1 
HETATM 1516 O O   . HOH H 4 .   ? 16.993  -10.203 -5.389  0.95 24.26 ? 255 HOH A O   1 
HETATM 1517 O O   . HOH H 4 .   ? 17.612  -10.825 0.619   1.00 29.09 ? 256 HOH A O   1 
HETATM 1518 O O   . HOH H 4 .   ? 19.477  -9.222  2.084   0.98 22.17 ? 257 HOH A O   1 
HETATM 1519 O O   . HOH H 4 .   ? 19.088  -7.778  5.782   0.95 24.93 ? 258 HOH A O   1 
HETATM 1520 O O   . HOH H 4 .   ? 17.148  -7.038  8.215   0.92 15.51 ? 259 HOH A O   1 
HETATM 1521 O O   . HOH H 4 .   ? 17.704  -2.970  9.225   0.79 16.98 ? 260 HOH A O   1 
HETATM 1522 O O   . HOH H 4 .   ? 17.639  1.961   9.199   0.91 14.74 ? 261 HOH A O   1 
HETATM 1523 O O   . HOH H 4 .   ? 13.714  1.305   12.082  0.98 8.92  ? 262 HOH A O   1 
HETATM 1524 O O   . HOH H 4 .   ? 13.949  1.503   14.807  0.92 21.84 ? 263 HOH A O   1 
HETATM 1525 O O   . HOH H 4 .   ? 11.408  0.022   14.829  0.87 20.39 ? 264 HOH A O   1 
HETATM 1526 O O   . HOH H 4 .   ? 6.891   -0.027  13.014  0.98 18.57 ? 265 HOH A O   1 
HETATM 1527 O O   . HOH H 4 .   ? 4.631   -0.617  14.112  1.00 17.39 ? 266 HOH A O   1 
HETATM 1528 O O   . HOH H 4 .   ? 4.128   -2.365  16.172  0.97 9.27  ? 267 HOH A O   1 
HETATM 1529 O O   . HOH H 4 .   ? 8.110   -0.404  19.496  0.75 15.88 ? 268 HOH A O   1 
HETATM 1530 O O   . HOH H 4 .   ? 6.455   9.098   16.444  0.97 25.80 ? 269 HOH A O   1 
HETATM 1531 O O   . HOH H 4 .   ? 2.895   9.356   16.249  0.82 20.14 ? 270 HOH A O   1 
HETATM 1532 O O   . HOH H 4 .   ? 2.905   10.664  13.813  0.98 12.31 ? 271 HOH A O   1 
HETATM 1533 O O   . HOH H 4 .   ? 4.633   12.784  14.482  1.00 17.89 ? 272 HOH A O   1 
HETATM 1534 O O   . HOH H 4 .   ? 4.175   15.183  12.978  0.83 19.58 ? 273 HOH A O   1 
HETATM 1535 O O   . HOH H 4 .   ? 5.755   16.267  10.571  0.92 13.74 ? 274 HOH A O   1 
HETATM 1536 O O   . HOH H 4 .   ? 3.533   15.806  9.140   0.93 26.02 ? 275 HOH A O   1 
HETATM 1537 O O   . HOH H 4 .   ? 3.516   17.519  4.817   0.78 21.66 ? 276 HOH A O   1 
HETATM 1538 O O   . HOH H 4 .   ? 10.332  12.971  1.877   0.96 11.80 ? 277 HOH A O   1 
HETATM 1539 O O   . HOH H 4 .   ? 2.544   0.004   -4.565  1.00 6.50  ? 278 HOH A O   1 
HETATM 1540 O O   . HOH H 4 .   ? 3.012   -7.717  8.426   1.00 8.67  ? 279 HOH A O   1 
HETATM 1541 O O   . HOH H 4 .   ? 1.872   -9.598  6.675   1.00 9.33  ? 280 HOH A O   1 
HETATM 1542 O O   . HOH H 4 .   ? 5.549   -8.116  5.806   0.91 18.20 ? 281 HOH A O   1 
HETATM 1543 O O   . HOH H 4 .   ? 7.992   -7.423  6.713   1.00 7.30  ? 282 HOH A O   1 
HETATM 1544 O O   . HOH H 4 .   ? 7.719   -9.334  4.890   0.83 12.29 ? 283 HOH A O   1 
HETATM 1545 O O   . HOH H 4 .   ? 8.940   -8.216  11.364  0.89 13.11 ? 284 HOH A O   1 
HETATM 1546 O O   . HOH H 4 .   ? 10.307  -5.750  11.335  1.00 14.93 ? 285 HOH A O   1 
HETATM 1547 O O   . HOH H 4 .   ? 10.232  -4.209  9.022   1.00 6.90  ? 286 HOH A O   1 
HETATM 1548 O O   . HOH H 4 .   ? 6.328   -1.440  9.340   1.00 6.64  ? 287 HOH A O   1 
HETATM 1549 O O   . HOH H 4 .   ? 6.255   2.000   11.187  1.00 7.64  ? 288 HOH A O   1 
HETATM 1550 O O   . HOH H 4 .   ? 9.009   11.104  13.115  1.00 12.48 ? 289 HOH A O   1 
HETATM 1551 O O   . HOH H 4 .   ? 14.947  11.044  13.284  0.73 15.11 ? 290 HOH A O   1 
HETATM 1552 O O   . HOH H 4 .   ? 16.915  12.016  14.907  0.84 13.83 ? 291 HOH A O   1 
HETATM 1553 O O   . HOH H 4 .   ? 17.203  12.805  10.515  0.90 11.70 ? 292 HOH A O   1 
HETATM 1554 O O   . HOH H 4 .   ? 14.747  11.620  10.523  0.84 15.20 ? 293 HOH A O   1 
HETATM 1555 O O   . HOH H 4 .   ? 13.516  13.182  8.623   0.94 11.34 ? 294 HOH A O   1 
HETATM 1556 O O   . HOH H 4 .   ? 16.154  14.203  8.300   0.83 13.34 ? 295 HOH A O   1 
HETATM 1557 O O   . HOH H 4 .   ? 14.186  14.099  3.952   0.89 12.88 ? 296 HOH A O   1 
HETATM 1558 O O   . HOH H 4 .   ? 15.767  7.788   4.206   0.83 16.56 ? 297 HOH A O   1 
HETATM 1559 O O   . HOH H 4 .   ? 20.210  7.170   -3.985  1.00 38.97 ? 298 HOH A O   1 
HETATM 1560 O O   . HOH H 4 .   ? 19.573  7.584   -11.583 0.86 15.91 ? 299 HOH A O   1 
HETATM 1561 O O   . HOH H 4 .   ? 17.183  6.666   -13.207 1.00 17.52 ? 300 HOH A O   1 
HETATM 1562 O O   . HOH H 4 .   ? 16.245  9.200   -13.517 1.00 18.04 ? 301 HOH A O   1 
HETATM 1563 O O   . HOH H 4 .   ? 11.449  14.844  -11.188 1.00 22.68 ? 302 HOH A O   1 
HETATM 1564 O O   . HOH H 4 .   ? 15.797  10.147  -19.269 0.81 15.05 ? 303 HOH A O   1 
HETATM 1565 O O   . HOH H 4 .   ? 16.563  2.900   -18.273 0.92 19.27 ? 304 HOH A O   1 
HETATM 1566 O O   . HOH H 4 .   ? 16.934  -0.945  -14.849 1.00 29.49 ? 305 HOH A O   1 
HETATM 1567 O O   . HOH H 4 .   ? 19.713  -0.600  -14.277 0.96 30.71 ? 306 HOH A O   1 
HETATM 1568 O O   . HOH H 4 .   ? 18.968  -5.206  -11.688 1.00 21.97 ? 307 HOH A O   1 
HETATM 1569 O O   . HOH H 4 .   ? 21.496  -5.631  -9.264  1.00 20.49 ? 308 HOH A O   1 
HETATM 1570 O O   . HOH H 4 .   ? 19.857  -6.869  -4.502  1.00 35.14 ? 309 HOH A O   1 
HETATM 1571 O O   . HOH H 4 .   ? 19.216  -3.965  -3.062  0.98 22.10 ? 310 HOH A O   1 
HETATM 1572 O O   . HOH H 4 .   ? 17.031  -3.534  -1.381  0.85 12.94 ? 311 HOH A O   1 
HETATM 1573 O O   . HOH H 4 .   ? 16.566  -14.186 -2.021  0.76 16.35 ? 312 HOH A O   1 
HETATM 1574 O O   . HOH H 4 .   ? 14.971  -16.950 0.460   0.85 15.95 ? 313 HOH A O   1 
HETATM 1575 O O   . HOH H 4 .   ? 15.612  -14.971 6.260   0.86 17.19 ? 314 HOH A O   1 
HETATM 1576 O O   . HOH H 4 .   ? 9.401   -17.793 7.786   0.87 14.05 ? 315 HOH A O   1 
HETATM 1577 O O   . HOH H 4 .   ? 4.257   -15.183 3.490   0.98 10.10 ? 316 HOH A O   1 
HETATM 1578 O O   . HOH H 4 .   ? 1.149   -18.603 4.676   1.00 6.97  ? 317 HOH A O   1 
HETATM 1579 O O   . HOH H 4 .   ? -2.254  -17.111 6.016   1.00 11.49 ? 318 HOH A O   1 
HETATM 1580 O O   . HOH H 4 .   ? -3.142  -15.034 7.500   0.98 11.86 ? 319 HOH A O   1 
HETATM 1581 O O   . HOH H 4 .   ? -5.234  -11.959 7.575   1.00 14.11 ? 320 HOH A O   1 
HETATM 1582 O O   . HOH H 4 .   ? -7.193  -10.390 8.738   1.00 8.86  ? 321 HOH A O   1 
HETATM 1583 O O   . HOH H 4 .   ? -4.020  -9.459  11.821  0.90 12.03 ? 322 HOH A O   1 
HETATM 1584 O O   . HOH H 4 .   ? -2.409  -7.921  13.420  1.00 9.79  ? 323 HOH A O   1 
HETATM 1585 O O   . HOH H 4 .   ? -0.064  -6.742  15.294  0.99 11.16 ? 324 HOH A O   1 
HETATM 1586 O O   . HOH H 4 .   ? 2.655   -9.371  14.393  0.98 23.96 ? 325 HOH A O   1 
HETATM 1587 O O   . HOH H 4 .   ? -2.021  -11.060 10.491  0.97 23.48 ? 326 HOH A O   1 
HETATM 1588 O O   . HOH H 4 .   ? 3.154   -13.805 10.096  0.96 11.82 ? 327 HOH A O   1 
HETATM 1589 O O   . HOH H 4 .   ? 0.084   -19.724 1.175   0.94 16.95 ? 328 HOH A O   1 
HETATM 1590 O O   . HOH H 4 .   ? -7.915  -19.209 0.272   1.00 22.67 ? 329 HOH A O   1 
HETATM 1591 O O   . HOH H 4 .   ? -2.866  -15.769 -4.522  1.00 15.77 ? 330 HOH A O   1 
HETATM 1592 O O   . HOH H 4 .   ? 6.295   -13.733 -4.337  0.90 19.22 ? 331 HOH A O   1 
HETATM 1593 O O   . HOH H 4 .   ? 7.265   -15.207 -2.087  0.94 19.11 ? 332 HOH A O   1 
HETATM 1594 O O   . HOH H 4 .   ? 10.550  -11.703 -7.370  1.00 17.32 ? 333 HOH A O   1 
HETATM 1595 O O   . HOH H 4 .   ? 9.680   -7.576  -16.123 0.88 15.72 ? 334 HOH A O   1 
HETATM 1596 O O   . HOH H 4 .   ? 9.318   -3.134  -15.143 0.99 38.94 ? 335 HOH A O   1 
HETATM 1597 O O   . HOH H 4 .   ? 15.181  -5.522  -11.792 1.00 29.90 ? 336 HOH A O   1 
HETATM 1598 O O   . HOH H 4 .   ? 13.247  3.284   -15.651 0.98 14.59 ? 337 HOH A O   1 
HETATM 1599 O O   . HOH H 4 .   ? 15.151  5.188   -12.018 1.00 8.83  ? 338 HOH A O   1 
HETATM 1600 O O   . HOH H 4 .   ? 7.653   6.184   -12.947 1.00 21.68 ? 339 HOH A O   1 
HETATM 1601 O O   . HOH H 4 .   ? 5.389   9.071   -17.821 1.00 18.08 ? 340 HOH A O   1 
HETATM 1602 O O   . HOH H 4 .   ? 2.279   10.601  -6.975  1.00 20.30 ? 341 HOH A O   1 
HETATM 1603 O O   . HOH H 4 .   ? 0.933   11.184  -3.949  0.96 16.56 ? 342 HOH A O   1 
HETATM 1604 O O   . HOH H 4 .   ? 4.786   12.843  -5.156  1.00 11.76 ? 343 HOH A O   1 
HETATM 1605 O O   . HOH H 4 .   ? 0.013   13.141  0.309   0.93 14.18 ? 344 HOH A O   1 
HETATM 1606 O O   . HOH H 4 .   ? -2.619  13.968  0.423   1.00 10.81 ? 345 HOH A O   1 
HETATM 1607 O O   . HOH H 4 .   ? -2.485  15.077  2.856   0.88 17.76 ? 346 HOH A O   1 
HETATM 1608 O O   . HOH H 4 .   ? -5.094  15.296  3.390   0.82 13.67 ? 347 HOH A O   1 
HETATM 1609 O O   . HOH H 4 .   ? -1.602  17.889  3.200   0.84 20.90 ? 348 HOH A O   1 
HETATM 1610 O O   . HOH H 4 .   ? -2.876  18.437  -0.783  0.96 20.54 ? 349 HOH A O   1 
HETATM 1611 O O   . HOH H 4 .   ? -4.028  15.689  -1.257  1.00 10.44 ? 350 HOH A O   1 
HETATM 1612 O O   . HOH H 4 .   ? -1.686  17.393  -3.782  1.00 8.13  ? 351 HOH A O   1 
HETATM 1613 O O   . HOH H 4 .   ? -7.517  19.740  -1.554  1.00 10.77 ? 352 HOH A O   1 
HETATM 1614 O O   . HOH H 4 .   ? -9.874  17.207  4.620   0.80 17.44 ? 353 HOH A O   1 
HETATM 1615 O O   . HOH H 4 .   ? -8.328  16.392  6.828   0.92 19.18 ? 354 HOH A O   1 
HETATM 1616 O O   . HOH H 4 .   ? -7.717  16.015  10.257  0.88 22.20 ? 355 HOH A O   1 
HETATM 1617 O O   . HOH H 4 .   ? -4.618  13.759  10.290  1.00 21.54 ? 356 HOH A O   1 
HETATM 1618 O O   . HOH H 4 .   ? -5.664  9.023   13.417  1.00 10.01 ? 357 HOH A O   1 
HETATM 1619 O O   . HOH H 4 .   ? -4.429  6.641   14.296  1.00 10.01 ? 358 HOH A O   1 
HETATM 1620 O O   . HOH H 4 .   ? -6.447  6.105   16.306  0.97 26.60 ? 359 HOH A O   1 
HETATM 1621 O O   . HOH H 4 .   ? -8.816  5.803   15.109  0.90 18.87 ? 360 HOH A O   1 
HETATM 1622 O O   . HOH H 4 .   ? -9.964  3.782   13.431  1.00 11.49 ? 361 HOH A O   1 
HETATM 1623 O O   . HOH H 4 .   ? -8.587  8.838   13.800  0.88 16.73 ? 362 HOH A O   1 
HETATM 1624 O O   . HOH H 4 .   ? -1.763  9.833   14.369  0.88 13.70 ? 363 HOH A O   1 
HETATM 1625 O O   . HOH H 4 .   ? 0.286   10.858  12.888  1.00 9.61  ? 364 HOH A O   1 
HETATM 1626 O O   . HOH H 4 .   ? 1.949   14.380  11.194  0.97 17.27 ? 365 HOH A O   1 
HETATM 1627 O O   . HOH H 4 .   ? 8.329   19.387  6.900   1.00 34.96 ? 366 HOH A O   1 
HETATM 1628 O O   . HOH H 4 .   ? 7.994   18.684  4.399   0.83 14.66 ? 367 HOH A O   1 
HETATM 1629 O O   . HOH H 4 .   ? -5.614  15.090  -8.839  1.00 13.35 ? 368 HOH A O   1 
HETATM 1630 O O   . HOH H 4 .   ? -6.271  17.385  -12.393 0.98 19.04 ? 369 HOH A O   1 
HETATM 1631 O O   . HOH H 4 .   ? -5.312  10.340  -12.934 0.83 19.10 ? 370 HOH A O   1 
HETATM 1632 O O   . HOH H 4 .   ? -10.545 13.082  -3.685  1.00 6.75  ? 371 HOH A O   1 
HETATM 1633 O O   . HOH H 4 .   ? -17.843 9.605   2.126   1.00 29.57 ? 372 HOH A O   1 
HETATM 1634 O O   . HOH H 4 .   ? -20.081 9.816   0.431   0.89 19.63 ? 373 HOH A O   1 
HETATM 1635 O O   . HOH H 4 .   ? -18.931 5.903   -4.974  1.00 10.41 ? 374 HOH A O   1 
HETATM 1636 O O   . HOH H 4 .   ? -18.260 4.558   -7.226  0.97 11.71 ? 375 HOH A O   1 
HETATM 1637 O O   . HOH H 4 .   ? -16.426 5.233   -9.193  1.00 12.24 ? 376 HOH A O   1 
HETATM 1638 O O   . HOH H 4 .   ? -12.319 0.569   -9.162  1.00 11.94 ? 377 HOH A O   1 
HETATM 1639 O O   . HOH H 4 .   ? -19.569 -0.536  -5.802  0.97 15.52 ? 378 HOH A O   1 
HETATM 1640 O O   . HOH H 4 .   ? -22.047 -2.006  -7.466  0.92 22.90 ? 379 HOH A O   1 
HETATM 1641 O O   . HOH H 4 .   ? -19.783 -3.528  -8.156  0.91 14.49 ? 380 HOH A O   1 
HETATM 1642 O O   . HOH H 4 .   ? -21.397 -5.845  -6.642  0.87 14.74 ? 381 HOH A O   1 
HETATM 1643 O O   . HOH H 4 .   ? -22.265 -5.549  1.018   0.99 32.07 ? 382 HOH A O   1 
HETATM 1644 O O   . HOH H 4 .   ? -14.237 -6.910  10.730  1.00 9.48  ? 383 HOH A O   1 
HETATM 1645 O O   . HOH H 4 .   ? -11.960 -6.905  12.333  1.00 9.17  ? 384 HOH A O   1 
HETATM 1646 O O   . HOH H 4 .   ? -12.405 -4.852  15.323  0.94 9.14  ? 385 HOH A O   1 
HETATM 1647 O O   . HOH H 4 .   ? -13.562 -2.340  15.727  0.88 11.22 ? 386 HOH A O   1 
HETATM 1648 O O   . HOH H 4 .   ? -16.186 -0.352  12.922  0.92 10.38 ? 387 HOH A O   1 
HETATM 1649 O O   . HOH H 4 .   ? -14.570 7.279   10.434  0.93 20.98 ? 388 HOH A O   1 
HETATM 1650 O O   . HOH H 4 .   ? -23.568 1.508   -9.388  0.98 28.26 ? 389 HOH A O   1 
HETATM 1651 O O   . HOH H 4 .   ? -21.048 2.499   -12.682 0.97 34.25 ? 390 HOH A O   1 
HETATM 1652 O O   . HOH H 4 .   ? -7.484  -6.124  -1.401  1.00 6.91  ? 391 HOH A O   1 
HETATM 1653 O O   . HOH H 4 .   ? -7.977  -7.671  0.828   1.00 6.03  ? 392 HOH A O   1 
HETATM 1654 O O   . HOH H 4 .   ? -13.929 -9.487  6.806   1.00 27.32 ? 393 HOH A O   1 
HETATM 1655 O O   . HOH H 4 .   ? -16.601 -18.987 -7.708  0.85 13.73 ? 394 HOH A O   1 
HETATM 1656 O O   . HOH H 4 .   ? -14.874 14.381  5.671   0.78 15.40 ? 395 HOH A O   1 
HETATM 1657 O O   . HOH H 4 .   ? 5.893   17.447  3.316   0.79 17.10 ? 396 HOH A O   1 
HETATM 1658 O O   . HOH H 4 .   ? -4.153  11.466  13.629  0.74 17.03 ? 397 HOH A O   1 
HETATM 1659 O O   . HOH H 4 .   ? 17.003  14.211  3.537   0.84 17.97 ? 398 HOH A O   1 
HETATM 1660 O O   . HOH H 4 .   ? -21.141 -4.371  -3.533  0.86 20.12 ? 399 HOH A O   1 
HETATM 1661 O O   . HOH H 4 .   ? 12.010  12.214  13.160  0.85 14.43 ? 400 HOH A O   1 
HETATM 1662 O O   . HOH H 4 .   ? 9.852   8.106   -0.702  0.95 12.58 ? 401 HOH A O   1 
HETATM 1663 O O   . HOH H 4 .   ? -3.739  -2.726  -20.925 0.73 16.25 ? 402 HOH A O   1 
HETATM 1664 O O   . HOH H 4 .   ? 12.675  11.358  15.443  1.00 39.99 ? 403 HOH A O   1 
HETATM 1665 O O   . HOH H 4 .   ? 16.498  8.951   12.145  0.68 18.88 ? 404 HOH A O   1 
HETATM 1666 O O   . HOH H 4 .   ? 18.149  4.702   7.925   0.90 23.03 ? 405 HOH A O   1 
HETATM 1667 O O   . HOH H 4 .   ? 6.276   -2.413  11.995  0.83 14.08 ? 406 HOH A O   1 
HETATM 1668 O O   . HOH H 4 .   ? -13.883 -14.174 -0.885  0.77 15.67 ? 407 HOH A O   1 
HETATM 1669 O O   . HOH H 4 .   ? 13.299  -12.442 8.830   1.00 22.85 ? 408 HOH A O   1 
HETATM 1670 O O   . HOH H 4 .   ? -5.322  17.181  1.268   1.00 40.76 ? 409 HOH A O   1 
HETATM 1671 O O   . HOH H 4 .   ? 7.639   -13.207 -7.454  1.00 33.59 ? 410 HOH A O   1 
HETATM 1672 O O   . HOH H 4 .   ? -9.219  11.262  15.026  0.86 23.92 ? 411 HOH A O   1 
HETATM 1673 O O   . HOH H 4 .   ? 19.198  10.847  -11.831 1.00 25.28 ? 412 HOH A O   1 
HETATM 1674 O O   . HOH H 4 .   ? -13.140 -12.168 3.463   0.82 15.10 ? 413 HOH A O   1 
HETATM 1675 O O   . HOH H 4 .   ? 3.681   1.095   -15.567 0.5  26.36 ? 414 HOH A O   1 
HETATM 1676 O O   . HOH H 4 .   ? 10.469  -2.303  17.404  0.76 19.02 ? 415 HOH A O   1 
HETATM 1677 O O   . HOH H 4 .   ? -1.355  13.876  12.337  1.00 19.20 ? 416 HOH A O   1 
HETATM 1678 O O   . HOH H 4 .   ? 11.807  -1.719  -15.746 0.90 22.57 ? 417 HOH A O   1 
HETATM 1679 O O   . HOH H 4 .   ? -12.337 16.916  -1.876  0.89 15.29 ? 418 HOH A O   1 
HETATM 1680 O O   . HOH H 4 .   ? -15.394 16.830  -0.933  0.87 25.00 ? 419 HOH A O   1 
HETATM 1681 O O   . HOH H 4 .   ? -6.542  -3.546  -17.491 0.97 31.52 ? 420 HOH A O   1 
HETATM 1682 O O   . HOH H 4 .   ? -8.329  -2.356  -19.565 1.00 28.79 ? 421 HOH A O   1 
HETATM 1683 O O   . HOH H 4 .   ? 6.031   -15.072 9.621   1.00 32.61 ? 422 HOH A O   1 
HETATM 1684 O O   . HOH H 4 .   ? 12.799  -4.303  -12.098 1.00 29.09 ? 423 HOH A O   1 
HETATM 1685 O O   . HOH H 4 .   ? 3.716   13.253  2.911   1.00 24.39 ? 424 HOH A O   1 
HETATM 1686 O O   . HOH H 4 .   ? 4.620   -1.686  -8.655  0.91 11.07 ? 425 HOH A O   1 
HETATM 1687 O O   . HOH H 4 .   ? 12.478  11.247  1.465   0.76 16.57 ? 426 HOH A O   1 
HETATM 1688 O O   . HOH H 4 .   ? 12.948  8.816   0.511   0.69 18.44 ? 427 HOH A O   1 
HETATM 1689 O O   . HOH H 4 .   ? -0.531  0.737   -13.049 0.69 18.02 ? 428 HOH A O   1 
HETATM 1690 O O   . HOH H 4 .   ? -16.307 -8.517  2.368   0.73 18.60 ? 429 HOH A O   1 
HETATM 1691 O O   . HOH H 4 .   ? -15.007 -10.044 4.281   0.74 17.24 ? 430 HOH A O   1 
HETATM 1692 O O   . HOH H 4 .   ? 0.406   -2.834  -15.216 1.00 11.88 ? 431 HOH A O   1 
# 
